data_7TQV
#
_entry.id   7TQV
#
_cell.length_a   1.00
_cell.length_b   1.00
_cell.length_c   1.00
_cell.angle_alpha   90.00
_cell.angle_beta   90.00
_cell.angle_gamma   90.00
#
_symmetry.space_group_name_H-M   'P 1'
#
loop_
_entity.id
_entity.type
_entity.pdbx_description
1 polymer 'Uridylate-specific endoribonuclease'
2 polymer 'RNA (33-MER)'
3 polymer 'RNA (33-MER)'
#
loop_
_entity_poly.entity_id
_entity_poly.type
_entity_poly.pdbx_seq_one_letter_code
_entity_poly.pdbx_strand_id
1 'polypeptide(L)'
;GSHMLEENLYFQSLEMSLENVAFNVVNKGHFDGQQGEVPVSIINNTVYTKVDGVDVELFENKTTLPVNVAFELWAKRNIK
PVPEVKILNNLGVDIAANTVIWDYKRDAPAHISTIGVCSMTDIAKKPTETICAPLTVFFDGRVDGQVDLFRNARNGVLIT
EGSVKGLQPSVGPKQASLNGVTLIGEAVKTQFNYYKKVDGVVQQLPETYFTQSRNLQEFKPRSQMEIDFLELAMDEFIER
YKLEGYAFEAIVYGDFSHSQLGGLHLLIGLAKRFKESPFELEDFIPMDSTVKNYFITDAQTGSSKCVCSVIDLLLDDFVE
IIKSQDLSVVSKVVKVTIDYTEISFMLWCKDGHVETFYPKLQ
;
A,B,C,D,E,F
2 'polyribonucleotide' GGAGGUAGUAGGUUGUAUAGUAGUAAGACCAGACCCUAGACCAAUUCAUGCC G
3 'polyribonucleotide' GGCAUGAAUUGGUCUAGGGUCUGGUCUUACUACUAUACAACCUACUACCUCC H
#
# COMPACT_ATOMS: atom_id res chain seq x y z
CA LEU A 14 -28.98 -9.37 -13.58
C LEU A 14 -28.15 -9.08 -12.33
N GLU A 15 -26.96 -9.66 -12.27
CA GLU A 15 -26.05 -9.49 -11.15
C GLU A 15 -24.82 -8.70 -11.58
N MET A 16 -24.47 -7.69 -10.80
CA MET A 16 -23.30 -6.84 -11.06
C MET A 16 -22.47 -6.79 -9.78
N SER A 17 -21.56 -7.75 -9.63
CA SER A 17 -20.74 -7.86 -8.44
C SER A 17 -19.33 -8.26 -8.83
N LEU A 18 -18.39 -8.07 -7.91
CA LEU A 18 -16.99 -8.35 -8.20
C LEU A 18 -16.75 -9.83 -8.47
N GLU A 19 -17.35 -10.71 -7.67
CA GLU A 19 -17.11 -12.13 -7.85
C GLU A 19 -17.74 -12.67 -9.12
N ASN A 20 -18.81 -12.05 -9.62
CA ASN A 20 -19.37 -12.46 -10.90
C ASN A 20 -18.49 -11.99 -12.04
N VAL A 21 -17.91 -10.80 -11.93
CA VAL A 21 -17.04 -10.28 -12.98
C VAL A 21 -15.81 -11.16 -13.13
N ALA A 22 -15.22 -11.58 -12.00
CA ALA A 22 -14.05 -12.44 -12.06
C ALA A 22 -14.36 -13.83 -12.61
N PHE A 23 -15.62 -14.26 -12.57
CA PHE A 23 -15.98 -15.54 -13.16
C PHE A 23 -15.88 -15.48 -14.68
N ASN A 24 -16.33 -14.37 -15.28
CA ASN A 24 -16.29 -14.26 -16.73
C ASN A 24 -14.87 -14.15 -17.25
N VAL A 25 -13.99 -13.48 -16.50
CA VAL A 25 -12.59 -13.40 -16.91
C VAL A 25 -11.96 -14.78 -16.96
N VAL A 26 -12.22 -15.61 -15.95
CA VAL A 26 -11.64 -16.94 -15.91
C VAL A 26 -12.15 -17.80 -17.05
N ASN A 27 -13.45 -17.73 -17.34
CA ASN A 27 -14.05 -18.60 -18.34
C ASN A 27 -14.11 -18.01 -19.73
N LYS A 28 -14.09 -16.68 -19.87
CA LYS A 28 -14.26 -16.08 -21.19
C LYS A 28 -13.31 -14.92 -21.47
N GLY A 29 -12.40 -14.57 -20.56
CA GLY A 29 -11.44 -13.51 -20.79
C GLY A 29 -12.01 -12.11 -20.78
N HIS A 30 -13.32 -11.95 -20.93
CA HIS A 30 -13.94 -10.64 -20.88
C HIS A 30 -15.37 -10.81 -20.37
N PHE A 31 -15.93 -9.72 -19.86
CA PHE A 31 -17.27 -9.76 -19.30
C PHE A 31 -18.27 -9.97 -20.43
N ASP A 32 -18.83 -11.17 -20.51
CA ASP A 32 -19.85 -11.49 -21.51
C ASP A 32 -21.25 -11.32 -20.96
N GLY A 33 -21.47 -11.66 -19.68
CA GLY A 33 -22.78 -11.53 -19.08
C GLY A 33 -23.28 -12.84 -18.51
N GLN A 34 -22.38 -13.78 -18.27
CA GLN A 34 -22.75 -15.07 -17.73
C GLN A 34 -23.04 -14.97 -16.23
N GLN A 35 -23.67 -15.99 -15.69
CA GLN A 35 -24.01 -16.08 -14.28
C GLN A 35 -23.08 -17.07 -13.60
N GLY A 36 -22.42 -16.64 -12.54
CA GLY A 36 -21.51 -17.49 -11.80
C GLY A 36 -20.64 -16.67 -10.88
N GLU A 37 -20.02 -17.36 -9.95
CA GLU A 37 -19.17 -16.72 -8.94
C GLU A 37 -17.94 -17.57 -8.68
N VAL A 38 -16.82 -16.88 -8.48
CA VAL A 38 -15.56 -17.54 -8.12
C VAL A 38 -14.92 -16.79 -6.97
N PRO A 39 -14.14 -17.49 -6.14
CA PRO A 39 -13.44 -16.82 -5.04
C PRO A 39 -12.50 -15.75 -5.57
N VAL A 40 -12.45 -14.63 -4.86
CA VAL A 40 -11.63 -13.48 -5.24
C VAL A 40 -10.91 -12.97 -4.00
N SER A 41 -9.61 -12.73 -4.11
CA SER A 41 -8.82 -12.17 -3.03
C SER A 41 -8.11 -10.92 -3.55
N ILE A 42 -8.30 -9.81 -2.85
CA ILE A 42 -7.72 -8.53 -3.26
C ILE A 42 -6.55 -8.24 -2.32
N ILE A 43 -5.34 -8.30 -2.87
CA ILE A 43 -4.12 -7.99 -2.14
C ILE A 43 -3.38 -6.90 -2.91
N ASN A 44 -3.01 -5.83 -2.21
CA ASN A 44 -2.35 -4.68 -2.84
C ASN A 44 -3.31 -4.14 -3.90
N ASN A 45 -2.82 -3.83 -5.10
CA ASN A 45 -3.68 -3.44 -6.21
C ASN A 45 -4.07 -4.61 -7.09
N THR A 46 -3.64 -5.82 -6.75
CA THR A 46 -3.86 -6.99 -7.58
C THR A 46 -5.16 -7.68 -7.17
N VAL A 47 -5.77 -8.39 -8.13
CA VAL A 47 -7.01 -9.12 -7.91
C VAL A 47 -6.72 -10.59 -8.20
N TYR A 48 -6.58 -11.38 -7.15
CA TYR A 48 -6.27 -12.80 -7.29
C TYR A 48 -7.55 -13.63 -7.24
N THR A 49 -7.46 -14.84 -7.77
CA THR A 49 -8.54 -15.80 -7.71
C THR A 49 -7.99 -17.16 -7.31
N LYS A 50 -8.84 -17.98 -6.72
CA LYS A 50 -8.44 -19.30 -6.23
C LYS A 50 -8.86 -20.34 -7.27
N VAL A 51 -7.87 -20.90 -7.96
CA VAL A 51 -8.08 -21.97 -8.93
C VAL A 51 -7.26 -23.17 -8.49
N ASP A 52 -7.93 -24.30 -8.30
CA ASP A 52 -7.29 -25.54 -7.84
C ASP A 52 -6.53 -25.34 -6.53
N GLY A 53 -7.10 -24.54 -5.64
CA GLY A 53 -6.56 -24.37 -4.31
C GLY A 53 -5.36 -23.44 -4.20
N VAL A 54 -4.98 -22.77 -5.28
CA VAL A 54 -3.85 -21.85 -5.26
C VAL A 54 -4.26 -20.54 -5.92
N ASP A 55 -3.81 -19.43 -5.34
CA ASP A 55 -4.18 -18.12 -5.85
C ASP A 55 -3.49 -17.85 -7.19
N VAL A 56 -4.27 -17.39 -8.16
CA VAL A 56 -3.77 -17.05 -9.48
C VAL A 56 -4.11 -15.59 -9.75
N GLU A 57 -3.11 -14.81 -10.12
CA GLU A 57 -3.32 -13.40 -10.40
C GLU A 57 -4.16 -13.23 -11.66
N LEU A 58 -5.17 -12.36 -11.59
CA LEU A 58 -6.00 -12.06 -12.75
C LEU A 58 -5.74 -10.69 -13.34
N PHE A 59 -5.40 -9.70 -12.52
CA PHE A 59 -5.24 -8.34 -12.99
C PHE A 59 -4.49 -7.49 -11.97
N GLU A 60 -3.52 -6.70 -12.44
CA GLU A 60 -2.79 -5.77 -11.60
C GLU A 60 -3.20 -4.35 -11.97
N ASN A 61 -3.63 -3.59 -10.97
CA ASN A 61 -4.17 -2.26 -11.22
C ASN A 61 -3.05 -1.27 -11.47
N LYS A 62 -2.97 -0.75 -12.69
CA LYS A 62 -2.05 0.31 -13.05
C LYS A 62 -2.73 1.67 -13.13
N THR A 63 -4.00 1.75 -12.77
CA THR A 63 -4.81 2.94 -13.02
C THR A 63 -4.85 3.84 -11.77
N THR A 64 -5.68 4.88 -11.83
CA THR A 64 -5.89 5.78 -10.70
C THR A 64 -7.20 5.51 -9.98
N LEU A 65 -7.92 4.50 -10.40
CA LEU A 65 -9.23 4.12 -9.89
C LEU A 65 -9.09 3.07 -8.80
N PRO A 66 -10.13 2.88 -7.98
CA PRO A 66 -10.10 1.79 -7.00
C PRO A 66 -9.88 0.44 -7.66
N VAL A 67 -9.45 -0.52 -6.84
CA VAL A 67 -9.03 -1.81 -7.36
C VAL A 67 -10.18 -2.52 -8.05
N ASN A 68 -11.35 -2.57 -7.39
CA ASN A 68 -12.48 -3.26 -7.97
C ASN A 68 -13.17 -2.47 -9.06
N VAL A 69 -13.06 -1.14 -9.04
CA VAL A 69 -13.67 -0.33 -10.09
C VAL A 69 -12.91 -0.51 -11.41
N ALA A 70 -11.58 -0.47 -11.34
CA ALA A 70 -10.78 -0.65 -12.55
C ALA A 70 -10.98 -2.03 -13.15
N PHE A 71 -11.05 -3.06 -12.30
CA PHE A 71 -11.25 -4.41 -12.80
C PHE A 71 -12.58 -4.58 -13.49
N GLU A 72 -13.63 -3.90 -12.99
CA GLU A 72 -14.93 -4.00 -13.64
C GLU A 72 -14.92 -3.27 -14.98
N LEU A 73 -14.21 -2.15 -15.08
CA LEU A 73 -14.10 -1.45 -16.36
C LEU A 73 -13.25 -2.24 -17.34
N TRP A 74 -12.20 -2.90 -16.84
CA TRP A 74 -11.32 -3.66 -17.73
C TRP A 74 -12.06 -4.84 -18.36
N ALA A 75 -12.90 -5.52 -17.58
CA ALA A 75 -13.65 -6.64 -18.13
C ALA A 75 -14.71 -6.18 -19.13
N LYS A 76 -15.31 -5.02 -18.89
CA LYS A 76 -16.35 -4.49 -19.78
C LYS A 76 -15.78 -3.65 -20.91
N ARG A 77 -14.51 -3.84 -21.24
CA ARG A 77 -13.91 -3.09 -22.34
C ARG A 77 -14.51 -3.52 -23.67
N ASN A 78 -14.36 -2.65 -24.66
CA ASN A 78 -14.89 -2.90 -26.00
C ASN A 78 -13.86 -3.70 -26.79
N ILE A 79 -14.22 -4.93 -27.18
CA ILE A 79 -13.32 -5.80 -27.92
C ILE A 79 -13.51 -5.68 -29.43
N LYS A 80 -14.54 -4.98 -29.88
CA LYS A 80 -14.72 -4.74 -31.30
C LYS A 80 -13.68 -3.75 -31.80
N PRO A 81 -13.41 -3.71 -33.10
CA PRO A 81 -12.51 -2.68 -33.64
C PRO A 81 -13.03 -1.28 -33.34
N VAL A 82 -12.25 -0.52 -32.58
CA VAL A 82 -12.64 0.80 -32.14
C VAL A 82 -11.60 1.81 -32.61
N PRO A 83 -11.99 3.08 -32.75
CA PRO A 83 -11.02 4.09 -33.16
C PRO A 83 -9.89 4.22 -32.16
N GLU A 84 -8.72 4.58 -32.68
CA GLU A 84 -7.56 4.81 -31.81
C GLU A 84 -7.84 5.96 -30.87
N VAL A 85 -7.25 5.89 -29.68
CA VAL A 85 -7.56 6.86 -28.62
C VAL A 85 -7.21 8.28 -29.07
N LYS A 86 -6.13 8.44 -29.84
CA LYS A 86 -5.74 9.78 -30.27
C LYS A 86 -6.79 10.41 -31.17
N ILE A 87 -7.52 9.61 -31.95
CA ILE A 87 -8.61 10.15 -32.74
C ILE A 87 -9.71 10.70 -31.85
N LEU A 88 -10.06 9.95 -30.80
CA LEU A 88 -11.14 10.37 -29.90
C LEU A 88 -10.77 11.64 -29.14
N ASN A 89 -9.53 11.71 -28.64
CA ASN A 89 -9.13 12.88 -27.88
C ASN A 89 -9.15 14.14 -28.72
N ASN A 90 -8.69 14.04 -29.97
CA ASN A 90 -8.70 15.21 -30.85
C ASN A 90 -10.12 15.61 -31.25
N LEU A 91 -11.03 14.64 -31.38
CA LEU A 91 -12.42 14.94 -31.67
C LEU A 91 -13.14 15.55 -30.48
N GLY A 92 -12.52 15.57 -29.31
CA GLY A 92 -13.16 16.14 -28.13
C GLY A 92 -14.06 15.20 -27.38
N VAL A 93 -13.94 13.89 -27.62
CA VAL A 93 -14.79 12.92 -26.94
C VAL A 93 -14.46 12.92 -25.45
N ASP A 94 -15.50 13.05 -24.61
CA ASP A 94 -15.34 13.09 -23.17
C ASP A 94 -15.84 11.85 -22.46
N ILE A 95 -16.77 11.10 -23.06
CA ILE A 95 -17.32 9.92 -22.43
C ILE A 95 -17.87 9.00 -23.51
N ALA A 96 -17.91 7.71 -23.22
CA ALA A 96 -18.37 6.69 -24.15
C ALA A 96 -19.72 6.15 -23.71
N ALA A 97 -20.66 6.06 -24.64
CA ALA A 97 -22.03 5.68 -24.31
C ALA A 97 -22.14 4.16 -24.23
N ASN A 98 -22.53 3.66 -23.05
CA ASN A 98 -22.83 2.25 -22.81
C ASN A 98 -21.65 1.33 -23.12
N THR A 99 -20.42 1.86 -23.07
CA THR A 99 -19.25 1.04 -23.32
C THR A 99 -18.03 1.75 -22.72
N VAL A 100 -16.95 1.00 -22.59
CA VAL A 100 -15.68 1.52 -22.09
C VAL A 100 -14.62 1.28 -23.15
N ILE A 101 -13.92 2.34 -23.52
CA ILE A 101 -12.85 2.28 -24.51
C ILE A 101 -11.53 2.24 -23.75
N TRP A 102 -10.87 1.09 -23.79
CA TRP A 102 -9.67 0.86 -22.99
C TRP A 102 -8.45 1.37 -23.75
N ASP A 103 -7.64 2.18 -23.07
CA ASP A 103 -6.43 2.74 -23.66
C ASP A 103 -5.26 1.86 -23.26
N TYR A 104 -4.84 0.97 -24.17
CA TYR A 104 -3.81 -0.01 -23.85
C TYR A 104 -2.44 0.61 -23.69
N LYS A 105 -2.22 1.84 -24.15
CA LYS A 105 -0.91 2.46 -24.00
C LYS A 105 -0.57 2.70 -22.53
N ARG A 106 -1.54 3.14 -21.74
CA ARG A 106 -1.33 3.39 -20.32
C ARG A 106 -2.13 2.43 -19.44
N ASP A 107 -2.79 1.43 -20.03
CA ASP A 107 -3.55 0.42 -19.28
C ASP A 107 -4.58 1.06 -18.36
N ALA A 108 -5.25 2.11 -18.85
CA ALA A 108 -6.28 2.81 -18.10
C ALA A 108 -7.41 3.16 -19.05
N PRO A 109 -8.64 3.29 -18.54
CA PRO A 109 -9.74 3.71 -19.40
C PRO A 109 -9.48 5.06 -20.04
N ALA A 110 -9.87 5.19 -21.31
CA ALA A 110 -9.61 6.42 -22.04
C ALA A 110 -10.47 7.58 -21.55
N HIS A 111 -11.51 7.29 -20.76
CA HIS A 111 -12.41 8.32 -20.27
C HIS A 111 -12.63 8.11 -18.78
N ILE A 112 -12.62 9.21 -18.02
CA ILE A 112 -12.70 9.12 -16.57
C ILE A 112 -14.04 8.56 -16.13
N SER A 113 -15.14 9.01 -16.75
CA SER A 113 -16.47 8.59 -16.40
C SER A 113 -17.04 7.67 -17.47
N THR A 114 -18.13 6.98 -17.13
CA THR A 114 -18.81 6.06 -18.02
C THR A 114 -20.31 6.36 -17.99
N ILE A 115 -21.06 5.65 -18.82
CA ILE A 115 -22.51 5.77 -18.88
C ILE A 115 -23.09 4.37 -18.86
N GLY A 116 -23.73 4.02 -17.75
CA GLY A 116 -24.36 2.71 -17.63
C GLY A 116 -23.41 1.54 -17.72
N VAL A 117 -22.26 1.63 -17.06
CA VAL A 117 -21.27 0.56 -17.11
C VAL A 117 -21.00 0.06 -15.70
N CYS A 118 -20.46 0.92 -14.85
CA CYS A 118 -20.15 0.57 -13.47
C CYS A 118 -20.80 1.60 -12.55
N SER A 119 -21.63 1.11 -11.62
CA SER A 119 -22.39 2.00 -10.75
C SER A 119 -21.49 2.90 -9.91
N MET A 120 -20.23 2.50 -9.70
CA MET A 120 -19.32 3.33 -8.91
C MET A 120 -18.94 4.61 -9.66
N THR A 121 -18.81 4.55 -10.99
CA THR A 121 -18.39 5.69 -11.77
C THR A 121 -19.45 6.22 -12.73
N ASP A 122 -20.60 5.56 -12.84
CA ASP A 122 -21.64 6.04 -13.74
C ASP A 122 -22.11 7.42 -13.33
N ILE A 123 -22.22 8.32 -14.31
CA ILE A 123 -22.88 9.60 -14.11
C ILE A 123 -24.32 9.58 -14.60
N ALA A 124 -24.73 8.54 -15.33
CA ALA A 124 -26.09 8.35 -15.79
C ALA A 124 -26.22 6.91 -16.26
N LYS A 125 -27.45 6.49 -16.52
CA LYS A 125 -27.71 5.17 -17.07
C LYS A 125 -28.01 5.19 -18.56
N LYS A 126 -28.36 6.34 -19.11
CA LYS A 126 -28.56 6.52 -20.54
C LYS A 126 -27.88 7.81 -20.98
N PRO A 127 -27.42 7.87 -22.23
CA PRO A 127 -26.76 9.10 -22.70
C PRO A 127 -27.72 10.25 -23.00
N THR A 128 -29.01 10.07 -22.78
CA THR A 128 -30.01 11.09 -23.08
C THR A 128 -30.39 11.93 -21.86
N GLU A 129 -29.75 11.71 -20.71
CA GLU A 129 -30.10 12.47 -19.51
C GLU A 129 -29.53 13.89 -19.59
N THR A 130 -30.03 14.74 -18.71
CA THR A 130 -29.64 16.15 -18.74
C THR A 130 -28.19 16.35 -18.33
N ILE A 131 -27.65 15.48 -17.48
CA ILE A 131 -26.28 15.64 -17.02
C ILE A 131 -25.30 15.42 -18.18
N CYS A 132 -25.62 14.51 -19.09
CA CYS A 132 -24.74 14.20 -20.20
C CYS A 132 -24.87 15.16 -21.37
N ALA A 133 -25.80 16.12 -21.29
CA ALA A 133 -25.99 17.04 -22.41
C ALA A 133 -24.76 17.88 -22.71
N PRO A 134 -24.09 18.55 -21.71
CA PRO A 134 -22.89 19.33 -22.02
C PRO A 134 -21.60 18.50 -22.09
N LEU A 135 -21.68 17.37 -22.77
CA LEU A 135 -20.54 16.48 -22.95
C LEU A 135 -20.60 15.83 -24.32
N THR A 136 -19.45 15.72 -24.97
CA THR A 136 -19.37 15.02 -26.25
C THR A 136 -19.30 13.52 -25.98
N VAL A 137 -20.32 12.79 -26.41
CA VAL A 137 -20.46 11.38 -26.12
C VAL A 137 -20.15 10.59 -27.39
N PHE A 138 -19.30 9.57 -27.26
CA PHE A 138 -18.93 8.74 -28.40
C PHE A 138 -20.01 7.68 -28.62
N PHE A 139 -20.67 7.75 -29.76
CA PHE A 139 -21.74 6.82 -30.10
C PHE A 139 -21.24 5.82 -31.13
N ASP A 140 -21.42 4.54 -30.85
CA ASP A 140 -21.05 3.49 -31.79
C ASP A 140 -22.09 3.40 -32.91
N GLY A 141 -21.77 2.62 -33.93
CA GLY A 141 -22.67 2.43 -35.04
C GLY A 141 -23.05 0.99 -35.26
N ARG A 142 -22.24 0.08 -34.72
CA ARG A 142 -22.50 -1.36 -34.84
C ARG A 142 -23.51 -1.86 -33.82
N VAL A 143 -23.93 -1.02 -32.89
CA VAL A 143 -24.93 -1.38 -31.88
C VAL A 143 -26.24 -0.73 -32.26
N ASP A 144 -27.30 -1.53 -32.33
CA ASP A 144 -28.60 -1.02 -32.75
C ASP A 144 -29.12 0.02 -31.76
N GLY A 145 -29.74 1.07 -32.31
CA GLY A 145 -30.30 2.13 -31.50
C GLY A 145 -29.35 3.26 -31.18
N GLN A 146 -28.05 3.07 -31.39
CA GLN A 146 -27.09 4.13 -31.09
C GLN A 146 -27.19 5.29 -32.08
N VAL A 147 -27.55 5.00 -33.34
CA VAL A 147 -27.68 6.06 -34.32
C VAL A 147 -28.82 7.00 -33.94
N ASP A 148 -29.94 6.45 -33.48
CA ASP A 148 -31.06 7.30 -33.06
C ASP A 148 -30.67 8.17 -31.87
N LEU A 149 -29.91 7.62 -30.93
CA LEU A 149 -29.48 8.40 -29.77
C LEU A 149 -28.58 9.55 -30.19
N PHE A 150 -27.77 9.35 -31.24
CA PHE A 150 -26.88 10.41 -31.70
C PHE A 150 -27.67 11.60 -32.22
N ARG A 151 -28.75 11.35 -32.95
CA ARG A 151 -29.55 12.45 -33.48
C ARG A 151 -30.15 13.29 -32.36
N ASN A 152 -30.67 12.64 -31.32
CA ASN A 152 -31.30 13.35 -30.21
C ASN A 152 -30.28 13.99 -29.28
N ALA A 153 -29.04 13.50 -29.25
CA ALA A 153 -28.04 14.05 -28.36
C ALA A 153 -27.61 15.44 -28.81
N ARG A 154 -27.27 16.28 -27.84
CA ARG A 154 -26.85 17.65 -28.14
C ARG A 154 -25.40 17.69 -28.62
N ASN A 155 -24.51 17.00 -27.91
CA ASN A 155 -23.11 16.89 -28.29
C ASN A 155 -22.75 15.42 -28.37
N GLY A 156 -22.18 15.01 -29.50
CA GLY A 156 -21.82 13.61 -29.68
C GLY A 156 -21.02 13.40 -30.94
N VAL A 157 -20.27 12.30 -30.94
CA VAL A 157 -19.50 11.87 -32.10
C VAL A 157 -19.93 10.45 -32.45
N LEU A 158 -20.24 10.21 -33.72
CA LEU A 158 -20.76 8.94 -34.17
C LEU A 158 -19.85 8.35 -35.24
N ILE A 159 -19.60 7.05 -35.13
CA ILE A 159 -18.86 6.29 -36.13
C ILE A 159 -19.78 5.24 -36.71
N THR A 160 -19.69 5.03 -38.02
CA THR A 160 -20.54 4.06 -38.70
C THR A 160 -19.74 3.39 -39.80
N GLU A 161 -19.81 2.06 -39.86
CA GLU A 161 -19.16 1.33 -40.95
C GLU A 161 -19.80 1.66 -42.28
N GLY A 162 -21.12 1.79 -42.31
CA GLY A 162 -21.86 2.12 -43.52
C GLY A 162 -22.12 3.60 -43.63
N SER A 163 -23.33 3.95 -44.05
CA SER A 163 -23.73 5.34 -44.22
C SER A 163 -25.02 5.60 -43.47
N VAL A 164 -25.20 6.85 -43.04
CA VAL A 164 -26.36 7.28 -42.29
C VAL A 164 -27.10 8.33 -43.12
N LYS A 165 -28.40 8.13 -43.30
CA LYS A 165 -29.19 9.03 -44.13
C LYS A 165 -29.28 10.41 -43.49
N GLY A 166 -29.19 11.45 -44.32
CA GLY A 166 -29.30 12.81 -43.87
C GLY A 166 -28.04 13.42 -43.28
N LEU A 167 -26.93 12.68 -43.27
CA LEU A 167 -25.68 13.17 -42.72
C LEU A 167 -24.56 12.98 -43.74
N GLN A 168 -23.61 13.90 -43.76
CA GLN A 168 -22.48 13.82 -44.67
C GLN A 168 -21.34 13.09 -43.98
N PRO A 169 -20.97 11.89 -44.42
CA PRO A 169 -19.91 11.15 -43.72
C PRO A 169 -18.53 11.73 -43.99
N SER A 170 -17.63 11.48 -43.05
CA SER A 170 -16.22 11.80 -43.20
C SER A 170 -15.43 10.50 -43.07
N VAL A 171 -14.64 10.19 -44.10
CA VAL A 171 -13.89 8.93 -44.10
C VAL A 171 -12.77 9.00 -43.09
N GLY A 172 -12.74 8.05 -42.16
CA GLY A 172 -11.75 8.03 -41.11
C GLY A 172 -10.48 7.30 -41.51
N PRO A 173 -9.60 7.06 -40.55
CA PRO A 173 -8.34 6.36 -40.85
C PRO A 173 -8.59 4.92 -41.25
N LYS A 174 -7.71 4.41 -42.10
CA LYS A 174 -7.83 3.02 -42.55
C LYS A 174 -7.62 2.05 -41.41
N GLN A 175 -6.67 2.32 -40.53
CA GLN A 175 -6.37 1.43 -39.42
C GLN A 175 -7.21 1.79 -38.20
N ALA A 176 -7.42 0.80 -37.34
CA ALA A 176 -8.18 1.00 -36.12
C ALA A 176 -7.66 0.05 -35.05
N SER A 177 -7.82 0.46 -33.79
CA SER A 177 -7.36 -0.36 -32.68
C SER A 177 -8.23 -1.60 -32.52
N LEU A 178 -7.60 -2.69 -32.10
CA LEU A 178 -8.31 -3.94 -31.84
C LEU A 178 -7.54 -4.68 -30.75
N ASN A 179 -8.04 -4.63 -29.52
CA ASN A 179 -7.39 -5.25 -28.37
C ASN A 179 -5.95 -4.75 -28.21
N GLY A 180 -5.75 -3.46 -28.46
CA GLY A 180 -4.45 -2.85 -28.34
C GLY A 180 -3.54 -2.98 -29.54
N VAL A 181 -3.99 -3.67 -30.59
CA VAL A 181 -3.18 -3.90 -31.77
C VAL A 181 -3.77 -3.06 -32.90
N THR A 182 -2.95 -2.17 -33.46
CA THR A 182 -3.36 -1.38 -34.60
C THR A 182 -3.21 -2.20 -35.88
N LEU A 183 -4.23 -2.18 -36.71
CA LEU A 183 -4.23 -3.00 -37.91
C LEU A 183 -5.19 -2.42 -38.94
N ILE A 184 -4.92 -2.73 -40.20
CA ILE A 184 -5.82 -2.41 -41.30
C ILE A 184 -6.65 -3.67 -41.54
N GLY A 185 -7.88 -3.67 -41.06
CA GLY A 185 -8.68 -4.88 -41.07
C GLY A 185 -9.03 -5.32 -42.49
N GLU A 186 -9.01 -6.64 -42.70
CA GLU A 186 -9.42 -7.24 -43.95
C GLU A 186 -10.70 -8.06 -43.79
N ALA A 187 -10.72 -9.00 -42.85
CA ALA A 187 -11.95 -9.74 -42.58
C ALA A 187 -13.03 -8.85 -41.98
N VAL A 188 -12.64 -7.94 -41.08
CA VAL A 188 -13.55 -7.00 -40.44
C VAL A 188 -13.19 -5.60 -40.91
N LYS A 189 -14.19 -4.84 -41.32
CA LYS A 189 -13.96 -3.50 -41.86
C LYS A 189 -13.60 -2.56 -40.72
N THR A 190 -12.38 -2.03 -40.76
CA THR A 190 -11.88 -1.12 -39.73
C THR A 190 -11.83 0.33 -40.21
N GLN A 191 -12.55 0.66 -41.28
CA GLN A 191 -12.63 2.02 -41.79
C GLN A 191 -14.02 2.55 -41.50
N PHE A 192 -14.11 3.52 -40.61
CA PHE A 192 -15.38 4.06 -40.15
C PHE A 192 -15.63 5.43 -40.77
N ASN A 193 -16.88 5.88 -40.67
CA ASN A 193 -17.29 7.21 -41.08
C ASN A 193 -17.63 8.01 -39.83
N TYR A 194 -16.96 9.14 -39.65
CA TYR A 194 -17.07 9.92 -38.43
C TYR A 194 -18.06 11.07 -38.62
N TYR A 195 -18.97 11.23 -37.67
CA TYR A 195 -19.93 12.32 -37.65
C TYR A 195 -19.79 13.07 -36.33
N LYS A 196 -19.69 14.40 -36.41
CA LYS A 196 -19.55 15.23 -35.23
C LYS A 196 -20.73 16.19 -35.14
N LYS A 197 -21.35 16.25 -33.96
CA LYS A 197 -22.49 17.13 -33.72
C LYS A 197 -22.19 17.97 -32.48
N VAL A 198 -22.22 19.29 -32.65
CA VAL A 198 -21.91 20.22 -31.58
C VAL A 198 -23.08 21.18 -31.41
N ASP A 199 -23.57 21.31 -30.17
CA ASP A 199 -24.66 22.22 -29.83
C ASP A 199 -25.90 21.95 -30.67
N GLY A 200 -26.16 20.69 -31.00
CA GLY A 200 -27.31 20.33 -31.79
C GLY A 200 -27.20 20.62 -33.26
N VAL A 201 -26.03 21.03 -33.74
CA VAL A 201 -25.81 21.34 -35.15
C VAL A 201 -24.71 20.42 -35.67
N VAL A 202 -24.99 19.72 -36.77
CA VAL A 202 -24.03 18.80 -37.35
C VAL A 202 -22.93 19.60 -38.03
N GLN A 203 -21.68 19.31 -37.66
CA GLN A 203 -20.52 19.96 -38.25
C GLN A 203 -19.75 18.96 -39.10
N GLN A 204 -19.41 19.37 -40.32
CA GLN A 204 -18.56 18.56 -41.17
C GLN A 204 -17.11 18.67 -40.72
N LEU A 205 -16.45 17.57 -40.70
CA LEU A 205 -15.07 17.63 -40.22
C LEU A 205 -14.15 18.09 -41.35
N PRO A 206 -13.07 18.80 -40.99
CA PRO A 206 -12.17 19.34 -42.02
C PRO A 206 -11.46 18.22 -42.78
N GLU A 207 -11.18 18.49 -44.05
CA GLU A 207 -10.40 17.57 -44.85
C GLU A 207 -9.00 17.46 -44.28
N THR A 208 -8.61 16.24 -43.87
CA THR A 208 -7.44 16.06 -43.04
C THR A 208 -6.64 14.85 -43.51
N TYR A 209 -5.41 14.78 -43.05
CA TYR A 209 -4.53 13.64 -43.28
C TYR A 209 -4.50 12.78 -42.02
N PHE A 210 -4.71 11.48 -42.18
CA PHE A 210 -4.83 10.56 -41.07
C PHE A 210 -3.49 9.88 -40.81
N THR A 211 -3.07 9.87 -39.54
CA THR A 211 -1.84 9.21 -39.16
C THR A 211 -1.99 7.70 -39.27
N GLN A 212 -0.95 7.03 -39.78
CA GLN A 212 -0.99 5.59 -39.95
C GLN A 212 -0.82 4.84 -38.63
N SER A 213 -0.14 5.44 -37.66
CA SER A 213 0.05 4.87 -36.32
C SER A 213 0.74 3.50 -36.40
N ARG A 214 1.96 3.52 -36.91
CA ARG A 214 2.79 2.32 -36.98
C ARG A 214 3.73 2.28 -35.76
N ASN A 215 4.65 1.33 -35.78
CA ASN A 215 5.65 1.22 -34.72
C ASN A 215 6.95 0.71 -35.33
N LEU A 216 8.05 0.98 -34.63
CA LEU A 216 9.38 0.68 -35.17
C LEU A 216 9.58 -0.82 -35.37
N GLN A 217 9.19 -1.63 -34.39
CA GLN A 217 9.44 -3.05 -34.46
C GLN A 217 8.65 -3.70 -35.60
N GLU A 218 7.32 -3.59 -35.55
CA GLU A 218 6.46 -4.15 -36.58
C GLU A 218 6.13 -3.07 -37.62
N PHE A 219 7.17 -2.66 -38.34
CA PHE A 219 7.06 -1.61 -39.34
C PHE A 219 7.00 -2.24 -40.72
N LYS A 220 5.95 -1.92 -41.48
CA LYS A 220 5.79 -2.42 -42.84
C LYS A 220 5.34 -1.25 -43.72
N PRO A 221 6.04 -0.99 -44.82
CA PRO A 221 5.63 0.10 -45.71
C PRO A 221 4.28 -0.16 -46.33
N ARG A 222 3.53 0.92 -46.58
CA ARG A 222 2.18 0.84 -47.13
C ARG A 222 2.07 1.55 -48.48
N SER A 223 3.19 1.89 -49.10
CA SER A 223 3.18 2.54 -50.41
C SER A 223 4.50 2.30 -51.09
N GLN A 224 4.52 2.53 -52.41
CA GLN A 224 5.74 2.35 -53.19
C GLN A 224 6.83 3.33 -52.75
N MET A 225 6.44 4.57 -52.45
CA MET A 225 7.43 5.57 -52.05
C MET A 225 8.12 5.18 -50.75
N GLU A 226 7.37 4.61 -49.80
CA GLU A 226 7.98 4.16 -48.55
C GLU A 226 8.97 3.03 -48.79
N ILE A 227 8.65 2.12 -49.70
CA ILE A 227 9.56 1.02 -50.01
C ILE A 227 10.87 1.55 -50.57
N ASP A 228 10.78 2.54 -51.48
CA ASP A 228 11.98 3.17 -52.00
C ASP A 228 12.77 3.86 -50.89
N PHE A 229 12.06 4.51 -49.96
CA PHE A 229 12.73 5.20 -48.87
C PHE A 229 13.50 4.22 -47.98
N LEU A 230 12.91 3.07 -47.68
CA LEU A 230 13.56 2.10 -46.81
C LEU A 230 14.67 1.32 -47.49
N GLU A 231 14.71 1.32 -48.82
CA GLU A 231 15.70 0.55 -49.58
C GLU A 231 16.76 1.41 -50.22
N LEU A 232 16.35 2.44 -50.97
CA LEU A 232 17.31 3.27 -51.69
C LEU A 232 18.08 4.17 -50.73
N ALA A 233 19.18 4.73 -51.23
CA ALA A 233 19.99 5.64 -50.44
C ALA A 233 19.30 7.00 -50.31
N MET A 234 19.84 7.83 -49.42
CA MET A 234 19.25 9.15 -49.19
C MET A 234 19.33 10.00 -50.45
N ASP A 235 20.49 10.03 -51.10
CA ASP A 235 20.64 10.84 -52.32
C ASP A 235 19.78 10.30 -53.45
N GLU A 236 19.73 8.98 -53.60
CA GLU A 236 18.94 8.39 -54.69
C GLU A 236 17.46 8.66 -54.51
N PHE A 237 16.95 8.55 -53.28
CA PHE A 237 15.53 8.76 -53.04
C PHE A 237 15.13 10.20 -53.33
N ILE A 238 15.96 11.16 -52.94
CA ILE A 238 15.65 12.57 -53.18
C ILE A 238 15.63 12.85 -54.68
N GLU A 239 16.61 12.31 -55.41
CA GLU A 239 16.69 12.57 -56.85
C GLU A 239 15.49 12.00 -57.59
N ARG A 240 15.07 10.78 -57.23
CA ARG A 240 13.99 10.12 -57.95
C ARG A 240 12.67 10.87 -57.80
N TYR A 241 12.37 11.33 -56.59
CA TYR A 241 11.10 12.01 -56.32
C TYR A 241 11.23 13.54 -56.32
N LYS A 242 12.41 14.06 -56.67
CA LYS A 242 12.65 15.50 -56.78
C LYS A 242 12.31 16.22 -55.47
N LEU A 243 13.06 15.84 -54.43
CA LEU A 243 12.90 16.44 -53.10
C LEU A 243 14.00 17.45 -52.79
N GLU A 244 14.72 17.91 -53.80
CA GLU A 244 15.78 18.89 -53.58
C GLU A 244 15.21 20.20 -53.09
N GLY A 245 15.93 20.85 -52.19
CA GLY A 245 15.46 22.09 -51.59
C GLY A 245 14.28 21.91 -50.67
N TYR A 246 14.26 20.84 -49.88
CA TYR A 246 13.20 20.64 -48.90
C TYR A 246 13.72 20.10 -47.57
N ALA A 247 15.04 20.09 -47.36
CA ALA A 247 15.66 19.65 -46.11
C ALA A 247 15.26 18.22 -45.75
N PHE A 248 14.99 17.40 -46.76
CA PHE A 248 14.60 16.01 -46.50
C PHE A 248 15.73 15.21 -45.88
N GLU A 249 16.98 15.67 -46.00
CA GLU A 249 18.10 14.98 -45.39
C GLU A 249 18.04 15.04 -43.87
N ALA A 250 17.58 16.17 -43.33
CA ALA A 250 17.51 16.35 -41.88
C ALA A 250 16.12 16.13 -41.31
N ILE A 251 15.07 16.52 -42.04
CA ILE A 251 13.71 16.44 -41.50
C ILE A 251 13.33 14.99 -41.23
N VAL A 252 13.61 14.10 -42.17
CA VAL A 252 13.15 12.71 -42.13
C VAL A 252 14.30 11.75 -41.80
N TYR A 253 15.41 11.85 -42.54
CA TYR A 253 16.53 10.95 -42.28
C TYR A 253 17.17 11.23 -40.92
N GLY A 254 17.30 12.50 -40.55
CA GLY A 254 17.93 12.87 -39.31
C GLY A 254 19.41 13.15 -39.45
N ASP A 255 19.96 13.85 -38.46
CA ASP A 255 21.37 14.23 -38.45
C ASP A 255 22.01 13.69 -37.18
N PHE A 256 22.64 12.53 -37.30
CA PHE A 256 23.32 11.88 -36.17
C PHE A 256 24.81 12.23 -36.18
N SER A 257 25.10 13.52 -36.11
CA SER A 257 26.48 14.00 -36.16
C SER A 257 26.86 14.99 -35.07
N HIS A 258 25.89 15.58 -34.37
CA HIS A 258 26.16 16.56 -33.33
C HIS A 258 25.77 16.00 -31.97
N SER A 259 26.00 16.80 -30.92
CA SER A 259 25.66 16.38 -29.57
C SER A 259 24.15 16.20 -29.42
N GLN A 260 23.35 16.93 -30.19
CA GLN A 260 21.91 16.80 -30.17
C GLN A 260 21.41 16.35 -31.55
N LEU A 261 20.36 15.55 -31.55
CA LEU A 261 19.78 15.05 -32.78
C LEU A 261 19.19 16.19 -33.59
N GLY A 262 19.36 16.11 -34.91
CA GLY A 262 18.81 17.11 -35.80
C GLY A 262 17.68 16.59 -36.67
N GLY A 263 16.49 17.12 -36.46
CA GLY A 263 15.35 16.70 -37.29
C GLY A 263 14.80 15.38 -36.82
N LEU A 264 14.56 14.47 -37.78
CA LEU A 264 14.00 13.14 -37.51
C LEU A 264 12.64 13.25 -36.84
N HIS A 265 11.68 13.82 -37.58
CA HIS A 265 10.35 14.09 -37.06
C HIS A 265 9.27 13.26 -37.75
N LEU A 266 9.65 12.21 -38.47
CA LEU A 266 8.70 11.30 -39.10
C LEU A 266 8.99 9.88 -38.64
N LEU A 267 7.93 9.15 -38.28
CA LEU A 267 8.12 7.80 -37.77
C LEU A 267 8.74 6.88 -38.81
N ILE A 268 8.53 7.16 -40.09
CA ILE A 268 9.17 6.37 -41.13
C ILE A 268 10.68 6.55 -41.09
N GLY A 269 11.14 7.77 -40.80
CA GLY A 269 12.57 8.01 -40.66
C GLY A 269 13.16 7.27 -39.47
N LEU A 270 12.40 7.16 -38.39
CA LEU A 270 12.86 6.39 -37.24
C LEU A 270 13.05 4.92 -37.60
N ALA A 271 12.13 4.36 -38.38
CA ALA A 271 12.20 2.95 -38.73
C ALA A 271 13.44 2.63 -39.54
N LYS A 272 13.79 3.50 -40.50
CA LYS A 272 14.97 3.26 -41.31
C LYS A 272 16.24 3.29 -40.47
N ARG A 273 16.33 4.24 -39.54
CA ARG A 273 17.48 4.31 -38.66
C ARG A 273 17.53 3.10 -37.73
N PHE A 274 16.36 2.63 -37.26
CA PHE A 274 16.33 1.51 -36.33
C PHE A 274 16.89 0.25 -36.96
N LYS A 275 16.55 -0.01 -38.23
CA LYS A 275 17.08 -1.19 -38.91
C LYS A 275 18.59 -1.11 -39.09
N GLU A 276 19.12 0.10 -39.29
CA GLU A 276 20.57 0.26 -39.40
C GLU A 276 21.23 0.11 -38.04
N SER A 277 20.83 0.93 -37.07
CA SER A 277 21.38 0.89 -35.72
C SER A 277 20.24 0.97 -34.71
N PRO A 278 20.14 0.01 -33.79
CA PRO A 278 19.07 0.07 -32.80
C PRO A 278 19.26 1.21 -31.81
N PHE A 279 18.15 1.69 -31.27
CA PHE A 279 18.14 2.73 -30.25
C PHE A 279 16.86 2.60 -29.44
N GLU A 280 16.76 3.40 -28.38
CA GLU A 280 15.63 3.35 -27.47
C GLU A 280 14.85 4.65 -27.54
N LEU A 281 13.53 4.53 -27.66
CA LEU A 281 12.62 5.67 -27.64
C LEU A 281 11.91 5.68 -26.28
N GLU A 282 12.43 6.47 -25.35
CA GLU A 282 11.82 6.58 -24.02
C GLU A 282 10.68 7.59 -24.10
N ASP A 283 9.45 7.10 -23.97
CA ASP A 283 8.27 7.95 -24.00
C ASP A 283 7.90 8.31 -22.56
N PHE A 284 8.03 9.60 -22.22
CA PHE A 284 7.74 10.05 -20.88
C PHE A 284 6.27 10.37 -20.64
N ILE A 285 5.44 10.34 -21.68
CA ILE A 285 4.00 10.51 -21.53
C ILE A 285 3.32 9.34 -22.22
N PRO A 286 3.21 8.18 -21.58
CA PRO A 286 2.63 7.01 -22.25
C PRO A 286 1.14 7.16 -22.51
N MET A 287 0.79 8.04 -23.43
CA MET A 287 -0.59 8.20 -23.88
C MET A 287 -0.60 8.20 -25.41
N ASP A 288 -1.80 8.21 -25.98
CA ASP A 288 -1.98 8.16 -27.43
C ASP A 288 -2.40 9.53 -27.92
N SER A 289 -1.60 10.12 -28.81
CA SER A 289 -1.89 11.45 -29.34
C SER A 289 -1.32 11.54 -30.75
N THR A 290 -1.81 12.53 -31.50
CA THR A 290 -1.39 12.70 -32.88
C THR A 290 0.10 12.99 -32.97
N VAL A 291 0.61 13.86 -32.10
CA VAL A 291 2.02 14.21 -32.07
C VAL A 291 2.62 13.60 -30.82
N LYS A 292 3.65 12.78 -30.99
CA LYS A 292 4.30 12.09 -29.88
C LYS A 292 5.66 12.73 -29.61
N ASN A 293 5.98 12.86 -28.33
CA ASN A 293 7.29 13.35 -27.90
C ASN A 293 8.11 12.18 -27.37
N TYR A 294 9.33 12.03 -27.88
CA TYR A 294 10.18 10.92 -27.51
C TYR A 294 11.51 11.43 -26.99
N PHE A 295 12.07 10.70 -26.02
CA PHE A 295 13.41 10.96 -25.51
C PHE A 295 14.36 10.01 -26.23
N ILE A 296 14.69 10.37 -27.46
CA ILE A 296 15.45 9.49 -28.34
C ILE A 296 16.92 9.55 -27.97
N THR A 297 17.55 8.38 -27.85
CA THR A 297 18.97 8.24 -27.55
C THR A 297 19.57 7.24 -28.52
N ASP A 298 20.35 7.74 -29.49
CA ASP A 298 20.99 6.87 -30.46
C ASP A 298 22.13 6.10 -29.81
N ALA A 299 22.15 4.78 -30.00
CA ALA A 299 23.12 3.91 -29.35
C ALA A 299 24.43 3.79 -30.10
N GLN A 300 24.50 4.26 -31.34
CA GLN A 300 25.74 4.18 -32.13
C GLN A 300 26.55 5.47 -32.03
N THR A 301 25.97 6.59 -32.45
CA THR A 301 26.67 7.87 -32.45
C THR A 301 26.57 8.60 -31.11
N GLY A 302 25.76 8.10 -30.18
CA GLY A 302 25.61 8.78 -28.91
C GLY A 302 24.81 10.05 -28.96
N SER A 303 24.09 10.29 -30.05
CA SER A 303 23.29 11.50 -30.20
C SER A 303 21.95 11.32 -29.49
N SER A 304 21.61 12.27 -28.63
CA SER A 304 20.36 12.25 -27.89
C SER A 304 19.68 13.61 -27.98
N LYS A 305 18.35 13.59 -28.01
CA LYS A 305 17.55 14.80 -28.06
C LYS A 305 16.52 14.75 -26.95
N CYS A 306 16.39 15.85 -26.20
CA CYS A 306 15.47 15.87 -25.06
C CYS A 306 14.04 15.68 -25.52
N VAL A 307 13.58 16.47 -26.47
CA VAL A 307 12.22 16.40 -27.00
C VAL A 307 12.32 16.22 -28.51
N CYS A 308 11.66 15.18 -29.02
CA CYS A 308 11.64 14.88 -30.45
C CYS A 308 10.20 14.66 -30.86
N SER A 309 9.61 15.66 -31.52
CA SER A 309 8.23 15.57 -31.96
C SER A 309 8.13 14.62 -33.14
N VAL A 310 7.66 13.40 -32.88
CA VAL A 310 7.56 12.36 -33.89
C VAL A 310 6.09 12.19 -34.25
N ILE A 311 5.76 12.46 -35.51
CA ILE A 311 4.41 12.28 -36.02
C ILE A 311 4.46 11.29 -37.18
N ASP A 312 3.64 10.25 -37.11
CA ASP A 312 3.60 9.21 -38.11
C ASP A 312 2.64 9.60 -39.22
N LEU A 313 3.17 10.02 -40.36
CA LEU A 313 2.36 10.38 -41.51
C LEU A 313 2.78 9.56 -42.71
N LEU A 314 1.82 9.30 -43.60
CA LEU A 314 2.13 8.63 -44.85
C LEU A 314 3.11 9.48 -45.66
N LEU A 315 4.14 8.82 -46.19
CA LEU A 315 5.19 9.57 -46.89
C LEU A 315 4.63 10.27 -48.12
N ASP A 316 3.63 9.68 -48.77
CA ASP A 316 2.99 10.35 -49.90
C ASP A 316 2.31 11.64 -49.46
N ASP A 317 1.62 11.61 -48.32
CA ASP A 317 0.92 12.80 -47.84
C ASP A 317 1.90 13.87 -47.35
N PHE A 318 2.98 13.45 -46.69
CA PHE A 318 3.94 14.40 -46.16
C PHE A 318 4.64 15.16 -47.27
N VAL A 319 4.97 14.48 -48.38
CA VAL A 319 5.54 15.16 -49.53
C VAL A 319 4.56 16.19 -50.08
N GLU A 320 3.28 15.82 -50.15
CA GLU A 320 2.26 16.76 -50.60
C GLU A 320 2.15 17.95 -49.66
N ILE A 321 2.27 17.70 -48.35
CA ILE A 321 2.16 18.77 -47.37
C ILE A 321 3.33 19.75 -47.52
N ILE A 322 4.55 19.23 -47.63
CA ILE A 322 5.72 20.10 -47.66
C ILE A 322 5.84 20.86 -48.96
N LYS A 323 5.17 20.40 -50.03
CA LYS A 323 5.17 21.10 -51.31
C LYS A 323 3.97 22.02 -51.47
N SER A 324 3.08 22.09 -50.49
CA SER A 324 1.90 22.94 -50.54
C SER A 324 2.09 24.24 -49.78
N GLN A 325 3.31 24.53 -49.34
CA GLN A 325 3.60 25.72 -48.54
C GLN A 325 4.67 26.54 -49.25
N ASP A 326 4.42 27.84 -49.38
CA ASP A 326 5.42 28.73 -49.98
C ASP A 326 6.60 28.90 -49.03
N LEU A 327 7.78 29.08 -49.61
CA LEU A 327 9.03 29.09 -48.86
C LEU A 327 9.75 30.42 -48.94
N SER A 328 9.05 31.49 -49.33
CA SER A 328 9.69 32.81 -49.44
C SER A 328 9.90 33.45 -48.07
N VAL A 329 8.99 33.21 -47.12
CA VAL A 329 9.07 33.88 -45.83
C VAL A 329 10.29 33.38 -45.05
N VAL A 330 10.73 34.20 -44.10
CA VAL A 330 11.84 33.81 -43.23
C VAL A 330 11.43 32.62 -42.36
N SER A 331 10.23 32.70 -41.78
CA SER A 331 9.68 31.58 -41.02
C SER A 331 8.18 31.77 -40.93
N LYS A 332 7.47 30.68 -40.66
CA LYS A 332 6.03 30.71 -40.61
C LYS A 332 5.53 29.49 -39.85
N VAL A 333 4.38 29.65 -39.20
CA VAL A 333 3.70 28.54 -38.55
C VAL A 333 2.57 28.10 -39.46
N VAL A 334 2.56 26.81 -39.82
CA VAL A 334 1.58 26.24 -40.73
C VAL A 334 0.64 25.36 -39.94
N LYS A 335 -0.66 25.58 -40.11
CA LYS A 335 -1.68 24.79 -39.45
C LYS A 335 -2.18 23.74 -40.42
N VAL A 336 -1.95 22.46 -40.10
CA VAL A 336 -2.30 21.35 -40.97
C VAL A 336 -3.30 20.46 -40.23
N THR A 337 -4.41 20.17 -40.88
CA THR A 337 -5.44 19.30 -40.28
C THR A 337 -4.94 17.87 -40.32
N ILE A 338 -4.57 17.34 -39.15
CA ILE A 338 -4.09 15.97 -39.01
C ILE A 338 -4.88 15.32 -37.88
N ASP A 339 -5.55 14.21 -38.17
CA ASP A 339 -6.40 13.52 -37.20
C ASP A 339 -7.46 14.46 -36.63
N TYR A 340 -8.08 15.24 -37.51
CA TYR A 340 -9.16 16.15 -37.13
C TYR A 340 -8.71 17.21 -36.12
N THR A 341 -7.45 17.63 -36.16
CA THR A 341 -7.00 18.70 -35.30
C THR A 341 -5.92 19.50 -36.02
N GLU A 342 -5.74 20.73 -35.57
CA GLU A 342 -4.77 21.65 -36.17
C GLU A 342 -3.41 21.42 -35.52
N ILE A 343 -2.45 20.93 -36.29
CA ILE A 343 -1.09 20.70 -35.81
C ILE A 343 -0.21 21.85 -36.28
N SER A 344 0.53 22.43 -35.35
CA SER A 344 1.36 23.60 -35.63
C SER A 344 2.72 23.13 -36.14
N PHE A 345 2.99 23.40 -37.41
CA PHE A 345 4.27 23.07 -38.03
C PHE A 345 5.13 24.32 -38.14
N MET A 346 6.37 24.24 -37.66
CA MET A 346 7.29 25.37 -37.71
C MET A 346 8.08 25.28 -39.01
N LEU A 347 7.71 26.11 -40.00
CA LEU A 347 8.38 26.11 -41.30
C LEU A 347 9.49 27.15 -41.27
N TRP A 348 10.65 26.74 -40.76
CA TRP A 348 11.83 27.57 -40.77
C TRP A 348 12.60 27.29 -42.06
N CYS A 349 12.56 28.24 -43.00
CA CYS A 349 13.22 28.10 -44.29
C CYS A 349 14.06 29.34 -44.57
N LYS A 350 14.88 29.26 -45.61
CA LYS A 350 15.76 30.38 -45.97
C LYS A 350 16.11 30.27 -47.44
N ASP A 351 15.82 31.33 -48.20
CA ASP A 351 16.11 31.38 -49.63
C ASP A 351 15.48 30.20 -50.37
N GLY A 352 14.22 29.95 -50.08
CA GLY A 352 13.51 28.82 -50.70
C GLY A 352 13.82 27.46 -50.11
N HIS A 353 15.10 27.16 -49.91
CA HIS A 353 15.48 25.88 -49.33
C HIS A 353 15.10 25.84 -47.86
N VAL A 354 14.34 24.81 -47.48
CA VAL A 354 13.86 24.69 -46.11
C VAL A 354 15.04 24.36 -45.19
N GLU A 355 15.02 24.94 -43.99
CA GLU A 355 15.98 24.57 -42.96
C GLU A 355 15.46 23.45 -42.07
N THR A 356 14.21 23.56 -41.62
CA THR A 356 13.59 22.51 -40.81
C THR A 356 12.09 22.66 -40.92
N PHE A 357 11.39 21.56 -40.59
CA PHE A 357 9.93 21.54 -40.65
C PHE A 357 9.45 20.47 -39.67
N TYR A 358 9.03 20.91 -38.49
CA TYR A 358 8.65 20.00 -37.42
C TYR A 358 7.34 20.42 -36.79
N PRO A 359 6.55 19.48 -36.31
CA PRO A 359 5.31 19.81 -35.61
C PRO A 359 5.58 20.26 -34.18
N LYS A 360 4.52 20.66 -33.51
CA LYS A 360 4.60 21.05 -32.10
C LYS A 360 3.40 20.53 -31.33
N LEU A 361 3.66 19.86 -30.21
CA LEU A 361 2.60 19.30 -29.38
CA LEU B 14 19.74 -24.20 12.64
C LEU B 14 18.91 -22.92 12.71
N GLU B 15 19.52 -21.80 12.34
CA GLU B 15 18.85 -20.52 12.38
C GLU B 15 17.87 -20.43 11.21
N MET B 16 16.63 -20.03 11.51
CA MET B 16 15.58 -19.86 10.52
C MET B 16 14.99 -18.47 10.71
N SER B 17 15.57 -17.48 10.04
CA SER B 17 15.15 -16.09 10.17
C SER B 17 15.21 -15.42 8.81
N LEU B 18 14.53 -14.28 8.70
CA LEU B 18 14.46 -13.58 7.42
C LEU B 18 15.83 -13.10 6.96
N GLU B 19 16.62 -12.52 7.88
CA GLU B 19 17.92 -11.98 7.48
C GLU B 19 18.91 -13.07 7.11
N ASN B 20 18.76 -14.28 7.66
CA ASN B 20 19.61 -15.38 7.23
C ASN B 20 19.22 -15.89 5.85
N VAL B 21 17.91 -15.91 5.57
CA VAL B 21 17.44 -16.37 4.26
C VAL B 21 17.94 -15.44 3.17
N ALA B 22 17.89 -14.12 3.41
CA ALA B 22 18.37 -13.17 2.42
C ALA B 22 19.87 -13.23 2.21
N PHE B 23 20.62 -13.76 3.18
CA PHE B 23 22.06 -13.93 2.99
C PHE B 23 22.35 -15.00 1.94
N ASN B 24 21.59 -16.10 1.98
CA ASN B 24 21.84 -17.19 1.03
C ASN B 24 21.45 -16.78 -0.38
N VAL B 25 20.41 -15.97 -0.54
CA VAL B 25 20.03 -15.50 -1.86
C VAL B 25 21.14 -14.66 -2.48
N VAL B 26 21.73 -13.77 -1.68
CA VAL B 26 22.78 -12.90 -2.18
C VAL B 26 24.01 -13.71 -2.58
N ASN B 27 24.39 -14.70 -1.77
CA ASN B 27 25.62 -15.44 -2.00
C ASN B 27 25.42 -16.71 -2.81
N LYS B 28 24.23 -17.30 -2.82
CA LYS B 28 24.04 -18.58 -3.51
C LYS B 28 22.77 -18.66 -4.34
N GLY B 29 21.95 -17.61 -4.42
CA GLY B 29 20.76 -17.61 -5.24
C GLY B 29 19.62 -18.45 -4.70
N HIS B 30 19.87 -19.37 -3.79
CA HIS B 30 18.83 -20.19 -3.20
C HIS B 30 19.28 -20.58 -1.79
N PHE B 31 18.30 -20.94 -0.96
CA PHE B 31 18.59 -21.29 0.44
C PHE B 31 19.35 -22.61 0.45
N ASP B 32 20.64 -22.54 0.75
CA ASP B 32 21.47 -23.73 0.87
C ASP B 32 21.58 -24.22 2.31
N GLY B 33 21.64 -23.28 3.26
CA GLY B 33 21.75 -23.65 4.66
C GLY B 33 22.96 -23.03 5.32
N GLN B 34 23.52 -21.99 4.72
CA GLN B 34 24.68 -21.33 5.28
C GLN B 34 24.30 -20.45 6.46
N GLN B 35 25.31 -20.03 7.23
CA GLN B 35 25.13 -19.16 8.37
C GLN B 35 25.62 -17.77 8.03
N GLY B 36 24.76 -16.78 8.25
CA GLY B 36 25.11 -15.41 7.96
C GLY B 36 23.87 -14.54 7.94
N GLU B 37 24.11 -13.24 8.01
CA GLU B 37 23.01 -12.26 8.05
C GLU B 37 23.38 -11.04 7.22
N VAL B 38 22.37 -10.50 6.54
CA VAL B 38 22.54 -9.27 5.77
C VAL B 38 21.38 -8.34 6.06
N PRO B 39 21.61 -7.03 5.95
CA PRO B 39 20.51 -6.09 6.15
C PRO B 39 19.38 -6.33 5.18
N VAL B 40 18.15 -6.20 5.66
CA VAL B 40 16.95 -6.42 4.87
C VAL B 40 15.97 -5.29 5.15
N SER B 41 15.40 -4.72 4.10
CA SER B 41 14.38 -3.68 4.21
C SER B 41 13.16 -4.12 3.44
N ILE B 42 12.01 -4.13 4.09
CA ILE B 42 10.76 -4.57 3.47
C ILE B 42 9.91 -3.33 3.20
N ILE B 43 9.76 -3.01 1.92
CA ILE B 43 8.94 -1.88 1.48
C ILE B 43 7.92 -2.43 0.49
N ASN B 44 6.66 -2.09 0.72
CA ASN B 44 5.54 -2.60 -0.11
C ASN B 44 5.58 -4.13 -0.03
N ASN B 45 5.46 -4.83 -1.15
CA ASN B 45 5.61 -6.29 -1.17
C ASN B 45 7.03 -6.72 -1.52
N THR B 46 7.93 -5.77 -1.70
CA THR B 46 9.29 -6.06 -2.14
C THR B 46 10.21 -6.26 -0.93
N VAL B 47 11.26 -7.04 -1.13
CA VAL B 47 12.24 -7.33 -0.09
C VAL B 47 13.59 -6.82 -0.59
N TYR B 48 14.03 -5.68 -0.09
CA TYR B 48 15.29 -5.07 -0.50
C TYR B 48 16.40 -5.48 0.45
N THR B 49 17.64 -5.35 -0.04
CA THR B 49 18.82 -5.58 0.78
C THR B 49 19.82 -4.46 0.51
N LYS B 50 20.68 -4.21 1.49
CA LYS B 50 21.67 -3.14 1.42
C LYS B 50 23.01 -3.75 0.99
N VAL B 51 23.42 -3.47 -0.23
CA VAL B 51 24.70 -3.91 -0.77
C VAL B 51 25.47 -2.66 -1.19
N ASP B 52 26.66 -2.48 -0.62
CA ASP B 52 27.52 -1.33 -0.92
C ASP B 52 26.79 -0.01 -0.65
N GLY B 53 25.99 0.02 0.41
CA GLY B 53 25.35 1.23 0.86
C GLY B 53 24.11 1.65 0.09
N VAL B 54 23.65 0.84 -0.87
CA VAL B 54 22.47 1.16 -1.65
C VAL B 54 21.54 -0.04 -1.67
N ASP B 55 20.25 0.23 -1.57
CA ASP B 55 19.26 -0.85 -1.53
C ASP B 55 19.15 -1.52 -2.89
N VAL B 56 19.17 -2.85 -2.88
CA VAL B 56 19.05 -3.66 -4.09
C VAL B 56 17.86 -4.58 -3.91
N GLU B 57 16.94 -4.57 -4.87
CA GLU B 57 15.77 -5.42 -4.79
C GLU B 57 16.16 -6.88 -4.94
N LEU B 58 15.63 -7.73 -4.07
CA LEU B 58 15.87 -9.17 -4.15
C LEU B 58 14.68 -9.96 -4.65
N PHE B 59 13.46 -9.53 -4.31
CA PHE B 59 12.27 -10.29 -4.65
C PHE B 59 11.02 -9.43 -4.51
N GLU B 60 10.13 -9.51 -5.50
CA GLU B 60 8.85 -8.82 -5.45
C GLU B 60 7.75 -9.85 -5.29
N ASN B 61 6.91 -9.66 -4.27
CA ASN B 61 5.89 -10.65 -3.93
C ASN B 61 4.72 -10.55 -4.88
N LYS B 62 4.52 -11.59 -5.69
CA LYS B 62 3.36 -11.71 -6.56
C LYS B 62 2.32 -12.68 -6.00
N THR B 63 2.55 -13.19 -4.80
CA THR B 63 1.71 -14.20 -4.18
C THR B 63 0.81 -13.55 -3.14
N THR B 64 -0.15 -14.33 -2.66
CA THR B 64 -1.01 -13.89 -1.57
C THR B 64 -0.40 -14.16 -0.21
N LEU B 65 0.79 -14.76 -0.14
CA LEU B 65 1.39 -14.98 1.16
C LEU B 65 1.99 -13.69 1.69
N PRO B 66 2.28 -13.63 2.99
CA PRO B 66 2.98 -12.46 3.53
C PRO B 66 4.32 -12.25 2.86
N VAL B 67 4.84 -11.03 2.99
CA VAL B 67 6.04 -10.65 2.25
C VAL B 67 7.23 -11.51 2.65
N ASN B 68 7.44 -11.68 3.95
CA ASN B 68 8.58 -12.45 4.42
C ASN B 68 8.37 -13.96 4.29
N VAL B 69 7.11 -14.41 4.31
CA VAL B 69 6.85 -15.84 4.15
C VAL B 69 7.14 -16.28 2.73
N ALA B 70 6.69 -15.50 1.75
CA ALA B 70 6.93 -15.84 0.35
C ALA B 70 8.43 -15.83 0.04
N PHE B 71 9.15 -14.84 0.57
CA PHE B 71 10.59 -14.75 0.32
C PHE B 71 11.33 -15.95 0.89
N GLU B 72 10.89 -16.46 2.06
CA GLU B 72 11.55 -17.62 2.63
C GLU B 72 11.26 -18.88 1.81
N LEU B 73 10.05 -18.99 1.28
CA LEU B 73 9.73 -20.13 0.42
C LEU B 73 10.46 -20.03 -0.91
N TRP B 74 10.61 -18.81 -1.44
CA TRP B 74 11.28 -18.64 -2.72
C TRP B 74 12.75 -19.04 -2.63
N ALA B 75 13.42 -18.68 -1.53
CA ALA B 75 14.81 -19.05 -1.37
C ALA B 75 14.99 -20.55 -1.17
N LYS B 76 14.05 -21.19 -0.49
CA LYS B 76 14.13 -22.63 -0.22
C LYS B 76 13.51 -23.47 -1.33
N ARG B 77 13.38 -22.91 -2.53
CA ARG B 77 12.82 -23.65 -3.64
C ARG B 77 13.75 -24.78 -4.06
N ASN B 78 13.19 -25.76 -4.76
CA ASN B 78 13.95 -26.91 -5.22
C ASN B 78 14.59 -26.58 -6.57
N ILE B 79 15.92 -26.58 -6.61
CA ILE B 79 16.66 -26.24 -7.83
C ILE B 79 17.01 -27.48 -8.64
N LYS B 80 16.81 -28.67 -8.09
CA LYS B 80 17.05 -29.89 -8.86
C LYS B 80 15.95 -30.06 -9.90
N PRO B 81 16.20 -30.86 -10.94
CA PRO B 81 15.13 -31.16 -11.91
C PRO B 81 13.94 -31.80 -11.22
N VAL B 82 12.79 -31.13 -11.31
CA VAL B 82 11.58 -31.56 -10.63
C VAL B 82 10.48 -31.71 -11.67
N PRO B 83 9.48 -32.55 -11.39
CA PRO B 83 8.38 -32.72 -12.33
C PRO B 83 7.63 -31.40 -12.56
N GLU B 84 7.09 -31.26 -13.76
CA GLU B 84 6.30 -30.07 -14.08
C GLU B 84 5.07 -30.02 -13.18
N VAL B 85 4.62 -28.80 -12.88
CA VAL B 85 3.55 -28.61 -11.91
C VAL B 85 2.27 -29.31 -12.38
N LYS B 86 2.01 -29.32 -13.68
CA LYS B 86 0.79 -29.95 -14.19
C LYS B 86 0.78 -31.45 -13.91
N ILE B 87 1.94 -32.09 -13.90
CA ILE B 87 2.00 -33.50 -13.53
C ILE B 87 1.58 -33.70 -12.09
N LEU B 88 2.09 -32.84 -11.19
CA LEU B 88 1.78 -32.98 -9.77
C LEU B 88 0.31 -32.73 -9.49
N ASN B 89 -0.27 -31.70 -10.11
CA ASN B 89 -1.68 -31.39 -9.86
C ASN B 89 -2.59 -32.54 -10.31
N ASN B 90 -2.29 -33.13 -11.46
CA ASN B 90 -3.10 -34.24 -11.95
C ASN B 90 -2.93 -35.48 -11.09
N LEU B 91 -1.73 -35.71 -10.54
CA LEU B 91 -1.51 -36.82 -9.64
C LEU B 91 -2.18 -36.63 -8.29
N GLY B 92 -2.71 -35.44 -8.01
CA GLY B 92 -3.36 -35.18 -6.74
C GLY B 92 -2.43 -34.77 -5.63
N VAL B 93 -1.21 -34.34 -5.94
CA VAL B 93 -0.26 -33.94 -4.91
C VAL B 93 -0.76 -32.69 -4.21
N ASP B 94 -0.81 -32.73 -2.89
CA ASP B 94 -1.29 -31.61 -2.09
C ASP B 94 -0.19 -30.89 -1.31
N ILE B 95 0.93 -31.54 -1.04
CA ILE B 95 2.00 -30.91 -0.27
C ILE B 95 3.30 -31.63 -0.61
N ALA B 96 4.42 -30.92 -0.47
CA ALA B 96 5.74 -31.45 -0.78
C ALA B 96 6.51 -31.67 0.51
N ALA B 97 7.14 -32.83 0.63
CA ALA B 97 7.82 -33.21 1.86
C ALA B 97 9.22 -32.60 1.91
N ASN B 98 9.46 -31.78 2.93
CA ASN B 98 10.78 -31.21 3.23
C ASN B 98 11.34 -30.38 2.08
N THR B 99 10.48 -29.87 1.20
CA THR B 99 10.93 -29.05 0.08
C THR B 99 9.76 -28.22 -0.43
N VAL B 100 10.07 -27.22 -1.22
CA VAL B 100 9.08 -26.35 -1.84
C VAL B 100 9.26 -26.42 -3.34
N ILE B 101 8.18 -26.72 -4.06
CA ILE B 101 8.20 -26.79 -5.51
C ILE B 101 7.62 -25.49 -6.04
N TRP B 102 8.48 -24.68 -6.64
CA TRP B 102 8.11 -23.33 -7.07
C TRP B 102 7.49 -23.38 -8.46
N ASP B 103 6.31 -22.78 -8.60
CA ASP B 103 5.59 -22.74 -9.87
C ASP B 103 5.94 -21.43 -10.57
N TYR B 104 6.86 -21.50 -11.53
CA TYR B 104 7.36 -20.28 -12.16
C TYR B 104 6.35 -19.63 -13.09
N LYS B 105 5.28 -20.34 -13.46
CA LYS B 105 4.28 -19.76 -14.33
C LYS B 105 3.55 -18.60 -13.65
N ARG B 106 3.22 -18.75 -12.37
CA ARG B 106 2.54 -17.71 -11.61
C ARG B 106 3.41 -17.15 -10.49
N ASP B 107 4.68 -17.54 -10.42
CA ASP B 107 5.62 -17.02 -9.42
C ASP B 107 5.10 -17.21 -8.01
N ALA B 108 4.49 -18.35 -7.75
CA ALA B 108 3.97 -18.69 -6.43
C ALA B 108 4.24 -20.15 -6.14
N PRO B 109 4.34 -20.53 -4.88
CA PRO B 109 4.54 -21.94 -4.54
C PRO B 109 3.40 -22.80 -5.07
N ALA B 110 3.75 -23.98 -5.57
CA ALA B 110 2.75 -24.86 -6.17
C ALA B 110 1.83 -25.47 -5.12
N HIS B 111 2.18 -25.37 -3.84
CA HIS B 111 1.39 -25.94 -2.77
C HIS B 111 1.23 -24.91 -1.66
N ILE B 112 0.02 -24.80 -1.12
CA ILE B 112 -0.28 -23.77 -0.14
C ILE B 112 0.52 -23.99 1.14
N SER B 113 0.60 -25.23 1.61
CA SER B 113 1.30 -25.57 2.84
C SER B 113 2.61 -26.28 2.53
N THR B 114 3.47 -26.37 3.54
CA THR B 114 4.76 -27.03 3.44
C THR B 114 4.93 -27.97 4.62
N ILE B 115 6.04 -28.71 4.62
CA ILE B 115 6.38 -29.62 5.70
C ILE B 115 7.83 -29.37 6.09
N GLY B 116 8.04 -28.78 7.26
CA GLY B 116 9.39 -28.54 7.74
C GLY B 116 10.20 -27.59 6.87
N VAL B 117 9.58 -26.50 6.42
CA VAL B 117 10.27 -25.54 5.57
C VAL B 117 10.26 -24.17 6.22
N CYS B 118 9.07 -23.60 6.41
CA CYS B 118 8.91 -22.29 7.03
C CYS B 118 7.93 -22.42 8.18
N SER B 119 8.37 -22.02 9.38
CA SER B 119 7.54 -22.19 10.57
C SER B 119 6.22 -21.43 10.48
N MET B 120 6.14 -20.41 9.62
CA MET B 120 4.89 -19.67 9.47
C MET B 120 3.82 -20.50 8.79
N THR B 121 4.20 -21.36 7.84
CA THR B 121 3.25 -22.16 7.07
C THR B 121 3.35 -23.65 7.31
N ASP B 122 4.33 -24.12 8.09
CA ASP B 122 4.45 -25.55 8.34
C ASP B 122 3.23 -26.09 9.05
N ILE B 123 2.71 -27.21 8.56
CA ILE B 123 1.69 -27.96 9.28
C ILE B 123 2.28 -29.12 10.06
N ALA B 124 3.55 -29.44 9.85
CA ALA B 124 4.26 -30.48 10.58
C ALA B 124 5.75 -30.30 10.29
N LYS B 125 6.58 -31.01 11.05
CA LYS B 125 8.01 -31.02 10.81
C LYS B 125 8.49 -32.27 10.10
N LYS B 126 7.70 -33.33 10.07
CA LYS B 126 8.00 -34.54 9.34
C LYS B 126 6.73 -34.99 8.62
N PRO B 127 6.87 -35.66 7.47
CA PRO B 127 5.69 -36.12 6.73
C PRO B 127 5.02 -37.34 7.35
N THR B 128 5.51 -37.84 8.48
CA THR B 128 4.95 -39.03 9.11
C THR B 128 3.97 -38.71 10.23
N GLU B 129 3.67 -37.43 10.46
CA GLU B 129 2.75 -37.08 11.53
C GLU B 129 1.31 -37.40 11.14
N THR B 130 0.43 -37.38 12.14
CA THR B 130 -0.97 -37.75 11.91
C THR B 130 -1.70 -36.72 11.07
N ILE B 131 -1.31 -35.45 11.15
CA ILE B 131 -1.99 -34.41 10.39
C ILE B 131 -1.78 -34.60 8.90
N CYS B 132 -0.59 -35.06 8.50
CA CYS B 132 -0.27 -35.24 7.10
C CYS B 132 -0.78 -36.55 6.52
N ALA B 133 -1.39 -37.40 7.34
CA ALA B 133 -1.87 -38.69 6.82
C ALA B 133 -2.93 -38.55 5.74
N PRO B 134 -4.01 -37.72 5.90
CA PRO B 134 -5.01 -37.58 4.82
C PRO B 134 -4.61 -36.57 3.75
N LEU B 135 -3.37 -36.65 3.30
CA LEU B 135 -2.86 -35.77 2.26
C LEU B 135 -1.87 -36.53 1.39
N THR B 136 -1.93 -36.29 0.09
CA THR B 136 -0.98 -36.89 -0.84
C THR B 136 0.30 -36.05 -0.81
N VAL B 137 1.39 -36.64 -0.34
CA VAL B 137 2.64 -35.94 -0.14
C VAL B 137 3.62 -36.35 -1.23
N PHE B 138 4.26 -35.37 -1.86
CA PHE B 138 5.22 -35.63 -2.94
C PHE B 138 6.56 -35.97 -2.31
N PHE B 139 7.02 -37.21 -2.52
CA PHE B 139 8.29 -37.68 -1.99
C PHE B 139 9.33 -37.73 -3.09
N ASP B 140 10.48 -37.11 -2.85
CA ASP B 140 11.58 -37.15 -3.80
C ASP B 140 12.28 -38.50 -3.72
N GLY B 141 13.18 -38.73 -4.67
CA GLY B 141 13.93 -39.98 -4.69
C GLY B 141 15.42 -39.76 -4.63
N ARG B 142 15.87 -38.54 -4.97
CA ARG B 142 17.28 -38.20 -4.94
C ARG B 142 17.77 -37.83 -3.54
N VAL B 143 16.87 -37.74 -2.56
CA VAL B 143 17.23 -37.43 -1.18
C VAL B 143 17.13 -38.72 -0.37
N ASP B 144 18.21 -39.04 0.35
CA ASP B 144 18.25 -40.28 1.11
C ASP B 144 17.19 -40.29 2.20
N GLY B 145 16.57 -41.45 2.40
CA GLY B 145 15.55 -41.62 3.40
C GLY B 145 14.14 -41.31 2.95
N GLN B 146 13.98 -40.65 1.80
CA GLN B 146 12.64 -40.32 1.32
C GLN B 146 11.88 -41.56 0.84
N VAL B 147 12.60 -42.54 0.30
CA VAL B 147 11.95 -43.77 -0.16
C VAL B 147 11.31 -44.51 1.01
N ASP B 148 12.03 -44.59 2.13
CA ASP B 148 11.49 -45.27 3.31
C ASP B 148 10.25 -44.55 3.83
N LEU B 149 10.26 -43.22 3.81
CA LEU B 149 9.11 -42.45 4.26
C LEU B 149 7.90 -42.71 3.37
N PHE B 150 8.13 -42.92 2.07
CA PHE B 150 7.02 -43.18 1.16
C PHE B 150 6.30 -44.48 1.51
N ARG B 151 7.06 -45.52 1.86
CA ARG B 151 6.44 -46.81 2.20
C ARG B 151 5.55 -46.67 3.43
N ASN B 152 6.02 -45.96 4.45
CA ASN B 152 5.25 -45.81 5.68
C ASN B 152 4.10 -44.81 5.54
N ALA B 153 4.18 -43.90 4.57
CA ALA B 153 3.12 -42.91 4.41
C ALA B 153 1.85 -43.56 3.88
N ARG B 154 0.71 -43.01 4.29
CA ARG B 154 -0.58 -43.54 3.85
C ARG B 154 -0.93 -43.08 2.44
N ASN B 155 -0.77 -41.79 2.18
CA ASN B 155 -0.98 -41.22 0.85
C ASN B 155 0.27 -40.48 0.43
N GLY B 156 0.79 -40.81 -0.75
CA GLY B 156 2.00 -40.16 -1.23
C GLY B 156 2.30 -40.53 -2.66
N VAL B 157 3.07 -39.67 -3.31
CA VAL B 157 3.56 -39.89 -4.67
C VAL B 157 5.07 -39.81 -4.65
N LEU B 158 5.73 -40.79 -5.23
CA LEU B 158 7.18 -40.90 -5.20
C LEU B 158 7.74 -40.91 -6.62
N ILE B 159 8.82 -40.17 -6.82
CA ILE B 159 9.56 -40.17 -8.08
C ILE B 159 10.97 -40.67 -7.81
N THR B 160 11.48 -41.49 -8.72
CA THR B 160 12.81 -42.06 -8.57
C THR B 160 13.48 -42.13 -9.93
N GLU B 161 14.74 -41.67 -9.99
CA GLU B 161 15.50 -41.79 -11.23
C GLU B 161 15.78 -43.25 -11.56
N GLY B 162 16.05 -44.07 -10.57
CA GLY B 162 16.31 -45.48 -10.74
C GLY B 162 15.07 -46.32 -10.53
N SER B 163 15.23 -47.44 -9.84
CA SER B 163 14.13 -48.35 -9.56
C SER B 163 14.07 -48.64 -8.07
N VAL B 164 12.87 -48.94 -7.59
CA VAL B 164 12.62 -49.24 -6.19
C VAL B 164 12.12 -50.68 -6.09
N LYS B 165 12.75 -51.45 -5.22
CA LYS B 165 12.40 -52.86 -5.09
C LYS B 165 10.99 -53.02 -4.53
N GLY B 166 10.24 -53.97 -5.07
CA GLY B 166 8.91 -54.26 -4.60
C GLY B 166 7.81 -53.38 -5.15
N LEU B 167 8.14 -52.45 -6.06
CA LEU B 167 7.17 -51.54 -6.63
C LEU B 167 7.30 -51.56 -8.14
N GLN B 168 6.15 -51.41 -8.83
CA GLN B 168 6.15 -51.40 -10.29
C GLN B 168 6.27 -49.96 -10.77
N PRO B 169 7.37 -49.58 -11.40
CA PRO B 169 7.55 -48.19 -11.81
C PRO B 169 6.66 -47.83 -13.00
N SER B 170 6.36 -46.54 -13.12
CA SER B 170 5.69 -45.98 -14.28
C SER B 170 6.59 -44.91 -14.88
N VAL B 171 6.92 -45.08 -16.16
CA VAL B 171 7.85 -44.15 -16.81
C VAL B 171 7.15 -42.82 -17.02
N GLY B 172 7.77 -41.75 -16.51
CA GLY B 172 7.19 -40.43 -16.61
C GLY B 172 7.58 -39.71 -17.87
N PRO B 173 7.27 -38.41 -17.96
CA PRO B 173 7.61 -37.65 -19.15
C PRO B 173 9.11 -37.49 -19.30
N LYS B 174 9.54 -37.39 -20.56
CA LYS B 174 10.97 -37.23 -20.83
C LYS B 174 11.48 -35.88 -20.32
N GLN B 175 10.70 -34.82 -20.48
CA GLN B 175 11.12 -33.50 -20.05
C GLN B 175 10.70 -33.25 -18.61
N ALA B 176 11.43 -32.35 -17.96
CA ALA B 176 11.15 -31.98 -16.58
C ALA B 176 11.56 -30.54 -16.36
N SER B 177 10.90 -29.89 -15.41
CA SER B 177 11.19 -28.49 -15.11
C SER B 177 12.54 -28.36 -14.41
N LEU B 178 13.22 -27.26 -14.69
CA LEU B 178 14.51 -26.97 -14.06
C LEU B 178 14.66 -25.45 -14.01
N ASN B 179 14.42 -24.87 -12.82
CA ASN B 179 14.47 -23.42 -12.63
C ASN B 179 13.54 -22.71 -13.61
N GLY B 180 12.37 -23.30 -13.84
CA GLY B 180 11.38 -22.71 -14.72
C GLY B 180 11.56 -23.01 -16.18
N VAL B 181 12.61 -23.73 -16.56
CA VAL B 181 12.91 -24.05 -17.95
C VAL B 181 12.63 -25.52 -18.17
N THR B 182 11.72 -25.82 -19.10
CA THR B 182 11.44 -27.20 -19.46
C THR B 182 12.49 -27.70 -20.44
N LEU B 183 13.02 -28.89 -20.19
CA LEU B 183 14.10 -29.41 -21.01
C LEU B 183 14.14 -30.93 -20.89
N ILE B 184 14.69 -31.56 -21.92
CA ILE B 184 14.98 -32.98 -21.92
C ILE B 184 16.45 -33.11 -21.52
N GLY B 185 16.68 -33.46 -20.25
CA GLY B 185 18.03 -33.43 -19.73
C GLY B 185 18.93 -34.47 -20.39
N GLU B 186 20.17 -34.08 -20.63
CA GLU B 186 21.21 -34.97 -21.14
C GLU B 186 22.29 -35.25 -20.11
N ALA B 187 22.90 -34.21 -19.54
CA ALA B 187 23.87 -34.41 -18.48
C ALA B 187 23.21 -34.94 -17.22
N VAL B 188 22.02 -34.44 -16.88
CA VAL B 188 21.27 -34.88 -15.72
C VAL B 188 20.00 -35.57 -16.21
N LYS B 189 19.73 -36.76 -15.66
CA LYS B 189 18.59 -37.54 -16.09
C LYS B 189 17.31 -36.90 -15.59
N THR B 190 16.46 -36.47 -16.51
CA THR B 190 15.20 -35.80 -16.19
C THR B 190 13.99 -36.71 -16.44
N GLN B 191 14.21 -38.01 -16.55
CA GLN B 191 13.13 -38.98 -16.73
C GLN B 191 12.99 -39.77 -15.44
N PHE B 192 11.87 -39.58 -14.75
CA PHE B 192 11.64 -40.18 -13.45
C PHE B 192 10.65 -41.33 -13.56
N ASN B 193 10.59 -42.14 -12.52
CA ASN B 193 9.61 -43.21 -12.38
C ASN B 193 8.64 -42.83 -11.27
N TYR B 194 7.36 -42.77 -11.60
CA TYR B 194 6.33 -42.28 -10.68
C TYR B 194 5.65 -43.44 -9.98
N TYR B 195 5.51 -43.34 -8.66
CA TYR B 195 4.80 -44.31 -7.85
C TYR B 195 3.71 -43.58 -7.07
N LYS B 196 2.50 -44.11 -7.11
CA LYS B 196 1.37 -43.52 -6.41
C LYS B 196 0.82 -44.51 -5.39
N LYS B 197 0.63 -44.05 -4.16
CA LYS B 197 0.11 -44.86 -3.08
C LYS B 197 -1.09 -44.15 -2.47
N VAL B 198 -2.24 -44.82 -2.47
CA VAL B 198 -3.48 -44.26 -1.96
C VAL B 198 -4.04 -45.19 -0.90
N ASP B 199 -4.35 -44.63 0.27
CA ASP B 199 -4.96 -45.37 1.38
C ASP B 199 -4.10 -46.56 1.79
N GLY B 200 -2.79 -46.43 1.69
CA GLY B 200 -1.88 -47.51 2.06
C GLY B 200 -1.77 -48.62 1.05
N VAL B 201 -2.37 -48.47 -0.14
CA VAL B 201 -2.33 -49.48 -1.19
C VAL B 201 -1.69 -48.86 -2.42
N VAL B 202 -0.66 -49.53 -2.94
CA VAL B 202 0.04 -49.03 -4.12
C VAL B 202 -0.83 -49.22 -5.34
N GLN B 203 -1.03 -48.13 -6.08
CA GLN B 203 -1.82 -48.15 -7.31
C GLN B 203 -0.91 -47.93 -8.51
N GLN B 204 -1.04 -48.77 -9.52
CA GLN B 204 -0.24 -48.61 -10.72
C GLN B 204 -0.88 -47.57 -11.64
N LEU B 205 -0.07 -46.62 -12.08
CA LEU B 205 -0.58 -45.50 -12.85
C LEU B 205 -1.02 -45.94 -14.25
N PRO B 206 -2.06 -45.33 -14.81
CA PRO B 206 -2.55 -45.74 -16.12
C PRO B 206 -1.66 -45.21 -17.25
N GLU B 207 -1.90 -45.76 -18.43
CA GLU B 207 -1.22 -45.27 -19.63
C GLU B 207 -1.77 -43.91 -20.03
N THR B 208 -0.88 -43.01 -20.44
CA THR B 208 -1.30 -41.67 -20.84
C THR B 208 -0.25 -41.06 -21.75
N TYR B 209 -0.68 -40.06 -22.52
CA TYR B 209 0.21 -39.26 -23.32
C TYR B 209 0.66 -38.03 -22.52
N PHE B 210 1.84 -37.52 -22.85
CA PHE B 210 2.43 -36.42 -22.10
C PHE B 210 2.60 -35.20 -22.98
N THR B 211 2.17 -34.06 -22.48
CA THR B 211 2.33 -32.81 -23.22
C THR B 211 3.79 -32.40 -23.26
N GLN B 212 4.22 -31.89 -24.42
CA GLN B 212 5.61 -31.49 -24.58
C GLN B 212 5.91 -30.16 -23.90
N SER B 213 4.91 -29.30 -23.75
CA SER B 213 5.05 -28.01 -23.06
C SER B 213 6.13 -27.14 -23.72
N ARG B 214 5.89 -26.80 -24.98
CA ARG B 214 6.76 -25.91 -25.72
C ARG B 214 6.23 -24.48 -25.65
N ASN B 215 6.83 -23.58 -26.42
CA ASN B 215 6.37 -22.20 -26.50
C ASN B 215 6.62 -21.68 -27.91
N LEU B 216 5.87 -20.65 -28.28
CA LEU B 216 5.90 -20.16 -29.65
C LEU B 216 7.26 -19.60 -30.02
N GLN B 217 7.88 -18.81 -29.14
CA GLN B 217 9.15 -18.18 -29.46
C GLN B 217 10.25 -19.21 -29.63
N GLU B 218 10.53 -19.98 -28.59
CA GLU B 218 11.56 -21.01 -28.64
C GLU B 218 10.93 -22.35 -29.00
N PHE B 219 10.43 -22.42 -30.23
CA PHE B 219 9.75 -23.61 -30.73
C PHE B 219 10.71 -24.40 -31.62
N LYS B 220 10.91 -25.67 -31.30
CA LYS B 220 11.76 -26.56 -32.08
C LYS B 220 11.04 -27.88 -32.25
N PRO B 221 10.88 -28.38 -33.48
CA PRO B 221 10.21 -29.67 -33.67
C PRO B 221 11.01 -30.81 -33.06
N ARG B 222 10.30 -31.83 -32.59
CA ARG B 222 10.91 -32.98 -31.94
C ARG B 222 10.63 -34.28 -32.68
N SER B 223 10.14 -34.20 -33.91
CA SER B 223 9.88 -35.40 -34.70
C SER B 223 9.89 -35.02 -36.18
N GLN B 224 10.01 -36.06 -37.02
CA GLN B 224 10.03 -35.82 -38.46
C GLN B 224 8.70 -35.26 -38.95
N MET B 225 7.59 -35.74 -38.39
CA MET B 225 6.27 -35.26 -38.81
C MET B 225 6.10 -33.78 -38.52
N GLU B 226 6.61 -33.32 -37.38
CA GLU B 226 6.52 -31.90 -37.04
C GLU B 226 7.34 -31.06 -38.03
N ILE B 227 8.50 -31.55 -38.43
CA ILE B 227 9.33 -30.82 -39.38
C ILE B 227 8.61 -30.67 -40.71
N ASP B 228 7.95 -31.74 -41.17
CA ASP B 228 7.15 -31.65 -42.39
C ASP B 228 6.01 -30.67 -42.22
N PHE B 229 5.38 -30.66 -41.05
CA PHE B 229 4.27 -29.74 -40.80
C PHE B 229 4.71 -28.29 -40.88
N LEU B 230 5.87 -27.97 -40.30
CA LEU B 230 6.35 -26.60 -40.28
C LEU B 230 6.92 -26.15 -41.62
N GLU B 231 7.26 -27.08 -42.51
CA GLU B 231 7.87 -26.75 -43.79
C GLU B 231 6.93 -26.94 -44.97
N LEU B 232 6.29 -28.09 -45.08
CA LEU B 232 5.43 -28.37 -46.22
C LEU B 232 4.13 -27.57 -46.13
N ALA B 233 3.42 -27.51 -47.25
CA ALA B 233 2.15 -26.82 -47.30
C ALA B 233 1.07 -27.65 -46.62
N MET B 234 -0.09 -27.01 -46.40
CA MET B 234 -1.20 -27.70 -45.73
C MET B 234 -1.69 -28.89 -46.55
N ASP B 235 -1.88 -28.69 -47.86
CA ASP B 235 -2.36 -29.77 -48.71
C ASP B 235 -1.32 -30.89 -48.81
N GLU B 236 -0.04 -30.52 -48.95
CA GLU B 236 1.00 -31.53 -49.10
C GLU B 236 1.14 -32.37 -47.84
N PHE B 237 1.07 -31.74 -46.67
CA PHE B 237 1.23 -32.47 -45.42
C PHE B 237 0.10 -33.47 -45.22
N ILE B 238 -1.13 -33.07 -45.54
CA ILE B 238 -2.28 -33.96 -45.38
C ILE B 238 -2.15 -35.16 -46.31
N GLU B 239 -1.75 -34.91 -47.56
CA GLU B 239 -1.65 -35.99 -48.54
C GLU B 239 -0.57 -37.00 -48.15
N ARG B 240 0.57 -36.52 -47.67
CA ARG B 240 1.68 -37.42 -47.35
C ARG B 240 1.33 -38.36 -46.21
N TYR B 241 0.69 -37.84 -45.16
CA TYR B 241 0.36 -38.65 -43.99
C TYR B 241 -1.08 -39.16 -44.00
N LYS B 242 -1.82 -38.93 -45.09
CA LYS B 242 -3.18 -39.42 -45.25
C LYS B 242 -4.09 -38.95 -44.11
N LEU B 243 -4.23 -37.62 -44.02
CA LEU B 243 -5.07 -37.00 -43.00
C LEU B 243 -6.40 -36.51 -43.57
N GLU B 244 -6.77 -36.99 -44.75
CA GLU B 244 -8.04 -36.59 -45.37
C GLU B 244 -9.21 -37.07 -44.51
N GLY B 245 -10.26 -36.26 -44.46
CA GLY B 245 -11.41 -36.57 -43.63
C GLY B 245 -11.14 -36.53 -42.14
N TYR B 246 -10.34 -35.57 -41.68
CA TYR B 246 -10.10 -35.41 -40.25
C TYR B 246 -10.10 -33.95 -39.82
N ALA B 247 -10.53 -33.02 -40.69
CA ALA B 247 -10.62 -31.60 -40.38
C ALA B 247 -9.28 -31.03 -39.93
N PHE B 248 -8.18 -31.59 -40.42
CA PHE B 248 -6.86 -31.10 -40.05
C PHE B 248 -6.60 -29.69 -40.55
N GLU B 249 -7.37 -29.23 -41.54
CA GLU B 249 -7.20 -27.87 -42.04
C GLU B 249 -7.64 -26.84 -41.00
N ALA B 250 -8.68 -27.15 -40.23
CA ALA B 250 -9.20 -26.22 -39.24
C ALA B 250 -8.74 -26.54 -37.82
N ILE B 251 -8.60 -27.82 -37.47
CA ILE B 251 -8.27 -28.20 -36.10
C ILE B 251 -6.88 -27.67 -35.72
N VAL B 252 -5.91 -27.84 -36.60
CA VAL B 252 -4.52 -27.54 -36.31
C VAL B 252 -4.05 -26.28 -37.02
N TYR B 253 -4.27 -26.19 -38.33
CA TYR B 253 -3.84 -25.01 -39.07
C TYR B 253 -4.62 -23.78 -38.66
N GLY B 254 -5.93 -23.92 -38.45
CA GLY B 254 -6.77 -22.80 -38.10
C GLY B 254 -7.41 -22.15 -39.30
N ASP B 255 -8.48 -21.38 -39.03
CA ASP B 255 -9.25 -20.71 -40.07
C ASP B 255 -9.25 -19.22 -39.77
N PHE B 256 -8.33 -18.48 -40.39
CA PHE B 256 -8.23 -17.03 -40.21
C PHE B 256 -8.98 -16.30 -41.33
N SER B 257 -10.28 -16.58 -41.42
CA SER B 257 -11.10 -16.00 -42.48
C SER B 257 -12.40 -15.38 -42.00
N HIS B 258 -12.85 -15.66 -40.77
CA HIS B 258 -14.09 -15.13 -40.25
C HIS B 258 -13.81 -14.16 -39.11
N SER B 259 -14.88 -13.59 -38.56
CA SER B 259 -14.74 -12.67 -37.44
C SER B 259 -14.17 -13.36 -36.21
N GLN B 260 -14.43 -14.65 -36.06
CA GLN B 260 -13.88 -15.44 -34.96
C GLN B 260 -12.98 -16.53 -35.51
N LEU B 261 -11.93 -16.83 -34.74
CA LEU B 261 -10.99 -17.88 -35.13
C LEU B 261 -11.66 -19.24 -35.15
N GLY B 262 -11.29 -20.05 -36.13
CA GLY B 262 -11.83 -21.39 -36.23
C GLY B 262 -10.81 -22.47 -35.98
N GLY B 263 -10.99 -23.22 -34.91
CA GLY B 263 -10.07 -24.32 -34.60
C GLY B 263 -8.81 -23.80 -33.96
N LEU B 264 -7.66 -24.29 -34.45
CA LEU B 264 -6.35 -23.91 -33.94
C LEU B 264 -6.21 -24.25 -32.45
N HIS B 265 -6.26 -25.56 -32.17
CA HIS B 265 -6.26 -26.06 -30.80
C HIS B 265 -5.00 -26.88 -30.49
N LEU B 266 -3.97 -26.77 -31.30
CA LEU B 266 -2.69 -27.43 -31.04
C LEU B 266 -1.58 -26.39 -31.05
N LEU B 267 -0.70 -26.46 -30.06
CA LEU B 267 0.37 -25.47 -29.95
C LEU B 267 1.31 -25.50 -31.16
N ILE B 268 1.43 -26.66 -31.81
CA ILE B 268 2.24 -26.72 -33.01
C ILE B 268 1.62 -25.89 -34.12
N GLY B 269 0.28 -25.88 -34.21
CA GLY B 269 -0.38 -25.04 -35.19
C GLY B 269 -0.17 -23.55 -34.92
N LEU B 270 -0.12 -23.17 -33.64
CA LEU B 270 0.15 -21.78 -33.30
C LEU B 270 1.54 -21.37 -33.76
N ALA B 271 2.53 -22.26 -33.59
CA ALA B 271 3.90 -21.93 -33.95
C ALA B 271 4.03 -21.66 -35.45
N LYS B 272 3.39 -22.48 -36.28
CA LYS B 272 3.47 -22.29 -37.72
C LYS B 272 2.86 -20.96 -38.14
N ARG B 273 1.71 -20.60 -37.54
CA ARG B 273 1.09 -19.32 -37.84
C ARG B 273 1.95 -18.16 -37.35
N PHE B 274 2.60 -18.32 -36.19
CA PHE B 274 3.41 -17.25 -35.63
C PHE B 274 4.58 -16.90 -36.55
N LYS B 275 5.23 -17.91 -37.13
CA LYS B 275 6.34 -17.63 -38.03
C LYS B 275 5.87 -16.91 -39.29
N GLU B 276 4.66 -17.21 -39.75
CA GLU B 276 4.12 -16.50 -40.90
C GLU B 276 3.71 -15.08 -40.55
N SER B 277 2.83 -14.94 -39.56
CA SER B 277 2.36 -13.63 -39.11
C SER B 277 2.35 -13.60 -37.59
N PRO B 278 3.03 -12.64 -36.97
CA PRO B 278 3.04 -12.57 -35.51
C PRO B 278 1.68 -12.19 -34.95
N PHE B 279 1.42 -12.63 -33.72
CA PHE B 279 0.21 -12.30 -33.00
C PHE B 279 0.49 -12.42 -31.51
N GLU B 280 -0.49 -12.02 -30.70
CA GLU B 280 -0.35 -12.00 -29.25
C GLU B 280 -1.30 -13.01 -28.62
N LEU B 281 -0.78 -13.82 -27.70
CA LEU B 281 -1.57 -14.76 -26.92
C LEU B 281 -1.72 -14.21 -25.51
N GLU B 282 -2.83 -13.55 -25.26
CA GLU B 282 -3.10 -12.99 -23.93
C GLU B 282 -3.68 -14.09 -23.05
N ASP B 283 -2.90 -14.53 -22.06
CA ASP B 283 -3.34 -15.57 -21.13
C ASP B 283 -3.92 -14.89 -19.90
N PHE B 284 -5.23 -15.06 -19.71
CA PHE B 284 -5.92 -14.43 -18.58
C PHE B 284 -5.85 -15.24 -17.29
N ILE B 285 -5.31 -16.46 -17.34
CA ILE B 285 -5.08 -17.26 -16.14
C ILE B 285 -3.63 -17.70 -16.14
N PRO B 286 -2.70 -16.86 -15.70
CA PRO B 286 -1.28 -17.24 -15.77
C PRO B 286 -0.91 -18.34 -14.80
N MET B 287 -1.38 -19.55 -15.07
CA MET B 287 -1.02 -20.74 -14.31
C MET B 287 -0.63 -21.84 -15.29
N ASP B 288 -0.14 -22.95 -14.76
CA ASP B 288 0.32 -24.07 -15.57
C ASP B 288 -0.69 -25.20 -15.48
N SER B 289 -1.23 -25.60 -16.63
CA SER B 289 -2.24 -26.64 -16.67
C SER B 289 -2.13 -27.36 -18.02
N THR B 290 -2.71 -28.57 -18.06
CA THR B 290 -2.63 -29.38 -19.27
C THR B 290 -3.31 -28.68 -20.44
N VAL B 291 -4.48 -28.10 -20.22
CA VAL B 291 -5.23 -27.38 -21.24
C VAL B 291 -5.16 -25.90 -20.92
N LYS B 292 -4.66 -25.12 -21.87
CA LYS B 292 -4.50 -23.68 -21.68
C LYS B 292 -5.55 -22.93 -22.50
N ASN B 293 -6.10 -21.88 -21.91
CA ASN B 293 -7.04 -21.00 -22.59
C ASN B 293 -6.33 -19.70 -22.94
N TYR B 294 -6.42 -19.29 -24.20
CA TYR B 294 -5.73 -18.11 -24.69
C TYR B 294 -6.72 -17.15 -25.33
N PHE B 295 -6.46 -15.85 -25.17
CA PHE B 295 -7.22 -14.80 -25.83
C PHE B 295 -6.44 -14.40 -27.08
N ILE B 296 -6.55 -15.24 -28.11
CA ILE B 296 -5.74 -15.08 -29.30
C ILE B 296 -6.31 -13.98 -30.18
N THR B 297 -5.45 -13.08 -30.64
CA THR B 297 -5.82 -11.99 -31.54
C THR B 297 -4.81 -11.95 -32.69
N ASP B 298 -5.25 -12.37 -33.87
CA ASP B 298 -4.38 -12.38 -35.04
C ASP B 298 -4.17 -10.95 -35.53
N ALA B 299 -2.91 -10.57 -35.75
CA ALA B 299 -2.57 -9.21 -36.11
C ALA B 299 -2.64 -8.93 -37.61
N GLN B 300 -2.78 -9.96 -38.44
CA GLN B 300 -2.87 -9.77 -39.89
C GLN B 300 -4.32 -9.73 -40.38
N THR B 301 -5.07 -10.80 -40.14
CA THR B 301 -6.45 -10.88 -40.58
C THR B 301 -7.43 -10.26 -39.60
N GLY B 302 -6.98 -9.87 -38.40
CA GLY B 302 -7.89 -9.30 -37.43
C GLY B 302 -8.82 -10.30 -36.77
N SER B 303 -8.55 -11.59 -36.92
CA SER B 303 -9.39 -12.63 -36.34
C SER B 303 -9.02 -12.82 -34.87
N SER B 304 -10.02 -12.77 -34.01
CA SER B 304 -9.82 -12.96 -32.57
C SER B 304 -10.85 -13.94 -32.04
N LYS B 305 -10.44 -14.72 -31.04
CA LYS B 305 -11.32 -15.69 -30.40
C LYS B 305 -11.25 -15.48 -28.89
N CYS B 306 -12.42 -15.44 -28.25
CA CYS B 306 -12.47 -15.16 -26.82
C CYS B 306 -11.75 -16.25 -26.03
N VAL B 307 -12.11 -17.51 -26.26
CA VAL B 307 -11.51 -18.65 -25.57
C VAL B 307 -10.98 -19.60 -26.63
N CYS B 308 -9.70 -19.95 -26.52
CA CYS B 308 -9.06 -20.86 -27.46
C CYS B 308 -8.33 -21.93 -26.65
N SER B 309 -8.91 -23.12 -26.57
CA SER B 309 -8.33 -24.22 -25.81
C SER B 309 -7.11 -24.75 -26.55
N VAL B 310 -5.92 -24.38 -26.10
CA VAL B 310 -4.66 -24.75 -26.74
C VAL B 310 -3.99 -25.81 -25.87
N ILE B 311 -3.82 -27.01 -26.42
CA ILE B 311 -3.13 -28.10 -25.74
C ILE B 311 -1.94 -28.50 -26.59
N ASP B 312 -0.76 -28.54 -25.97
CA ASP B 312 0.47 -28.88 -26.67
C ASP B 312 0.67 -30.39 -26.62
N LEU B 313 0.42 -31.06 -27.74
CA LEU B 313 0.61 -32.49 -27.85
C LEU B 313 1.56 -32.80 -29.00
N LEU B 314 2.31 -33.89 -28.86
CA LEU B 314 3.15 -34.36 -29.95
C LEU B 314 2.29 -34.68 -31.16
N LEU B 315 2.72 -34.21 -32.33
CA LEU B 315 1.93 -34.40 -33.53
C LEU B 315 1.75 -35.87 -33.87
N ASP B 316 2.75 -36.70 -33.56
CA ASP B 316 2.61 -38.14 -33.76
C ASP B 316 1.50 -38.71 -32.88
N ASP B 317 1.44 -38.27 -31.62
CA ASP B 317 0.43 -38.79 -30.71
C ASP B 317 -0.97 -38.29 -31.08
N PHE B 318 -1.07 -37.03 -31.51
CA PHE B 318 -2.38 -36.49 -31.85
C PHE B 318 -2.99 -37.20 -33.05
N VAL B 319 -2.14 -37.60 -34.01
CA VAL B 319 -2.64 -38.34 -35.17
C VAL B 319 -3.21 -39.67 -34.74
N GLU B 320 -2.56 -40.35 -33.80
CA GLU B 320 -3.08 -41.62 -33.30
C GLU B 320 -4.43 -41.45 -32.63
N ILE B 321 -4.59 -40.39 -31.82
CA ILE B 321 -5.85 -40.18 -31.11
C ILE B 321 -6.97 -39.87 -32.11
N ILE B 322 -6.70 -38.98 -33.07
CA ILE B 322 -7.75 -38.57 -33.99
C ILE B 322 -8.14 -39.72 -34.91
N LYS B 323 -7.22 -40.65 -35.19
CA LYS B 323 -7.58 -41.82 -35.98
C LYS B 323 -8.44 -42.81 -35.18
N SER B 324 -8.32 -42.80 -33.85
CA SER B 324 -9.10 -43.68 -32.99
C SER B 324 -10.43 -43.05 -32.58
N GLN B 325 -10.95 -42.11 -33.36
CA GLN B 325 -12.14 -41.37 -32.95
C GLN B 325 -13.43 -42.13 -33.22
N ASP B 326 -13.44 -43.06 -34.19
CA ASP B 326 -14.64 -43.79 -34.58
C ASP B 326 -15.78 -42.83 -34.93
N LEU B 327 -15.53 -42.06 -36.00
CA LEU B 327 -16.50 -41.07 -36.45
C LEU B 327 -17.74 -41.72 -37.04
N SER B 328 -18.77 -41.90 -36.21
CA SER B 328 -20.02 -42.51 -36.64
C SER B 328 -21.27 -41.76 -36.18
N VAL B 329 -21.15 -40.82 -35.25
CA VAL B 329 -22.28 -40.07 -34.75
C VAL B 329 -22.04 -38.59 -35.02
N VAL B 330 -23.14 -37.82 -35.01
CA VAL B 330 -23.06 -36.40 -35.34
C VAL B 330 -22.26 -35.65 -34.28
N SER B 331 -22.57 -35.87 -33.01
CA SER B 331 -21.90 -35.20 -31.92
C SER B 331 -21.62 -36.21 -30.80
N LYS B 332 -20.45 -36.10 -30.18
CA LYS B 332 -20.08 -37.01 -29.11
C LYS B 332 -18.97 -36.36 -28.28
N VAL B 333 -19.03 -36.57 -26.97
CA VAL B 333 -18.00 -36.12 -26.05
C VAL B 333 -17.08 -37.30 -25.75
N VAL B 334 -15.79 -37.12 -25.99
CA VAL B 334 -14.80 -38.20 -25.89
C VAL B 334 -13.91 -37.93 -24.67
N LYS B 335 -13.78 -38.92 -23.81
CA LYS B 335 -12.94 -38.83 -22.62
C LYS B 335 -11.58 -39.44 -22.96
N VAL B 336 -10.54 -38.61 -22.94
CA VAL B 336 -9.18 -39.02 -23.27
C VAL B 336 -8.31 -38.78 -22.05
N THR B 337 -7.55 -39.81 -21.65
CA THR B 337 -6.65 -39.70 -20.51
C THR B 337 -5.38 -38.98 -20.97
N ILE B 338 -5.25 -37.72 -20.57
CA ILE B 338 -4.07 -36.92 -20.88
C ILE B 338 -3.52 -36.37 -19.58
N ASP B 339 -2.22 -36.59 -19.33
CA ASP B 339 -1.56 -36.13 -18.12
C ASP B 339 -2.26 -36.64 -16.87
N TYR B 340 -2.58 -37.94 -16.87
CA TYR B 340 -3.20 -38.62 -15.73
C TYR B 340 -4.55 -38.03 -15.37
N THR B 341 -5.27 -37.47 -16.33
CA THR B 341 -6.61 -36.94 -16.07
C THR B 341 -7.45 -37.07 -17.32
N GLU B 342 -8.77 -37.02 -17.12
CA GLU B 342 -9.71 -37.12 -18.23
C GLU B 342 -9.92 -35.75 -18.85
N ILE B 343 -9.88 -35.69 -20.18
CA ILE B 343 -10.12 -34.47 -20.93
C ILE B 343 -11.29 -34.71 -21.87
N SER B 344 -12.29 -33.84 -21.80
CA SER B 344 -13.48 -33.97 -22.62
C SER B 344 -13.28 -33.19 -23.93
N PHE B 345 -13.27 -33.91 -25.03
CA PHE B 345 -13.12 -33.32 -26.36
C PHE B 345 -14.50 -33.23 -27.01
N MET B 346 -14.88 -32.02 -27.41
CA MET B 346 -16.15 -31.81 -28.10
C MET B 346 -15.96 -32.16 -29.57
N LEU B 347 -16.63 -33.21 -30.03
CA LEU B 347 -16.50 -33.71 -31.39
C LEU B 347 -17.81 -33.49 -32.15
N TRP B 348 -17.70 -32.84 -33.31
CA TRP B 348 -18.82 -32.65 -34.22
C TRP B 348 -18.46 -33.28 -35.56
N CYS B 349 -19.33 -34.17 -36.05
CA CYS B 349 -19.09 -34.88 -37.29
C CYS B 349 -20.28 -34.70 -38.22
N LYS B 350 -20.01 -34.19 -39.42
CA LYS B 350 -21.00 -34.13 -40.48
C LYS B 350 -21.01 -35.46 -41.22
N ASP B 351 -22.15 -35.79 -41.82
CA ASP B 351 -22.29 -37.05 -42.54
C ASP B 351 -21.25 -37.13 -43.66
N GLY B 352 -20.28 -38.03 -43.51
CA GLY B 352 -19.25 -38.22 -44.52
C GLY B 352 -17.84 -37.99 -44.04
N HIS B 353 -17.65 -37.04 -43.11
CA HIS B 353 -16.32 -36.66 -42.67
C HIS B 353 -16.42 -36.08 -41.26
N VAL B 354 -15.36 -35.40 -40.83
CA VAL B 354 -15.31 -34.75 -39.52
C VAL B 354 -15.47 -33.25 -39.72
N GLU B 355 -16.28 -32.62 -38.88
CA GLU B 355 -16.51 -31.19 -38.97
C GLU B 355 -15.54 -30.40 -38.10
N THR B 356 -15.57 -30.65 -36.79
CA THR B 356 -14.70 -29.94 -35.85
C THR B 356 -14.48 -30.82 -34.64
N PHE B 357 -13.24 -30.87 -34.17
CA PHE B 357 -12.84 -31.67 -33.01
C PHE B 357 -11.97 -30.81 -32.11
N TYR B 358 -12.56 -30.23 -31.07
CA TYR B 358 -11.84 -29.34 -30.17
C TYR B 358 -12.13 -29.69 -28.72
N PRO B 359 -11.15 -29.51 -27.85
CA PRO B 359 -11.39 -29.76 -26.41
C PRO B 359 -12.26 -28.66 -25.81
N LYS B 360 -12.91 -29.01 -24.71
CA LYS B 360 -13.76 -28.07 -23.99
C LYS B 360 -13.00 -27.42 -22.84
CA LEU C 14 13.30 29.74 -8.19
C LEU C 14 12.34 28.83 -7.44
N GLU C 15 11.20 28.54 -8.07
CA GLU C 15 10.19 27.67 -7.46
C GLU C 15 10.66 26.23 -7.49
N MET C 16 10.58 25.55 -6.35
CA MET C 16 10.96 24.15 -6.21
C MET C 16 9.80 23.41 -5.56
N SER C 17 8.87 22.93 -6.38
CA SER C 17 7.67 22.26 -5.89
C SER C 17 7.36 21.07 -6.80
N LEU C 18 6.52 20.18 -6.30
CA LEU C 18 6.20 18.97 -7.05
C LEU C 18 5.46 19.29 -8.34
N GLU C 19 4.49 20.20 -8.30
CA GLU C 19 3.71 20.50 -9.49
C GLU C 19 4.52 21.23 -10.55
N ASN C 20 5.55 21.98 -10.14
CA ASN C 20 6.44 22.59 -11.12
C ASN C 20 7.35 21.57 -11.77
N VAL C 21 7.81 20.59 -11.00
CA VAL C 21 8.68 19.55 -11.54
C VAL C 21 7.93 18.73 -12.58
N ALA C 22 6.68 18.38 -12.30
CA ALA C 22 5.89 17.61 -13.25
C ALA C 22 5.56 18.39 -14.52
N PHE C 23 5.61 19.72 -14.46
CA PHE C 23 5.40 20.51 -15.68
C PHE C 23 6.57 20.34 -16.65
N ASN C 24 7.79 20.31 -16.13
CA ASN C 24 8.96 20.19 -17.00
C ASN C 24 9.03 18.80 -17.63
N VAL C 25 8.61 17.77 -16.91
CA VAL C 25 8.60 16.43 -17.48
C VAL C 25 7.65 16.35 -18.66
N VAL C 26 6.46 16.94 -18.52
CA VAL C 26 5.47 16.90 -19.59
C VAL C 26 5.97 17.65 -20.82
N ASN C 27 6.59 18.82 -20.61
CA ASN C 27 6.98 19.66 -21.73
C ASN C 27 8.41 19.44 -22.21
N LYS C 28 9.30 18.93 -21.35
CA LYS C 28 10.69 18.80 -21.74
C LYS C 28 11.35 17.48 -21.34
N GLY C 29 10.61 16.55 -20.73
CA GLY C 29 11.16 15.25 -20.38
C GLY C 29 12.14 15.25 -19.23
N HIS C 30 12.71 16.40 -18.87
CA HIS C 30 13.62 16.49 -17.75
C HIS C 30 13.51 17.90 -17.17
N PHE C 31 13.92 18.04 -15.90
CA PHE C 31 13.84 19.32 -15.23
C PHE C 31 14.84 20.29 -15.86
N ASP C 32 14.34 21.24 -16.63
CA ASP C 32 15.18 22.26 -17.23
C ASP C 32 15.24 23.53 -16.39
N GLY C 33 14.14 23.89 -15.74
CA GLY C 33 14.10 25.09 -14.92
C GLY C 33 13.03 26.07 -15.35
N GLN C 34 12.05 25.59 -16.10
CA GLN C 34 10.97 26.44 -16.57
C GLN C 34 9.98 26.72 -15.44
N GLN C 35 9.13 27.72 -15.67
CA GLN C 35 8.10 28.11 -14.72
C GLN C 35 6.74 27.64 -15.23
N GLY C 36 6.01 26.91 -14.39
CA GLY C 36 4.71 26.41 -14.76
C GLY C 36 4.27 25.34 -13.80
N GLU C 37 2.97 25.05 -13.84
CA GLU C 37 2.38 24.07 -12.94
C GLU C 37 1.34 23.25 -13.70
N VAL C 38 1.28 21.97 -13.37
CA VAL C 38 0.28 21.06 -13.92
C VAL C 38 -0.32 20.23 -12.81
N PRO C 39 -1.57 19.80 -12.97
CA PRO C 39 -2.19 18.94 -11.96
C PRO C 39 -1.41 17.65 -11.78
N VAL C 40 -1.29 17.22 -10.52
CA VAL C 40 -0.55 16.02 -10.17
C VAL C 40 -1.38 15.21 -9.18
N SER C 41 -1.50 13.91 -9.43
CA SER C 41 -2.20 13.01 -8.52
C SER C 41 -1.26 11.88 -8.15
N ILE C 42 -1.07 11.66 -6.85
CA ILE C 42 -0.17 10.63 -6.36
C ILE C 42 -1.00 9.47 -5.84
N ILE C 43 -0.96 8.36 -6.55
CA ILE C 43 -1.65 7.13 -6.18
C ILE C 43 -0.62 6.01 -6.09
N ASN C 44 -0.62 5.30 -4.97
CA ASN C 44 0.36 4.23 -4.73
C ASN C 44 1.75 4.88 -4.79
N ASN C 45 2.71 4.27 -5.48
CA ASN C 45 4.02 4.87 -5.70
C ASN C 45 4.09 5.63 -7.02
N THR C 46 3.00 5.70 -7.76
CA THR C 46 2.99 6.31 -9.08
C THR C 46 2.62 7.79 -8.97
N VAL C 47 3.09 8.57 -9.93
CA VAL C 47 2.83 10.00 -10.00
C VAL C 47 2.09 10.28 -11.30
N TYR C 48 0.79 10.48 -11.23
CA TYR C 48 -0.03 10.72 -12.40
C TYR C 48 -0.22 12.20 -12.63
N THR C 49 -0.56 12.55 -13.87
CA THR C 49 -0.89 13.92 -14.23
C THR C 49 -2.15 13.92 -15.08
N LYS C 50 -2.86 15.04 -15.06
CA LYS C 50 -4.11 15.19 -15.79
C LYS C 50 -3.83 15.92 -17.10
N VAL C 51 -3.92 15.18 -18.20
CA VAL C 51 -3.75 15.74 -19.55
C VAL C 51 -5.03 15.44 -20.32
N ASP C 52 -5.67 16.50 -20.83
CA ASP C 52 -6.92 16.38 -21.60
C ASP C 52 -8.00 15.65 -20.79
N GLY C 53 -8.04 15.92 -19.49
CA GLY C 53 -9.09 15.40 -18.64
C GLY C 53 -8.94 13.95 -18.21
N VAL C 54 -7.84 13.30 -18.54
CA VAL C 54 -7.60 11.90 -18.16
C VAL C 54 -6.22 11.78 -17.55
N ASP C 55 -6.12 10.97 -16.50
CA ASP C 55 -4.85 10.81 -15.80
C ASP C 55 -3.87 10.03 -16.65
N VAL C 56 -2.64 10.53 -16.76
CA VAL C 56 -1.57 9.90 -17.51
C VAL C 56 -0.41 9.65 -16.57
N GLU C 57 0.06 8.42 -16.50
CA GLU C 57 1.17 8.08 -15.62
C GLU C 57 2.45 8.74 -16.10
N LEU C 58 3.18 9.36 -15.19
CA LEU C 58 4.46 9.98 -15.51
C LEU C 58 5.66 9.19 -14.99
N PHE C 59 5.53 8.55 -13.83
CA PHE C 59 6.65 7.88 -13.21
C PHE C 59 6.19 6.91 -12.14
N GLU C 60 6.76 5.70 -12.13
CA GLU C 60 6.47 4.71 -11.10
C GLU C 60 7.70 4.54 -10.23
N ASN C 61 7.52 4.69 -8.92
CA ASN C 61 8.65 4.70 -8.00
C ASN C 61 9.11 3.27 -7.74
N LYS C 62 10.34 2.96 -8.20
CA LYS C 62 10.98 1.69 -7.91
C LYS C 62 12.05 1.82 -6.83
N THR C 63 12.13 2.97 -6.17
CA THR C 63 13.17 3.21 -5.18
C THR C 63 12.64 2.90 -3.78
N THR C 64 13.45 3.19 -2.76
CA THR C 64 13.02 3.09 -1.37
C THR C 64 12.62 4.45 -0.79
N LEU C 65 12.54 5.47 -1.62
CA LEU C 65 12.26 6.84 -1.26
C LEU C 65 10.76 7.13 -1.32
N PRO C 66 10.31 8.21 -0.69
CA PRO C 66 8.90 8.60 -0.82
C PRO C 66 8.51 8.81 -2.28
N VAL C 67 7.20 8.77 -2.52
CA VAL C 67 6.70 8.79 -3.89
C VAL C 67 7.07 10.09 -4.59
N ASN C 68 6.86 11.23 -3.92
CA ASN C 68 7.16 12.51 -4.54
C ASN C 68 8.65 12.83 -4.55
N VAL C 69 9.41 12.28 -3.60
CA VAL C 69 10.85 12.52 -3.58
C VAL C 69 11.53 11.81 -4.74
N ALA C 70 11.16 10.55 -4.98
CA ALA C 70 11.76 9.81 -6.08
C ALA C 70 11.41 10.44 -7.42
N PHE C 71 10.16 10.88 -7.58
CA PHE C 71 9.76 11.51 -8.83
C PHE C 71 10.52 12.79 -9.10
N GLU C 72 10.83 13.57 -8.05
CA GLU C 72 11.60 14.79 -8.25
C GLU C 72 13.05 14.48 -8.63
N LEU C 73 13.61 13.42 -8.05
CA LEU C 73 14.97 13.02 -8.41
C LEU C 73 15.01 12.43 -9.82
N TRP C 74 13.96 11.71 -10.21
CA TRP C 74 13.92 11.10 -11.54
C TRP C 74 13.88 12.17 -12.62
N ALA C 75 13.09 13.23 -12.41
CA ALA C 75 13.02 14.29 -13.40
C ALA C 75 14.32 15.07 -13.49
N LYS C 76 15.02 15.26 -12.36
CA LYS C 76 16.26 16.01 -12.34
C LYS C 76 17.48 15.15 -12.62
N ARG C 77 17.29 13.99 -13.25
CA ARG C 77 18.40 13.12 -13.58
C ARG C 77 19.30 13.78 -14.62
N ASN C 78 20.54 13.29 -14.70
CA ASN C 78 21.51 13.81 -15.64
C ASN C 78 21.36 13.08 -16.97
N ILE C 79 21.00 13.83 -18.02
CA ILE C 79 20.79 13.24 -19.34
C ILE C 79 22.04 13.31 -20.20
N LYS C 80 23.08 14.02 -19.77
CA LYS C 80 24.33 14.03 -20.50
C LYS C 80 25.04 12.70 -20.34
N PRO C 81 25.97 12.38 -21.24
CA PRO C 81 26.77 11.15 -21.06
C PRO C 81 27.53 11.18 -19.75
N VAL C 82 27.23 10.21 -18.90
CA VAL C 82 27.81 10.16 -17.55
C VAL C 82 28.49 8.82 -17.38
N PRO C 83 29.47 8.74 -16.48
CA PRO C 83 30.15 7.46 -16.24
C PRO C 83 29.19 6.40 -15.74
N GLU C 84 29.50 5.16 -16.09
CA GLU C 84 28.69 4.04 -15.63
C GLU C 84 28.76 3.95 -14.11
N VAL C 85 27.66 3.47 -13.51
CA VAL C 85 27.56 3.49 -12.05
C VAL C 85 28.65 2.65 -11.41
N LYS C 86 29.05 1.54 -12.04
CA LYS C 86 30.09 0.71 -11.46
C LYS C 86 31.43 1.43 -11.36
N ILE C 87 31.70 2.36 -12.29
CA ILE C 87 32.92 3.16 -12.18
C ILE C 87 32.85 4.04 -10.94
N LEU C 88 31.71 4.68 -10.70
CA LEU C 88 31.57 5.58 -9.57
C LEU C 88 31.68 4.84 -8.25
N ASN C 89 31.03 3.68 -8.14
CA ASN C 89 31.06 2.94 -6.89
C ASN C 89 32.47 2.50 -6.54
N ASN C 90 33.23 2.04 -7.54
CA ASN C 90 34.60 1.62 -7.29
C ASN C 90 35.51 2.79 -6.95
N LEU C 91 35.24 3.96 -7.52
CA LEU C 91 36.01 5.15 -7.18
C LEU C 91 35.68 5.67 -5.78
N GLY C 92 34.65 5.14 -5.14
CA GLY C 92 34.28 5.60 -3.82
C GLY C 92 33.37 6.80 -3.79
N VAL C 93 32.72 7.13 -4.90
CA VAL C 93 31.84 8.28 -4.95
C VAL C 93 30.64 8.05 -4.04
N ASP C 94 30.37 9.01 -3.16
CA ASP C 94 29.26 8.91 -2.22
C ASP C 94 28.10 9.85 -2.52
N ILE C 95 28.34 10.94 -3.26
CA ILE C 95 27.28 11.89 -3.55
C ILE C 95 27.67 12.66 -4.79
N ALA C 96 26.68 13.16 -5.52
CA ALA C 96 26.89 13.90 -6.77
C ALA C 96 26.57 15.36 -6.54
N ALA C 97 27.45 16.23 -7.01
CA ALA C 97 27.33 17.67 -6.77
C ALA C 97 26.36 18.30 -7.76
N ASN C 98 25.28 18.89 -7.26
CA ASN C 98 24.32 19.66 -8.04
C ASN C 98 23.68 18.85 -9.17
N THR C 99 23.66 17.53 -9.04
CA THR C 99 23.04 16.68 -10.05
C THR C 99 22.71 15.34 -9.43
N VAL C 100 21.87 14.57 -10.13
CA VAL C 100 21.48 13.23 -9.72
C VAL C 100 21.86 12.27 -10.82
N ILE C 101 22.61 11.23 -10.46
CA ILE C 101 23.04 10.20 -11.41
C ILE C 101 22.10 9.02 -11.23
N TRP C 102 21.25 8.78 -12.24
CA TRP C 102 20.21 7.78 -12.15
C TRP C 102 20.76 6.41 -12.56
N ASP C 103 20.56 5.41 -11.72
CA ASP C 103 21.02 4.05 -11.97
C ASP C 103 19.88 3.28 -12.62
N TYR C 104 19.92 3.14 -13.94
CA TYR C 104 18.81 2.52 -14.67
C TYR C 104 18.71 1.03 -14.44
N LYS C 105 19.76 0.40 -13.91
CA LYS C 105 19.69 -1.04 -13.66
C LYS C 105 18.64 -1.38 -12.61
N ARG C 106 18.56 -0.59 -11.54
CA ARG C 106 17.60 -0.80 -10.48
C ARG C 106 16.56 0.31 -10.39
N ASP C 107 16.56 1.25 -11.35
CA ASP C 107 15.58 2.34 -11.40
C ASP C 107 15.55 3.14 -10.11
N ALA C 108 16.72 3.38 -9.54
CA ALA C 108 16.86 4.15 -8.30
C ALA C 108 18.08 5.04 -8.41
N PRO C 109 18.09 6.17 -7.70
CA PRO C 109 19.27 7.03 -7.72
C PRO C 109 20.51 6.29 -7.23
N ALA C 110 21.64 6.55 -7.90
CA ALA C 110 22.87 5.86 -7.55
C ALA C 110 23.43 6.30 -6.21
N HIS C 111 22.94 7.41 -5.66
CA HIS C 111 23.42 7.93 -4.39
C HIS C 111 22.24 8.28 -3.50
N ILE C 112 22.33 7.92 -2.22
CA ILE C 112 21.21 8.09 -1.31
C ILE C 112 20.89 9.57 -1.11
N SER C 113 21.91 10.40 -0.95
CA SER C 113 21.73 11.83 -0.71
C SER C 113 22.13 12.62 -1.95
N THR C 114 21.72 13.89 -1.97
CA THR C 114 22.01 14.81 -3.06
C THR C 114 22.56 16.11 -2.49
N ILE C 115 22.94 17.01 -3.38
CA ILE C 115 23.43 18.33 -3.00
C ILE C 115 22.71 19.37 -3.85
N GLY C 116 21.82 20.14 -3.23
CA GLY C 116 21.11 21.18 -3.94
C GLY C 116 20.22 20.68 -5.05
N VAL C 117 19.49 19.60 -4.82
CA VAL C 117 18.61 19.04 -5.84
C VAL C 117 17.18 19.02 -5.33
N CYS C 118 16.92 18.26 -4.27
CA CYS C 118 15.60 18.14 -3.68
C CYS C 118 15.71 18.46 -2.20
N SER C 119 14.92 19.43 -1.74
CA SER C 119 15.01 19.88 -0.35
C SER C 119 14.70 18.77 0.64
N MET C 120 13.98 17.73 0.21
CA MET C 120 13.66 16.63 1.11
C MET C 120 14.90 15.81 1.45
N THR C 121 15.81 15.65 0.50
CA THR C 121 16.99 14.82 0.70
C THR C 121 18.31 15.59 0.69
N ASP C 122 18.28 16.89 0.41
CA ASP C 122 19.52 17.66 0.39
C ASP C 122 20.18 17.67 1.76
N ILE C 123 21.49 17.41 1.78
CA ILE C 123 22.28 17.61 2.98
C ILE C 123 23.02 18.94 2.97
N ALA C 124 23.02 19.64 1.83
CA ALA C 124 23.62 20.96 1.70
C ALA C 124 23.11 21.55 0.39
N LYS C 125 23.37 22.84 0.20
CA LYS C 125 23.05 23.51 -1.05
C LYS C 125 24.26 23.72 -1.95
N LYS C 126 25.46 23.62 -1.41
CA LYS C 126 26.69 23.70 -2.18
C LYS C 126 27.63 22.59 -1.70
N PRO C 127 28.49 22.08 -2.58
CA PRO C 127 29.43 21.02 -2.18
C PRO C 127 30.59 21.51 -1.32
N THR C 128 30.65 22.80 -1.01
CA THR C 128 31.75 23.37 -0.25
C THR C 128 31.46 23.50 1.24
N GLU C 129 30.30 23.03 1.70
CA GLU C 129 29.95 23.14 3.10
C GLU C 129 30.73 22.14 3.94
N THR C 130 30.71 22.34 5.25
CA THR C 130 31.49 21.51 6.15
C THR C 130 30.94 20.09 6.23
N ILE C 131 29.62 19.92 6.05
CA ILE C 131 29.02 18.60 6.15
C ILE C 131 29.51 17.70 5.02
N CYS C 132 29.72 18.27 3.83
CA CYS C 132 30.13 17.50 2.67
C CYS C 132 31.64 17.25 2.62
N ALA C 133 32.40 17.80 3.57
CA ALA C 133 33.85 17.61 3.54
C ALA C 133 34.27 16.15 3.66
N PRO C 134 33.75 15.33 4.63
CA PRO C 134 34.15 13.93 4.73
C PRO C 134 33.37 13.00 3.80
N LEU C 135 33.21 13.43 2.54
CA LEU C 135 32.50 12.65 1.54
C LEU C 135 33.15 12.88 0.18
N THR C 136 33.28 11.80 -0.60
CA THR C 136 33.78 11.90 -1.96
C THR C 136 32.65 12.35 -2.87
N VAL C 137 32.79 13.55 -3.43
CA VAL C 137 31.75 14.17 -4.23
C VAL C 137 32.14 14.10 -5.70
N PHE C 138 31.21 13.66 -6.54
CA PHE C 138 31.44 13.53 -7.97
C PHE C 138 31.25 14.89 -8.62
N PHE C 139 32.32 15.45 -9.18
CA PHE C 139 32.28 16.74 -9.83
C PHE C 139 32.33 16.56 -11.34
N ASP C 140 31.37 17.19 -12.03
CA ASP C 140 31.35 17.15 -13.48
C ASP C 140 32.40 18.11 -14.05
N GLY C 141 32.60 18.03 -15.36
CA GLY C 141 33.56 18.89 -16.01
C GLY C 141 32.93 19.73 -17.11
N ARG C 142 31.77 19.30 -17.59
CA ARG C 142 31.05 20.03 -18.63
C ARG C 142 30.24 21.20 -18.10
N VAL C 143 30.16 21.35 -16.78
CA VAL C 143 29.44 22.45 -16.15
C VAL C 143 30.47 23.45 -15.64
N ASP C 144 30.30 24.72 -16.01
CA ASP C 144 31.26 25.74 -15.63
C ASP C 144 31.30 25.92 -14.12
N GLY C 145 32.49 26.12 -13.59
CA GLY C 145 32.69 26.32 -12.17
C GLY C 145 32.88 25.06 -11.36
N GLN C 146 32.60 23.89 -11.93
CA GLN C 146 32.77 22.64 -11.20
C GLN C 146 34.24 22.29 -11.00
N VAL C 147 35.10 22.67 -11.94
CA VAL C 147 36.53 22.39 -11.81
C VAL C 147 37.11 23.15 -10.62
N ASP C 148 36.71 24.41 -10.45
CA ASP C 148 37.20 25.20 -9.32
C ASP C 148 36.73 24.60 -7.99
N LEU C 149 35.49 24.11 -7.94
CA LEU C 149 35.00 23.49 -6.72
C LEU C 149 35.78 22.23 -6.38
N PHE C 150 36.23 21.50 -7.40
CA PHE C 150 36.99 20.28 -7.16
C PHE C 150 38.31 20.58 -6.46
N ARG C 151 38.99 21.65 -6.86
CA ARG C 151 40.27 22.00 -6.25
C ARG C 151 40.09 22.34 -4.77
N ASN C 152 39.05 23.10 -4.44
CA ASN C 152 38.82 23.49 -3.06
C ASN C 152 38.24 22.36 -2.20
N ALA C 153 37.61 21.37 -2.83
CA ALA C 153 37.02 20.27 -2.08
C ALA C 153 38.09 19.37 -1.47
N ARG C 154 37.79 18.81 -0.31
CA ARG C 154 38.73 17.94 0.37
C ARG C 154 38.74 16.54 -0.24
N ASN C 155 37.56 15.98 -0.46
CA ASN C 155 37.42 14.68 -1.11
C ASN C 155 36.49 14.85 -2.30
N GLY C 156 36.94 14.39 -3.47
CA GLY C 156 36.13 14.52 -4.66
C GLY C 156 36.75 13.78 -5.83
N VAL C 157 35.89 13.45 -6.79
CA VAL C 157 36.29 12.83 -8.05
C VAL C 157 35.79 13.70 -9.19
N LEU C 158 36.68 14.01 -10.12
CA LEU C 158 36.38 14.91 -11.22
C LEU C 158 36.58 14.22 -12.56
N ILE C 159 35.64 14.43 -13.47
CA ILE C 159 35.73 13.94 -14.84
C ILE C 159 35.77 15.14 -15.78
N THR C 160 36.61 15.07 -16.80
CA THR C 160 36.75 16.16 -17.76
C THR C 160 36.96 15.59 -19.15
N GLU C 161 36.20 16.11 -20.12
CA GLU C 161 36.40 15.69 -21.51
C GLU C 161 37.78 16.13 -22.01
N GLY C 162 38.22 17.32 -21.64
CA GLY C 162 39.51 17.84 -22.02
C GLY C 162 40.57 17.57 -20.98
N SER C 163 41.41 18.57 -20.73
CA SER C 163 42.49 18.47 -19.76
C SER C 163 42.41 19.63 -18.78
N VAL C 164 42.90 19.38 -17.56
CA VAL C 164 42.91 20.37 -16.49
C VAL C 164 44.35 20.66 -16.13
N LYS C 165 44.70 21.94 -16.09
CA LYS C 165 46.08 22.34 -15.81
C LYS C 165 46.46 21.99 -14.38
N GLY C 166 47.69 21.51 -14.21
CA GLY C 166 48.20 21.16 -12.90
C GLY C 166 47.81 19.81 -12.38
N LEU C 167 47.08 19.02 -13.15
CA LEU C 167 46.63 17.69 -12.72
C LEU C 167 46.98 16.67 -13.79
N GLN C 168 47.32 15.46 -13.34
CA GLN C 168 47.66 14.38 -14.27
C GLN C 168 46.41 13.59 -14.59
N PRO C 169 45.91 13.63 -15.83
CA PRO C 169 44.67 12.93 -16.14
C PRO C 169 44.86 11.42 -16.21
N SER C 170 43.78 10.70 -15.98
CA SER C 170 43.71 9.26 -16.17
C SER C 170 42.63 8.96 -17.19
N VAL C 171 43.00 8.28 -18.28
CA VAL C 171 42.05 8.02 -19.34
C VAL C 171 41.03 6.98 -18.87
N GLY C 172 39.75 7.32 -18.96
CA GLY C 172 38.70 6.45 -18.50
C GLY C 172 38.24 5.49 -19.58
N PRO C 173 37.14 4.78 -19.32
CA PRO C 173 36.61 3.83 -20.30
C PRO C 173 36.10 4.54 -21.54
N LYS C 174 36.20 3.84 -22.68
CA LYS C 174 35.72 4.41 -23.93
C LYS C 174 34.21 4.60 -23.91
N GLN C 175 33.48 3.65 -23.36
CA GLN C 175 32.03 3.72 -23.33
C GLN C 175 31.55 4.44 -22.08
N ALA C 176 30.35 5.02 -22.17
CA ALA C 176 29.75 5.72 -21.06
C ALA C 176 28.24 5.60 -21.14
N SER C 177 27.59 5.68 -19.99
CA SER C 177 26.14 5.57 -19.94
C SER C 177 25.49 6.82 -20.53
N LEU C 178 24.34 6.62 -21.17
CA LEU C 178 23.56 7.72 -21.73
C LEU C 178 22.10 7.30 -21.73
N ASN C 179 21.34 7.81 -20.76
CA ASN C 179 19.93 7.46 -20.59
C ASN C 179 19.75 5.94 -20.46
N GLY C 180 20.68 5.31 -19.75
CA GLY C 180 20.61 3.89 -19.51
C GLY C 180 21.20 3.03 -20.61
N VAL C 181 21.68 3.63 -21.70
CA VAL C 181 22.22 2.91 -22.83
C VAL C 181 23.73 3.10 -22.84
N THR C 182 24.47 2.00 -22.75
CA THR C 182 25.93 2.08 -22.85
C THR C 182 26.33 2.15 -24.31
N LEU C 183 27.24 3.07 -24.62
CA LEU C 183 27.65 3.29 -26.01
C LEU C 183 29.01 3.95 -26.04
N ILE C 184 29.70 3.74 -27.16
CA ILE C 184 30.95 4.43 -27.45
C ILE C 184 30.58 5.62 -28.33
N GLY C 185 30.53 6.81 -27.72
CA GLY C 185 30.01 7.97 -28.42
C GLY C 185 30.89 8.38 -29.59
N GLU C 186 30.25 8.80 -30.67
CA GLU C 186 30.92 9.34 -31.84
C GLU C 186 30.64 10.83 -32.03
N ALA C 187 29.37 11.22 -32.07
CA ALA C 187 29.02 12.62 -32.15
C ALA C 187 29.40 13.36 -30.87
N VAL C 188 29.17 12.73 -29.72
CA VAL C 188 29.50 13.29 -28.42
C VAL C 188 30.61 12.45 -27.80
N LYS C 189 31.65 13.11 -27.31
CA LYS C 189 32.81 12.42 -26.75
C LYS C 189 32.43 11.81 -25.40
N THR C 190 32.47 10.48 -25.33
CA THR C 190 32.12 9.75 -24.12
C THR C 190 33.35 9.18 -23.40
N GLN C 191 34.53 9.71 -23.71
CA GLN C 191 35.78 9.29 -23.06
C GLN C 191 36.24 10.43 -22.17
N PHE C 192 36.19 10.22 -20.86
CA PHE C 192 36.50 11.25 -19.88
C PHE C 192 37.87 10.99 -19.25
N ASN C 193 38.38 12.02 -18.59
CA ASN C 193 39.61 11.93 -17.81
C ASN C 193 39.25 12.04 -16.33
N TYR C 194 39.62 11.03 -15.56
CA TYR C 194 39.22 10.92 -14.16
C TYR C 194 40.32 11.45 -13.25
N TYR C 195 39.94 12.30 -12.30
CA TYR C 195 40.83 12.83 -11.28
C TYR C 195 40.27 12.50 -9.91
N LYS C 196 41.10 11.95 -9.03
CA LYS C 196 40.69 11.59 -7.69
C LYS C 196 41.51 12.38 -6.67
N LYS C 197 40.82 12.99 -5.72
CA LYS C 197 41.47 13.77 -4.67
C LYS C 197 40.98 13.25 -3.32
N VAL C 198 41.91 12.83 -2.47
CA VAL C 198 41.60 12.26 -1.17
C VAL C 198 42.37 13.05 -0.11
N ASP C 199 41.64 13.52 0.91
CA ASP C 199 42.22 14.25 2.04
C ASP C 199 43.00 15.47 1.58
N GLY C 200 42.55 16.12 0.52
CA GLY C 200 43.22 17.30 0.01
C GLY C 200 44.47 17.03 -0.79
N VAL C 201 44.79 15.76 -1.09
CA VAL C 201 45.97 15.39 -1.84
C VAL C 201 45.53 14.64 -3.09
N VAL C 202 45.99 15.11 -4.25
CA VAL C 202 45.61 14.48 -5.51
C VAL C 202 46.32 13.13 -5.65
N GLN C 203 45.56 12.08 -5.90
CA GLN C 203 46.08 10.74 -6.07
C GLN C 203 45.91 10.32 -7.52
N GLN C 204 46.98 9.79 -8.12
CA GLN C 204 46.90 9.25 -9.46
C GLN C 204 46.27 7.86 -9.44
N LEU C 205 45.48 7.58 -10.48
CA LEU C 205 44.85 6.27 -10.51
C LEU C 205 45.75 5.25 -11.20
N PRO C 206 45.74 4.01 -10.72
CA PRO C 206 46.55 2.97 -11.37
C PRO C 206 45.99 2.57 -12.72
N GLU C 207 46.87 2.08 -13.58
CA GLU C 207 46.44 1.57 -14.88
C GLU C 207 45.59 0.32 -14.68
N THR C 208 44.54 0.19 -15.49
CA THR C 208 43.57 -0.86 -15.30
C THR C 208 42.95 -1.26 -16.63
N TYR C 209 42.23 -2.37 -16.60
CA TYR C 209 41.43 -2.83 -17.72
C TYR C 209 39.97 -2.51 -17.48
N PHE C 210 39.28 -2.09 -18.54
CA PHE C 210 37.91 -1.63 -18.44
C PHE C 210 36.96 -2.66 -19.05
N THR C 211 35.91 -3.01 -18.32
CA THR C 211 34.91 -3.92 -18.82
C THR C 211 34.11 -3.28 -19.95
N GLN C 212 33.81 -4.07 -20.98
CA GLN C 212 33.06 -3.55 -22.12
C GLN C 212 31.58 -3.40 -21.83
N SER C 213 31.04 -4.21 -20.90
CA SER C 213 29.64 -4.14 -20.49
C SER C 213 28.70 -4.34 -21.67
N ARG C 214 28.78 -5.52 -22.27
CA ARG C 214 27.90 -5.90 -23.34
C ARG C 214 26.73 -6.72 -22.79
N ASN C 215 25.92 -7.28 -23.68
CA ASN C 215 24.82 -8.14 -23.29
C ASN C 215 24.63 -9.22 -24.35
N LEU C 216 24.00 -10.32 -23.94
CA LEU C 216 23.90 -11.49 -24.82
C LEU C 216 23.07 -11.19 -26.06
N GLN C 217 21.94 -10.51 -25.90
CA GLN C 217 21.05 -10.27 -27.04
C GLN C 217 21.71 -9.36 -28.06
N GLU C 218 22.07 -8.15 -27.65
CA GLU C 218 22.71 -7.19 -28.56
C GLU C 218 24.23 -7.28 -28.39
N PHE C 219 24.76 -8.43 -28.80
CA PHE C 219 26.19 -8.72 -28.68
C PHE C 219 26.86 -8.51 -30.04
N LYS C 220 27.88 -7.65 -30.07
CA LYS C 220 28.63 -7.39 -31.29
C LYS C 220 30.12 -7.40 -30.94
N PRO C 221 30.93 -8.18 -31.63
CA PRO C 221 32.37 -8.20 -31.34
C PRO C 221 33.01 -6.86 -31.65
N ARG C 222 34.05 -6.52 -30.86
CA ARG C 222 34.74 -5.26 -30.99
C ARG C 222 36.21 -5.44 -31.34
N SER C 223 36.62 -6.64 -31.76
CA SER C 223 38.00 -6.89 -32.15
C SER C 223 38.03 -8.09 -33.08
N GLN C 224 39.16 -8.23 -33.79
CA GLN C 224 39.32 -9.35 -34.70
C GLN C 224 39.32 -10.69 -33.95
N MET C 225 39.96 -10.72 -32.78
CA MET C 225 40.02 -11.96 -32.02
C MET C 225 38.64 -12.43 -31.60
N GLU C 226 37.77 -11.50 -31.21
CA GLU C 226 36.40 -11.87 -30.84
C GLU C 226 35.65 -12.44 -32.03
N ILE C 227 35.85 -11.87 -33.23
CA ILE C 227 35.18 -12.37 -34.41
C ILE C 227 35.60 -13.81 -34.70
N ASP C 228 36.90 -14.09 -34.56
CA ASP C 228 37.38 -15.46 -34.74
C ASP C 228 36.78 -16.38 -33.68
N PHE C 229 36.66 -15.90 -32.45
CA PHE C 229 36.09 -16.71 -31.37
C PHE C 229 34.64 -17.08 -31.67
N LEU C 230 33.85 -16.12 -32.16
CA LEU C 230 32.44 -16.37 -32.42
C LEU C 230 32.21 -17.19 -33.68
N GLU C 231 33.18 -17.28 -34.57
CA GLU C 231 33.03 -17.98 -35.84
C GLU C 231 33.79 -19.30 -35.89
N LEU C 232 35.08 -19.29 -35.55
CA LEU C 232 35.88 -20.50 -35.65
C LEU C 232 35.52 -21.48 -34.54
N ALA C 233 35.97 -22.72 -34.72
CA ALA C 233 35.73 -23.76 -33.73
C ALA C 233 36.64 -23.55 -32.51
N MET C 234 36.35 -24.30 -31.46
CA MET C 234 37.14 -24.18 -30.23
C MET C 234 38.59 -24.59 -30.47
N ASP C 235 38.80 -25.73 -31.14
CA ASP C 235 40.17 -26.18 -31.39
C ASP C 235 40.90 -25.23 -32.33
N GLU C 236 40.21 -24.75 -33.37
CA GLU C 236 40.86 -23.87 -34.33
C GLU C 236 41.27 -22.55 -33.69
N PHE C 237 40.40 -21.98 -32.84
CA PHE C 237 40.71 -20.71 -32.21
C PHE C 237 41.91 -20.82 -31.28
N ILE C 238 42.00 -21.90 -30.52
CA ILE C 238 43.12 -22.09 -29.60
C ILE C 238 44.42 -22.23 -30.39
N GLU C 239 44.40 -23.00 -31.47
CA GLU C 239 45.61 -23.22 -32.25
C GLU C 239 46.11 -21.93 -32.89
N ARG C 240 45.20 -21.11 -33.42
CA ARG C 240 45.61 -19.90 -34.13
C ARG C 240 46.28 -18.91 -33.19
N TYR C 241 45.73 -18.72 -32.00
CA TYR C 241 46.27 -17.74 -31.05
C TYR C 241 47.16 -18.38 -30.00
N LYS C 242 47.46 -19.67 -30.11
CA LYS C 242 48.37 -20.37 -29.21
C LYS C 242 47.91 -20.26 -27.76
N LEU C 243 46.71 -20.78 -27.49
CA LEU C 243 46.13 -20.78 -26.15
C LEU C 243 46.23 -22.14 -25.47
N GLU C 244 47.10 -23.03 -25.98
CA GLU C 244 47.26 -24.34 -25.38
C GLU C 244 47.84 -24.21 -23.98
N GLY C 245 47.39 -25.08 -23.07
CA GLY C 245 47.81 -25.01 -21.69
C GLY C 245 47.31 -23.81 -20.94
N TYR C 246 46.06 -23.40 -21.18
CA TYR C 246 45.47 -22.29 -20.45
C TYR C 246 44.02 -22.55 -20.07
N ALA C 247 43.52 -23.78 -20.23
CA ALA C 247 42.16 -24.17 -19.86
C ALA C 247 41.11 -23.31 -20.55
N PHE C 248 41.43 -22.81 -21.76
CA PHE C 248 40.48 -21.98 -22.48
C PHE C 248 39.25 -22.75 -22.90
N GLU C 249 39.31 -24.08 -22.93
CA GLU C 249 38.15 -24.88 -23.29
C GLU C 249 37.06 -24.78 -22.22
N ALA C 250 37.46 -24.70 -20.95
CA ALA C 250 36.51 -24.64 -19.84
C ALA C 250 36.29 -23.23 -19.31
N ILE C 251 37.33 -22.40 -19.28
CA ILE C 251 37.22 -21.08 -18.68
C ILE C 251 36.22 -20.22 -19.46
N VAL C 252 36.32 -20.22 -20.78
CA VAL C 252 35.54 -19.33 -21.63
C VAL C 252 34.43 -20.07 -22.36
N TYR C 253 34.76 -21.18 -23.03
CA TYR C 253 33.74 -21.94 -23.75
C TYR C 253 32.73 -22.57 -22.79
N GLY C 254 33.20 -23.11 -21.68
CA GLY C 254 32.34 -23.77 -20.73
C GLY C 254 32.25 -25.27 -20.97
N ASP C 255 31.79 -25.97 -19.93
CA ASP C 255 31.68 -27.43 -19.97
C ASP C 255 30.23 -27.80 -19.67
N PHE C 256 29.44 -28.01 -20.72
CA PHE C 256 28.04 -28.39 -20.58
C PHE C 256 27.88 -29.92 -20.67
N SER C 257 28.55 -30.62 -19.76
CA SER C 257 28.54 -32.07 -19.77
C SER C 257 28.23 -32.71 -18.41
N HIS C 258 28.32 -31.97 -17.31
CA HIS C 258 28.07 -32.51 -15.98
C HIS C 258 26.80 -31.90 -15.41
N SER C 259 26.45 -32.35 -14.19
CA SER C 259 25.27 -31.82 -13.52
C SER C 259 25.41 -30.34 -13.22
N GLN C 260 26.64 -29.86 -13.02
CA GLN C 260 26.91 -28.46 -12.78
C GLN C 260 27.78 -27.90 -13.90
N LEU C 261 27.55 -26.63 -14.23
CA LEU C 261 28.31 -25.97 -15.27
C LEU C 261 29.78 -25.84 -14.86
N GLY C 262 30.67 -26.02 -15.83
CA GLY C 262 32.09 -25.87 -15.57
C GLY C 262 32.70 -24.67 -16.27
N GLY C 263 33.17 -23.71 -15.49
CA GLY C 263 33.82 -22.54 -16.08
C GLY C 263 32.80 -21.55 -16.59
N LEU C 264 33.02 -21.07 -17.81
CA LEU C 264 32.14 -20.09 -18.46
C LEU C 264 32.04 -18.82 -17.63
N HIS C 265 33.18 -18.13 -17.51
CA HIS C 265 33.29 -16.94 -16.67
C HIS C 265 33.57 -15.68 -17.48
N LEU C 266 33.37 -15.72 -18.80
CA LEU C 266 33.52 -14.54 -19.64
C LEU C 266 32.23 -14.33 -20.43
N LEU C 267 31.77 -13.07 -20.48
CA LEU C 267 30.51 -12.77 -21.14
C LEU C 267 30.57 -13.10 -22.63
N ILE C 268 31.77 -13.05 -23.23
CA ILE C 268 31.90 -13.43 -24.63
C ILE C 268 31.60 -14.91 -24.81
N GLY C 269 32.02 -15.74 -23.84
CA GLY C 269 31.70 -17.16 -23.90
C GLY C 269 30.21 -17.42 -23.78
N LEU C 270 29.53 -16.62 -22.98
CA LEU C 270 28.07 -16.76 -22.87
C LEU C 270 27.40 -16.46 -24.20
N ALA C 271 27.87 -15.43 -24.91
CA ALA C 271 27.25 -15.04 -26.16
C ALA C 271 27.35 -16.14 -27.21
N LYS C 272 28.51 -16.79 -27.30
CA LYS C 272 28.69 -17.86 -28.28
C LYS C 272 27.75 -19.03 -27.99
N ARG C 273 27.62 -19.39 -26.71
CA ARG C 273 26.71 -20.47 -26.33
C ARG C 273 25.26 -20.08 -26.60
N PHE C 274 24.91 -18.81 -26.36
CA PHE C 274 23.54 -18.36 -26.54
C PHE C 274 23.10 -18.49 -28.00
N LYS C 275 23.98 -18.14 -28.94
CA LYS C 275 23.63 -18.27 -30.35
C LYS C 275 23.44 -19.73 -30.74
N GLU C 276 24.19 -20.64 -30.14
CA GLU C 276 24.01 -22.06 -30.42
C GLU C 276 22.74 -22.58 -29.78
N SER C 277 22.62 -22.44 -28.46
CA SER C 277 21.45 -22.89 -27.72
C SER C 277 21.02 -21.81 -26.75
N PRO C 278 19.77 -21.36 -26.79
CA PRO C 278 19.32 -20.32 -25.86
C PRO C 278 19.24 -20.84 -24.43
N PHE C 279 19.41 -19.92 -23.48
CA PHE C 279 19.28 -20.23 -22.07
C PHE C 279 18.91 -18.94 -21.34
N GLU C 280 18.63 -19.07 -20.04
CA GLU C 280 18.19 -17.96 -19.21
C GLU C 280 19.24 -17.65 -18.15
N LEU C 281 19.58 -16.37 -18.02
CA LEU C 281 20.49 -15.90 -16.98
C LEU C 281 19.66 -15.18 -15.93
N GLU C 282 19.32 -15.88 -14.86
CA GLU C 282 18.55 -15.30 -13.77
C GLU C 282 19.50 -14.57 -12.84
N ASP C 283 19.41 -13.24 -12.82
CA ASP C 283 20.25 -12.41 -11.98
C ASP C 283 19.50 -12.12 -10.69
N PHE C 284 19.99 -12.66 -9.57
CA PHE C 284 19.33 -12.49 -8.28
C PHE C 284 19.71 -11.19 -7.58
N ILE C 285 20.69 -10.44 -8.09
CA ILE C 285 21.03 -9.13 -7.55
C ILE C 285 21.00 -8.14 -8.70
N PRO C 286 19.84 -7.62 -9.07
CA PRO C 286 19.78 -6.71 -10.23
C PRO C 286 20.43 -5.37 -9.96
N MET C 287 21.75 -5.36 -9.85
CA MET C 287 22.53 -4.14 -9.73
C MET C 287 23.67 -4.19 -10.74
N ASP C 288 24.41 -3.10 -10.84
CA ASP C 288 25.50 -2.97 -11.78
C ASP C 288 26.82 -3.04 -11.04
N SER C 289 27.65 -4.03 -11.38
CA SER C 289 28.92 -4.22 -10.71
C SER C 289 29.90 -4.84 -11.71
N THR C 290 31.19 -4.73 -11.38
CA THR C 290 32.23 -5.26 -12.27
C THR C 290 32.10 -6.76 -12.46
N VAL C 291 31.86 -7.49 -11.37
CA VAL C 291 31.70 -8.94 -11.41
C VAL C 291 30.23 -9.25 -11.15
N LYS C 292 29.61 -9.95 -12.09
CA LYS C 292 28.19 -10.29 -12.01
C LYS C 292 28.03 -11.77 -11.67
N ASN C 293 27.08 -12.07 -10.80
CA ASN C 293 26.74 -13.44 -10.47
C ASN C 293 25.41 -13.79 -11.14
N TYR C 294 25.40 -14.92 -11.84
CA TYR C 294 24.23 -15.35 -12.60
C TYR C 294 23.82 -16.75 -12.18
N PHE C 295 22.51 -16.99 -12.19
CA PHE C 295 21.94 -18.31 -11.97
C PHE C 295 21.67 -18.93 -13.33
N ILE C 296 22.73 -19.40 -13.97
CA ILE C 296 22.66 -19.86 -15.35
C ILE C 296 22.04 -21.26 -15.39
N THR C 297 21.09 -21.45 -16.29
CA THR C 297 20.43 -22.74 -16.51
C THR C 297 20.40 -23.00 -18.01
N ASP C 298 21.22 -23.95 -18.46
CA ASP C 298 21.26 -24.29 -19.88
C ASP C 298 20.02 -25.08 -20.25
N ALA C 299 19.36 -24.67 -21.33
CA ALA C 299 18.09 -25.27 -21.73
C ALA C 299 18.24 -26.50 -22.61
N GLN C 300 19.45 -26.78 -23.12
CA GLN C 300 19.68 -27.95 -23.96
C GLN C 300 20.20 -29.14 -23.16
N THR C 301 21.34 -28.97 -22.51
CA THR C 301 21.95 -30.06 -21.74
C THR C 301 21.43 -30.15 -20.32
N GLY C 302 20.62 -29.19 -19.88
CA GLY C 302 20.11 -29.22 -18.52
C GLY C 302 21.14 -28.89 -17.46
N SER C 303 22.29 -28.34 -17.84
CA SER C 303 23.34 -27.99 -16.90
C SER C 303 23.02 -26.65 -16.26
N SER C 304 23.05 -26.60 -14.93
CA SER C 304 22.79 -25.38 -14.18
C SER C 304 23.86 -25.20 -13.11
N LYS C 305 24.20 -23.94 -12.85
CA LYS C 305 25.18 -23.60 -11.84
C LYS C 305 24.58 -22.56 -10.90
N CYS C 306 24.73 -22.78 -9.59
CA CYS C 306 24.12 -21.87 -8.62
C CYS C 306 24.69 -20.47 -8.74
N VAL C 307 26.01 -20.35 -8.69
CA VAL C 307 26.70 -19.07 -8.79
C VAL C 307 27.69 -19.16 -9.94
N CYS C 308 27.60 -18.22 -10.87
CA CYS C 308 28.49 -18.16 -12.03
C CYS C 308 29.03 -16.74 -12.14
N SER C 309 30.28 -16.55 -11.73
CA SER C 309 30.91 -15.24 -11.76
C SER C 309 31.23 -14.87 -13.21
N VAL C 310 30.40 -14.01 -13.80
CA VAL C 310 30.54 -13.61 -15.19
C VAL C 310 31.07 -12.18 -15.22
N ILE C 311 32.27 -12.01 -15.79
CA ILE C 311 32.89 -10.70 -15.95
C ILE C 311 33.12 -10.48 -17.43
N ASP C 312 32.65 -9.34 -17.94
CA ASP C 312 32.77 -9.01 -19.35
C ASP C 312 34.08 -8.27 -19.58
N LEU C 313 35.06 -8.96 -20.16
CA LEU C 313 36.35 -8.37 -20.47
C LEU C 313 36.64 -8.54 -21.95
N LEU C 314 37.37 -7.59 -22.51
CA LEU C 314 37.83 -7.70 -23.89
C LEU C 314 38.71 -8.94 -24.03
N LEU C 315 38.45 -9.72 -25.08
CA LEU C 315 39.17 -10.98 -25.25
C LEU C 315 40.67 -10.74 -25.43
N ASP C 316 41.05 -9.62 -26.05
CA ASP C 316 42.45 -9.29 -26.18
C ASP C 316 43.09 -9.05 -24.81
N ASP C 317 42.38 -8.35 -23.92
CA ASP C 317 42.92 -8.07 -22.60
C ASP C 317 42.97 -9.32 -21.74
N PHE C 318 41.95 -10.19 -21.85
CA PHE C 318 41.94 -11.43 -21.09
C PHE C 318 43.08 -12.34 -21.51
N VAL C 319 43.37 -12.40 -22.82
CA VAL C 319 44.48 -13.20 -23.31
C VAL C 319 45.80 -12.67 -22.74
N GLU C 320 45.95 -11.35 -22.69
CA GLU C 320 47.15 -10.76 -22.10
C GLU C 320 47.25 -11.11 -20.62
N ILE C 321 46.13 -11.09 -19.90
CA ILE C 321 46.14 -11.48 -18.50
C ILE C 321 46.50 -12.96 -18.34
N ILE C 322 45.87 -13.81 -19.15
CA ILE C 322 46.07 -15.25 -19.00
C ILE C 322 47.47 -15.65 -19.44
N LYS C 323 48.08 -14.89 -20.35
CA LYS C 323 49.45 -15.15 -20.76
C LYS C 323 50.48 -14.58 -19.81
N SER C 324 50.05 -13.79 -18.82
CA SER C 324 50.93 -13.25 -17.80
C SER C 324 50.57 -13.81 -16.42
N GLN C 325 49.91 -14.97 -16.41
CA GLN C 325 49.46 -15.58 -15.17
C GLN C 325 50.56 -16.34 -14.44
N ASP C 326 51.58 -16.80 -15.16
CA ASP C 326 52.75 -17.48 -14.58
C ASP C 326 52.32 -18.73 -13.81
N LEU C 327 51.78 -19.68 -14.57
CA LEU C 327 51.27 -20.92 -13.99
C LEU C 327 52.42 -21.80 -13.50
N SER C 328 52.75 -21.67 -12.21
CA SER C 328 53.81 -22.46 -11.60
C SER C 328 53.44 -23.08 -10.26
N VAL C 329 52.34 -22.68 -9.65
CA VAL C 329 51.90 -23.22 -8.36
C VAL C 329 50.52 -23.85 -8.53
N VAL C 330 50.19 -24.73 -7.60
CA VAL C 330 48.93 -25.47 -7.68
C VAL C 330 47.74 -24.52 -7.53
N SER C 331 47.77 -23.67 -6.52
CA SER C 331 46.70 -22.73 -6.27
C SER C 331 47.28 -21.37 -5.89
N LYS C 332 46.66 -20.30 -6.39
CA LYS C 332 47.12 -18.96 -6.11
C LYS C 332 45.99 -17.97 -6.35
N VAL C 333 45.92 -16.95 -5.51
CA VAL C 333 44.96 -15.86 -5.66
C VAL C 333 45.67 -14.69 -6.33
N VAL C 334 45.13 -14.22 -7.44
CA VAL C 334 45.77 -13.20 -8.27
C VAL C 334 44.96 -11.91 -8.15
N LYS C 335 45.65 -10.81 -7.83
CA LYS C 335 45.03 -9.50 -7.72
C LYS C 335 45.20 -8.77 -9.04
N VAL C 336 44.09 -8.50 -9.72
CA VAL C 336 44.09 -7.84 -11.02
C VAL C 336 43.32 -6.54 -10.89
N THR C 337 43.93 -5.44 -11.34
CA THR C 337 43.28 -4.14 -11.31
C THR C 337 42.30 -4.05 -12.47
N ILE C 338 41.01 -4.15 -12.17
CA ILE C 338 39.94 -4.04 -13.16
C ILE C 338 38.98 -2.96 -12.69
N ASP C 339 38.70 -1.98 -13.56
CA ASP C 339 37.78 -0.89 -13.25
C ASP C 339 38.22 -0.15 -11.98
N TYR C 340 39.51 0.16 -11.90
CA TYR C 340 40.09 0.93 -10.80
C TYR C 340 39.93 0.22 -9.45
N THR C 341 39.86 -1.11 -9.45
CA THR C 341 39.76 -1.83 -8.19
C THR C 341 40.44 -3.20 -8.34
N GLU C 342 40.78 -3.79 -7.21
CA GLU C 342 41.43 -5.09 -7.20
C GLU C 342 40.37 -6.19 -7.25
N ILE C 343 40.60 -7.18 -8.12
CA ILE C 343 39.71 -8.33 -8.26
C ILE C 343 40.53 -9.58 -7.99
N SER C 344 40.05 -10.41 -7.05
CA SER C 344 40.74 -11.63 -6.68
C SER C 344 40.25 -12.77 -7.56
N PHE C 345 41.15 -13.34 -8.36
CA PHE C 345 40.85 -14.46 -9.23
C PHE C 345 41.36 -15.74 -8.58
N MET C 346 40.47 -16.70 -8.38
CA MET C 346 40.84 -17.99 -7.83
C MET C 346 41.42 -18.86 -8.94
N LEU C 347 42.71 -19.16 -8.84
CA LEU C 347 43.42 -19.92 -9.87
C LEU C 347 43.81 -21.29 -9.33
N TRP C 348 43.44 -22.33 -10.05
CA TRP C 348 43.84 -23.70 -9.75
C TRP C 348 44.60 -24.27 -10.94
N CYS C 349 45.80 -24.78 -10.70
CA CYS C 349 46.65 -25.31 -11.75
C CYS C 349 47.07 -26.73 -11.41
N LYS C 350 46.78 -27.66 -12.30
CA LYS C 350 47.28 -29.02 -12.21
C LYS C 350 48.67 -29.07 -12.84
N ASP C 351 49.48 -30.02 -12.38
CA ASP C 351 50.84 -30.16 -12.90
C ASP C 351 50.81 -30.38 -14.41
N GLY C 352 51.29 -29.40 -15.17
CA GLY C 352 51.33 -29.52 -16.62
C GLY C 352 50.55 -28.47 -17.37
N HIS C 353 49.42 -28.04 -16.81
CA HIS C 353 48.53 -27.10 -17.49
C HIS C 353 47.72 -26.33 -16.46
N VAL C 354 46.66 -25.68 -16.91
CA VAL C 354 45.75 -24.93 -16.04
C VAL C 354 44.47 -25.73 -15.86
N GLU C 355 43.98 -25.79 -14.63
CA GLU C 355 42.76 -26.52 -14.33
C GLU C 355 41.53 -25.64 -14.41
N THR C 356 41.47 -24.58 -13.60
CA THR C 356 40.34 -23.67 -13.59
C THR C 356 40.81 -22.31 -13.10
N PHE C 357 40.33 -21.26 -13.76
CA PHE C 357 40.69 -19.88 -13.44
C PHE C 357 39.41 -19.05 -13.43
N TYR C 358 38.85 -18.82 -12.25
CA TYR C 358 37.60 -18.10 -12.12
C TYR C 358 37.71 -17.03 -11.03
N PRO C 359 37.02 -15.91 -11.19
CA PRO C 359 37.01 -14.89 -10.15
C PRO C 359 36.16 -15.33 -8.96
N LYS C 360 36.46 -14.73 -7.80
CA LYS C 360 35.71 -15.02 -6.58
C LYS C 360 34.61 -13.99 -6.37
CA LEU D 14 -28.58 -17.18 -2.87
C LEU D 14 -27.37 -16.54 -3.53
N GLU D 15 -27.06 -15.31 -3.12
CA GLU D 15 -25.94 -14.55 -3.65
C GLU D 15 -24.90 -14.32 -2.57
N MET D 16 -23.63 -14.60 -2.90
CA MET D 16 -22.51 -14.42 -1.98
C MET D 16 -21.46 -13.60 -2.71
N SER D 17 -21.55 -12.28 -2.62
CA SER D 17 -20.65 -11.38 -3.32
C SER D 17 -20.33 -10.20 -2.40
N LEU D 18 -19.26 -9.48 -2.76
CA LEU D 18 -18.81 -8.36 -1.92
C LEU D 18 -19.84 -7.25 -1.88
N GLU D 19 -20.44 -6.90 -3.02
CA GLU D 19 -21.39 -5.80 -3.04
C GLU D 19 -22.69 -6.14 -2.32
N ASN D 20 -23.05 -7.42 -2.24
CA ASN D 20 -24.22 -7.79 -1.46
C ASN D 20 -23.92 -7.74 0.03
N VAL D 21 -22.71 -8.12 0.42
CA VAL D 21 -22.33 -8.08 1.83
C VAL D 21 -22.34 -6.64 2.35
N ALA D 22 -21.81 -5.70 1.54
CA ALA D 22 -21.79 -4.31 1.95
C ALA D 22 -23.19 -3.70 2.01
N PHE D 23 -24.16 -4.28 1.32
CA PHE D 23 -25.54 -3.78 1.43
C PHE D 23 -26.11 -4.07 2.81
N ASN D 24 -25.84 -5.26 3.34
CA ASN D 24 -26.39 -5.63 4.64
C ASN D 24 -25.75 -4.80 5.76
N VAL D 25 -24.47 -4.48 5.63
CA VAL D 25 -23.81 -3.64 6.64
C VAL D 25 -24.47 -2.26 6.70
N VAL D 26 -24.74 -1.68 5.54
CA VAL D 26 -25.34 -0.35 5.49
C VAL D 26 -26.74 -0.37 6.09
N ASN D 27 -27.54 -1.38 5.77
CA ASN D 27 -28.93 -1.42 6.19
C ASN D 27 -29.16 -2.16 7.50
N LYS D 28 -28.29 -3.08 7.89
CA LYS D 28 -28.53 -3.87 9.08
C LYS D 28 -27.32 -4.06 9.99
N GLY D 29 -26.17 -3.48 9.67
CA GLY D 29 -24.99 -3.56 10.51
C GLY D 29 -24.31 -4.91 10.53
N HIS D 30 -24.98 -5.98 10.11
CA HIS D 30 -24.39 -7.30 10.04
C HIS D 30 -25.07 -8.07 8.93
N PHE D 31 -24.39 -9.10 8.44
CA PHE D 31 -24.90 -9.91 7.33
C PHE D 31 -26.11 -10.70 7.83
N ASP D 32 -27.30 -10.28 7.41
CA ASP D 32 -28.53 -10.99 7.76
C ASP D 32 -28.95 -11.98 6.68
N GLY D 33 -28.74 -11.63 5.42
CA GLY D 33 -29.10 -12.51 4.32
C GLY D 33 -30.05 -11.86 3.33
N GLN D 34 -30.10 -10.53 3.35
CA GLN D 34 -30.98 -9.80 2.44
C GLN D 34 -30.39 -9.76 1.04
N GLN D 35 -31.23 -9.40 0.08
CA GLN D 35 -30.84 -9.27 -1.32
C GLN D 35 -30.73 -7.81 -1.68
N GLY D 36 -29.59 -7.42 -2.23
CA GLY D 36 -29.35 -6.05 -2.63
C GLY D 36 -27.89 -5.81 -2.88
N GLU D 37 -27.61 -4.70 -3.55
CA GLU D 37 -26.24 -4.35 -3.91
C GLU D 37 -26.04 -2.85 -3.75
N VAL D 38 -24.85 -2.48 -3.29
CA VAL D 38 -24.46 -1.08 -3.18
C VAL D 38 -23.06 -0.90 -3.74
N PRO D 39 -22.76 0.29 -4.25
CA PRO D 39 -21.41 0.56 -4.75
C PRO D 39 -20.37 0.37 -3.66
N VAL D 40 -19.24 -0.22 -4.04
CA VAL D 40 -18.15 -0.49 -3.10
C VAL D 40 -16.84 -0.09 -3.77
N SER D 41 -16.00 0.65 -3.03
CA SER D 41 -14.68 1.05 -3.51
C SER D 41 -13.65 0.58 -2.50
N ILE D 42 -12.66 -0.17 -2.97
CA ILE D 42 -11.62 -0.71 -2.11
C ILE D 42 -10.35 0.09 -2.33
N ILE D 43 -9.97 0.88 -1.32
CA ILE D 43 -8.75 1.67 -1.34
C ILE D 43 -7.92 1.29 -0.14
N ASN D 44 -6.65 0.97 -0.36
CA ASN D 44 -5.75 0.52 0.72
C ASN D 44 -6.37 -0.75 1.31
N ASN D 45 -6.42 -0.86 2.64
CA ASN D 45 -7.11 -1.96 3.30
C ASN D 45 -8.54 -1.62 3.67
N THR D 46 -9.01 -0.42 3.32
CA THR D 46 -10.33 0.05 3.70
C THR D 46 -11.35 -0.30 2.64
N VAL D 47 -12.60 -0.45 3.05
CA VAL D 47 -13.71 -0.77 2.16
C VAL D 47 -14.71 0.36 2.25
N TYR D 48 -14.73 1.23 1.24
CA TYR D 48 -15.62 2.38 1.22
C TYR D 48 -16.89 2.06 0.44
N THR D 49 -17.93 2.84 0.70
CA THR D 49 -19.18 2.74 -0.03
C THR D 49 -19.64 4.14 -0.39
N LYS D 50 -20.43 4.22 -1.46
CA LYS D 50 -20.93 5.50 -1.97
C LYS D 50 -22.35 5.71 -1.45
N VAL D 51 -22.51 6.64 -0.52
CA VAL D 51 -23.81 7.02 0.02
C VAL D 51 -24.01 8.51 -0.23
N ASP D 52 -25.09 8.85 -0.93
CA ASP D 52 -25.40 10.24 -1.27
C ASP D 52 -24.26 10.91 -2.04
N GLY D 53 -23.61 10.15 -2.91
CA GLY D 53 -22.60 10.69 -3.79
C GLY D 53 -21.23 10.91 -3.17
N VAL D 54 -21.03 10.51 -1.92
CA VAL D 54 -19.74 10.67 -1.24
C VAL D 54 -19.34 9.35 -0.60
N ASP D 55 -18.06 9.03 -0.68
CA ASP D 55 -17.57 7.77 -0.15
C ASP D 55 -17.59 7.79 1.38
N VAL D 56 -18.13 6.73 1.96
CA VAL D 56 -18.21 6.58 3.42
C VAL D 56 -17.49 5.29 3.79
N GLU D 57 -16.54 5.38 4.72
CA GLU D 57 -15.79 4.20 5.14
C GLU D 57 -16.69 3.24 5.89
N LEU D 58 -16.62 1.97 5.55
CA LEU D 58 -17.38 0.94 6.24
C LEU D 58 -16.53 0.06 7.15
N PHE D 59 -15.29 -0.21 6.77
CA PHE D 59 -14.44 -1.12 7.54
C PHE D 59 -12.98 -0.96 7.16
N GLU D 60 -12.11 -0.93 8.15
CA GLU D 60 -10.67 -0.87 7.93
C GLU D 60 -10.05 -2.19 8.34
N ASN D 61 -9.30 -2.81 7.44
CA ASN D 61 -8.79 -4.15 7.68
C ASN D 61 -7.57 -4.08 8.60
N LYS D 62 -7.71 -4.64 9.80
CA LYS D 62 -6.61 -4.79 10.74
C LYS D 62 -6.08 -6.21 10.78
N THR D 63 -6.57 -7.09 9.90
CA THR D 63 -6.30 -8.52 9.98
C THR D 63 -5.12 -8.90 9.09
N THR D 64 -4.91 -10.21 8.93
CA THR D 64 -3.90 -10.75 8.02
C THR D 64 -4.51 -11.35 6.78
N LEU D 65 -5.81 -11.36 6.68
CA LEU D 65 -6.56 -11.91 5.57
C LEU D 65 -6.72 -10.86 4.47
N PRO D 66 -7.07 -11.30 3.25
CA PRO D 66 -7.35 -10.33 2.18
C PRO D 66 -8.47 -9.38 2.58
N VAL D 67 -8.52 -8.25 1.87
CA VAL D 67 -9.43 -7.18 2.24
C VAL D 67 -10.88 -7.64 2.16
N ASN D 68 -11.25 -8.29 1.07
CA ASN D 68 -12.64 -8.71 0.90
C ASN D 68 -12.97 -9.96 1.72
N VAL D 69 -11.97 -10.80 2.02
CA VAL D 69 -12.22 -11.99 2.82
C VAL D 69 -12.52 -11.60 4.27
N ALA D 70 -11.73 -10.68 4.82
CA ALA D 70 -11.95 -10.24 6.19
C ALA D 70 -13.30 -9.55 6.33
N PHE D 71 -13.66 -8.73 5.36
CA PHE D 71 -14.95 -8.03 5.41
C PHE D 71 -16.12 -8.99 5.38
N GLU D 72 -16.01 -10.08 4.61
CA GLU D 72 -17.09 -11.05 4.57
C GLU D 72 -17.20 -11.81 5.88
N LEU D 73 -16.06 -12.11 6.52
CA LEU D 73 -16.10 -12.77 7.83
C LEU D 73 -16.61 -11.82 8.91
N TRP D 74 -16.26 -10.54 8.82
CA TRP D 74 -16.72 -9.58 9.81
C TRP D 74 -18.23 -9.42 9.79
N ALA D 75 -18.81 -9.38 8.59
CA ALA D 75 -20.27 -9.25 8.49
C ALA D 75 -20.98 -10.49 8.98
N LYS D 76 -20.41 -11.68 8.74
CA LYS D 76 -21.01 -12.93 9.15
C LYS D 76 -20.64 -13.34 10.57
N ARG D 77 -20.20 -12.39 11.39
CA ARG D 77 -19.85 -12.70 12.76
C ARG D 77 -21.08 -13.10 13.56
N ASN D 78 -20.85 -13.78 14.67
CA ASN D 78 -21.93 -14.24 15.53
C ASN D 78 -22.27 -13.14 16.52
N ILE D 79 -23.51 -12.63 16.44
CA ILE D 79 -23.95 -11.55 17.31
C ILE D 79 -24.66 -12.06 18.56
N LYS D 80 -24.95 -13.35 18.64
CA LYS D 80 -25.52 -13.92 19.84
C LYS D 80 -24.48 -13.99 20.95
N PRO D 81 -24.90 -14.08 22.20
CA PRO D 81 -23.94 -14.28 23.29
C PRO D 81 -23.11 -15.54 23.07
N VAL D 82 -21.80 -15.35 22.94
CA VAL D 82 -20.89 -16.46 22.64
C VAL D 82 -19.83 -16.51 23.73
N PRO D 83 -19.23 -17.68 23.94
CA PRO D 83 -18.17 -17.79 24.95
C PRO D 83 -16.99 -16.89 24.62
N GLU D 84 -16.33 -16.41 25.67
CA GLU D 84 -15.14 -15.59 25.49
C GLU D 84 -14.06 -16.39 24.78
N VAL D 85 -13.23 -15.70 24.00
CA VAL D 85 -12.26 -16.37 23.15
C VAL D 85 -11.28 -17.19 23.99
N LYS D 86 -10.92 -16.70 25.17
CA LYS D 86 -9.96 -17.43 26.00
C LYS D 86 -10.51 -18.78 26.44
N ILE D 87 -11.83 -18.89 26.61
CA ILE D 87 -12.42 -20.19 26.93
C ILE D 87 -12.24 -21.14 25.76
N LEU D 88 -12.48 -20.67 24.55
CA LEU D 88 -12.38 -21.54 23.37
C LEU D 88 -10.95 -21.99 23.14
N ASN D 89 -9.98 -21.08 23.28
CA ASN D 89 -8.59 -21.44 23.03
C ASN D 89 -8.12 -22.50 24.02
N ASN D 90 -8.50 -22.36 25.29
CA ASN D 90 -8.10 -23.35 26.29
C ASN D 90 -8.78 -24.69 26.07
N LEU D 91 -10.02 -24.68 25.59
CA LEU D 91 -10.72 -25.92 25.27
C LEU D 91 -10.15 -26.61 24.04
N GLY D 92 -9.26 -25.95 23.30
CA GLY D 92 -8.67 -26.55 22.12
C GLY D 92 -9.49 -26.38 20.86
N VAL D 93 -10.45 -25.45 20.85
CA VAL D 93 -11.28 -25.24 19.66
C VAL D 93 -10.42 -24.71 18.53
N ASP D 94 -10.53 -25.37 17.37
CA ASP D 94 -9.74 -24.99 16.19
C ASP D 94 -10.58 -24.35 15.09
N ILE D 95 -11.89 -24.59 15.04
CA ILE D 95 -12.73 -24.05 13.99
C ILE D 95 -14.16 -24.01 14.49
N ALA D 96 -14.95 -23.09 13.95
CA ALA D 96 -16.34 -22.91 14.36
C ALA D 96 -17.26 -23.39 13.24
N ALA D 97 -18.27 -24.17 13.60
CA ALA D 97 -19.15 -24.79 12.62
C ALA D 97 -20.22 -23.80 12.18
N ASN D 98 -20.25 -23.51 10.88
CA ASN D 98 -21.29 -22.70 10.25
C ASN D 98 -21.42 -21.30 10.86
N THR D 99 -20.35 -20.80 11.48
CA THR D 99 -20.38 -19.47 12.06
C THR D 99 -18.94 -18.99 12.24
N VAL D 100 -18.80 -17.69 12.45
CA VAL D 100 -17.51 -17.06 12.70
C VAL D 100 -17.56 -16.37 14.05
N ILE D 101 -16.61 -16.68 14.91
CA ILE D 101 -16.51 -16.09 16.24
C ILE D 101 -15.46 -14.99 16.17
N TRP D 102 -15.91 -13.74 16.25
CA TRP D 102 -15.04 -12.59 16.07
C TRP D 102 -14.36 -12.23 17.37
N ASP D 103 -13.03 -12.10 17.33
CA ASP D 103 -12.23 -11.75 18.50
C ASP D 103 -12.03 -10.24 18.49
N TYR D 104 -12.82 -9.53 19.30
CA TYR D 104 -12.79 -8.08 19.27
C TYR D 104 -11.52 -7.49 19.89
N LYS D 105 -10.76 -8.29 20.63
CA LYS D 105 -9.53 -7.77 21.22
C LYS D 105 -8.51 -7.40 20.16
N ARG D 106 -8.37 -8.23 19.13
CA ARG D 106 -7.44 -7.97 18.04
C ARG D 106 -8.14 -7.70 16.71
N ASP D 107 -9.48 -7.58 16.72
CA ASP D 107 -10.26 -7.27 15.52
C ASP D 107 -9.97 -8.25 14.39
N ALA D 108 -9.84 -9.53 14.73
CA ALA D 108 -9.59 -10.58 13.76
C ALA D 108 -10.40 -11.80 14.14
N PRO D 109 -10.74 -12.65 13.17
CA PRO D 109 -11.47 -13.88 13.50
C PRO D 109 -10.66 -14.74 14.46
N ALA D 110 -11.37 -15.36 15.41
CA ALA D 110 -10.71 -16.18 16.42
C ALA D 110 -10.15 -17.48 15.84
N HIS D 111 -10.57 -17.85 14.63
CA HIS D 111 -10.13 -19.09 14.00
C HIS D 111 -9.72 -18.80 12.56
N ILE D 112 -8.60 -19.39 12.15
CA ILE D 112 -8.05 -19.10 10.84
C ILE D 112 -9.00 -19.57 9.73
N SER D 113 -9.55 -20.76 9.87
CA SER D 113 -10.44 -21.33 8.86
C SER D 113 -11.88 -21.32 9.35
N THR D 114 -12.80 -21.52 8.42
CA THR D 114 -14.23 -21.55 8.70
C THR D 114 -14.84 -22.79 8.06
N ILE D 115 -16.13 -23.00 8.29
CA ILE D 115 -16.88 -24.11 7.71
C ILE D 115 -18.17 -23.55 7.13
N GLY D 116 -18.26 -23.53 5.81
CA GLY D 116 -19.47 -23.06 5.16
C GLY D 116 -19.80 -21.60 5.43
N VAL D 117 -18.79 -20.73 5.40
CA VAL D 117 -19.01 -19.31 5.65
C VAL D 117 -18.58 -18.49 4.45
N CYS D 118 -17.29 -18.54 4.13
CA CYS D 118 -16.72 -17.81 3.00
C CYS D 118 -15.95 -18.78 2.12
N SER D 119 -16.33 -18.85 0.84
CA SER D 119 -15.73 -19.81 -0.06
C SER D 119 -14.23 -19.63 -0.21
N MET D 120 -13.71 -18.43 0.10
CA MET D 120 -12.27 -18.22 0.00
C MET D 120 -11.51 -18.98 1.08
N THR D 121 -12.09 -19.10 2.28
CA THR D 121 -11.41 -19.75 3.39
C THR D 121 -12.07 -21.05 3.85
N ASP D 122 -13.21 -21.42 3.29
CA ASP D 122 -13.87 -22.66 3.70
C ASP D 122 -12.99 -23.86 3.41
N ILE D 123 -12.87 -24.75 4.41
CA ILE D 123 -12.25 -26.05 4.20
C ILE D 123 -13.29 -27.14 3.97
N ALA D 124 -14.57 -26.84 4.20
CA ALA D 124 -15.66 -27.77 3.95
C ALA D 124 -16.95 -26.96 4.00
N LYS D 125 -18.05 -27.58 3.58
CA LYS D 125 -19.35 -26.96 3.67
C LYS D 125 -20.19 -27.48 4.83
N LYS D 126 -19.83 -28.63 5.39
CA LYS D 126 -20.48 -29.19 6.57
C LYS D 126 -19.40 -29.68 7.53
N PRO D 127 -19.66 -29.66 8.83
CA PRO D 127 -18.67 -30.13 9.80
C PRO D 127 -18.52 -31.65 9.86
N THR D 128 -19.27 -32.38 9.05
CA THR D 128 -19.24 -33.84 9.06
C THR D 128 -18.31 -34.44 8.01
N GLU D 129 -17.60 -33.62 7.25
CA GLU D 129 -16.71 -34.13 6.22
C GLU D 129 -15.46 -34.73 6.84
N THR D 130 -14.73 -35.50 6.02
CA THR D 130 -13.54 -36.20 6.51
C THR D 130 -12.41 -35.23 6.86
N ILE D 131 -12.33 -34.09 6.17
CA ILE D 131 -11.24 -33.15 6.44
C ILE D 131 -11.38 -32.55 7.83
N CYS D 132 -12.61 -32.32 8.29
CA CYS D 132 -12.84 -31.72 9.59
C CYS D 132 -12.78 -32.71 10.74
N ALA D 133 -12.60 -34.00 10.46
CA ALA D 133 -12.57 -34.99 11.53
C ALA D 133 -11.43 -34.76 12.53
N PRO D 134 -10.14 -34.56 12.11
CA PRO D 134 -9.07 -34.32 13.08
C PRO D 134 -8.97 -32.87 13.54
N LEU D 135 -10.12 -32.28 13.87
CA LEU D 135 -10.18 -30.91 14.34
C LEU D 135 -11.29 -30.78 15.37
N THR D 136 -11.03 -30.03 16.43
CA THR D 136 -12.05 -29.75 17.45
C THR D 136 -12.93 -28.62 16.93
N VAL D 137 -14.20 -28.92 16.69
CA VAL D 137 -15.13 -27.97 16.09
C VAL D 137 -16.09 -27.47 17.16
N PHE D 138 -16.27 -26.16 17.21
CA PHE D 138 -17.15 -25.55 18.20
C PHE D 138 -18.59 -25.62 17.69
N PHE D 139 -19.43 -26.36 18.39
CA PHE D 139 -20.83 -26.54 18.02
C PHE D 139 -21.72 -25.70 18.93
N ASP D 140 -22.58 -24.89 18.33
CA ASP D 140 -23.53 -24.10 19.10
C ASP D 140 -24.68 -24.98 19.58
N GLY D 141 -25.51 -24.43 20.46
CA GLY D 141 -26.65 -25.16 20.97
C GLY D 141 -27.97 -24.47 20.68
N ARG D 142 -27.90 -23.17 20.40
CA ARG D 142 -29.09 -22.40 20.10
C ARG D 142 -29.55 -22.55 18.65
N VAL D 143 -28.77 -23.22 17.81
CA VAL D 143 -29.12 -23.48 16.42
C VAL D 143 -29.57 -24.92 16.29
N ASP D 144 -30.74 -25.13 15.70
CA ASP D 144 -31.30 -26.46 15.59
C ASP D 144 -30.42 -27.35 14.72
N GLY D 145 -30.27 -28.60 15.12
CA GLY D 145 -29.48 -29.57 14.40
C GLY D 145 -28.02 -29.62 14.77
N GLN D 146 -27.52 -28.62 15.51
CA GLN D 146 -26.12 -28.62 15.90
C GLN D 146 -25.83 -29.68 16.95
N VAL D 147 -26.80 -29.99 17.82
CA VAL D 147 -26.58 -31.01 18.83
C VAL D 147 -26.37 -32.37 18.19
N ASP D 148 -27.17 -32.69 17.16
CA ASP D 148 -27.01 -33.96 16.47
C ASP D 148 -25.66 -34.05 15.79
N LEU D 149 -25.19 -32.95 15.20
CA LEU D 149 -23.88 -32.96 14.55
C LEU D 149 -22.77 -33.20 15.57
N PHE D 150 -22.93 -32.70 16.79
CA PHE D 150 -21.91 -32.90 17.82
C PHE D 150 -21.75 -34.39 18.16
N ARG D 151 -22.86 -35.12 18.25
CA ARG D 151 -22.77 -36.54 18.58
C ARG D 151 -22.02 -37.31 17.51
N ASN D 152 -22.29 -37.01 16.23
CA ASN D 152 -21.63 -37.71 15.14
C ASN D 152 -20.20 -37.26 14.92
N ALA D 153 -19.85 -36.05 15.36
CA ALA D 153 -18.50 -35.55 15.16
C ALA D 153 -17.50 -36.29 16.03
N ARG D 154 -16.28 -36.45 15.51
CA ARG D 154 -15.24 -37.15 16.25
C ARG D 154 -14.61 -36.27 17.32
N ASN D 155 -14.28 -35.03 16.96
CA ASN D 155 -13.75 -34.05 17.90
C ASN D 155 -14.62 -32.80 17.84
N GLY D 156 -15.10 -32.35 18.99
CA GLY D 156 -15.94 -31.17 19.02
C GLY D 156 -16.23 -30.73 20.42
N VAL D 157 -16.57 -29.44 20.55
CA VAL D 157 -16.98 -28.84 21.81
C VAL D 157 -18.36 -28.23 21.62
N LEU D 158 -19.27 -28.53 22.53
CA LEU D 158 -20.66 -28.12 22.43
C LEU D 158 -21.05 -27.29 23.64
N ILE D 159 -21.78 -26.20 23.39
CA ILE D 159 -22.34 -25.36 24.44
C ILE D 159 -23.85 -25.39 24.30
N THR D 160 -24.54 -25.46 25.44
CA THR D 160 -26.00 -25.52 25.45
C THR D 160 -26.52 -24.72 26.63
N GLU D 161 -27.51 -23.86 26.37
CA GLU D 161 -28.15 -23.13 27.46
C GLU D 161 -28.90 -24.07 28.40
N GLY D 162 -29.54 -25.08 27.85
CA GLY D 162 -30.28 -26.07 28.62
C GLY D 162 -29.44 -27.29 28.92
N SER D 163 -30.05 -28.46 28.81
CA SER D 163 -29.39 -29.73 29.07
C SER D 163 -29.58 -30.66 27.88
N VAL D 164 -28.61 -31.56 27.69
CA VAL D 164 -28.62 -32.52 26.60
C VAL D 164 -28.68 -33.92 27.20
N LYS D 165 -29.62 -34.72 26.73
CA LYS D 165 -29.81 -36.06 27.28
C LYS D 165 -28.61 -36.95 26.96
N GLY D 166 -28.21 -37.75 27.94
CA GLY D 166 -27.12 -38.68 27.78
C GLY D 166 -25.73 -38.10 27.97
N LEU D 167 -25.62 -36.83 28.32
CA LEU D 167 -24.33 -36.17 28.50
C LEU D 167 -24.32 -35.45 29.84
N GLN D 168 -23.15 -35.43 30.49
CA GLN D 168 -23.00 -34.77 31.77
C GLN D 168 -22.55 -33.33 31.53
N PRO D 169 -23.38 -32.34 31.84
CA PRO D 169 -23.00 -30.95 31.56
C PRO D 169 -21.95 -30.44 32.52
N SER D 170 -21.20 -29.44 32.07
CA SER D 170 -20.25 -28.71 32.90
C SER D 170 -20.65 -27.25 32.89
N VAL D 171 -20.91 -26.68 34.06
CA VAL D 171 -21.38 -25.30 34.14
C VAL D 171 -20.23 -24.36 33.78
N GLY D 172 -20.46 -23.50 32.80
CA GLY D 172 -19.46 -22.58 32.33
C GLY D 172 -19.44 -21.29 33.10
N PRO D 173 -18.68 -20.32 32.62
CA PRO D 173 -18.60 -19.02 33.30
C PRO D 173 -19.93 -18.28 33.24
N LYS D 174 -20.18 -17.48 34.27
CA LYS D 174 -21.42 -16.71 34.32
C LYS D 174 -21.46 -15.66 33.21
N GLN D 175 -20.34 -15.00 32.94
CA GLN D 175 -20.29 -13.96 31.93
C GLN D 175 -19.95 -14.56 30.57
N ALA D 176 -20.36 -13.84 29.52
CA ALA D 176 -20.10 -14.27 28.16
C ALA D 176 -19.98 -13.04 27.27
N SER D 177 -19.22 -13.18 26.18
CA SER D 177 -19.02 -12.08 25.26
C SER D 177 -20.29 -11.80 24.48
N LEU D 178 -20.51 -10.52 24.16
CA LEU D 178 -21.65 -10.11 23.36
C LEU D 178 -21.25 -8.83 22.61
N ASN D 179 -20.94 -8.98 21.33
CA ASN D 179 -20.48 -7.86 20.50
C ASN D 179 -19.26 -7.17 21.11
N GLY D 180 -18.37 -7.97 21.69
CA GLY D 180 -17.16 -7.47 22.29
C GLY D 180 -17.30 -6.98 23.71
N VAL D 181 -18.50 -7.02 24.28
CA VAL D 181 -18.76 -6.54 25.64
C VAL D 181 -19.01 -7.75 26.53
N THR D 182 -18.19 -7.90 27.56
CA THR D 182 -18.39 -8.96 28.53
C THR D 182 -19.45 -8.55 29.53
N LEU D 183 -20.39 -9.45 29.80
CA LEU D 183 -21.50 -9.11 30.67
C LEU D 183 -22.10 -10.39 31.25
N ILE D 184 -22.74 -10.24 32.40
CA ILE D 184 -23.52 -11.31 33.01
C ILE D 184 -24.96 -11.07 32.59
N GLY D 185 -25.42 -11.83 31.61
CA GLY D 185 -26.72 -11.56 31.01
C GLY D 185 -27.86 -11.79 31.99
N GLU D 186 -28.86 -10.91 31.91
CA GLU D 186 -30.09 -11.03 32.68
C GLU D 186 -31.29 -11.35 31.80
N ALA D 187 -31.53 -10.53 30.78
CA ALA D 187 -32.61 -10.81 29.84
C ALA D 187 -32.30 -12.06 29.01
N VAL D 188 -31.05 -12.22 28.60
CA VAL D 188 -30.61 -13.38 27.82
C VAL D 188 -29.65 -14.18 28.68
N LYS D 189 -29.87 -15.50 28.75
CA LYS D 189 -29.05 -16.36 29.59
C LYS D 189 -27.67 -16.52 28.96
N THR D 190 -26.64 -16.05 29.67
CA THR D 190 -25.26 -16.12 29.19
C THR D 190 -24.45 -17.17 29.91
N GLN D 191 -25.10 -18.11 30.59
CA GLN D 191 -24.44 -19.21 31.28
C GLN D 191 -24.71 -20.49 30.50
N PHE D 192 -23.67 -21.04 29.89
CA PHE D 192 -23.79 -22.20 29.03
C PHE D 192 -23.25 -23.45 29.74
N ASN D 193 -23.60 -24.60 29.18
CA ASN D 193 -23.08 -25.89 29.63
C ASN D 193 -22.15 -26.43 28.56
N TYR D 194 -20.90 -26.69 28.94
CA TYR D 194 -19.87 -27.08 27.99
C TYR D 194 -19.70 -28.59 27.95
N TYR D 195 -19.67 -29.14 26.74
CA TYR D 195 -19.43 -30.57 26.52
C TYR D 195 -18.23 -30.72 25.59
N LYS D 196 -17.29 -31.57 25.98
CA LYS D 196 -16.09 -31.81 25.19
C LYS D 196 -16.03 -33.27 24.78
N LYS D 197 -15.80 -33.52 23.49
CA LYS D 197 -15.71 -34.86 22.95
C LYS D 197 -14.40 -34.98 22.18
N VAL D 198 -13.57 -35.95 22.58
CA VAL D 198 -12.26 -36.16 21.98
C VAL D 198 -12.17 -37.60 21.52
N ASP D 199 -11.79 -37.78 20.25
CA ASP D 199 -11.60 -39.11 19.64
C ASP D 199 -12.86 -39.96 19.75
N GLY D 200 -14.02 -39.33 19.66
CA GLY D 200 -15.28 -40.05 19.75
C GLY D 200 -15.69 -40.46 21.15
N VAL D 201 -14.97 -40.03 22.18
CA VAL D 201 -15.27 -40.36 23.56
C VAL D 201 -15.54 -39.07 24.32
N VAL D 202 -16.69 -39.01 24.99
CA VAL D 202 -17.05 -37.82 25.75
C VAL D 202 -16.20 -37.72 27.00
N GLN D 203 -15.54 -36.58 27.19
CA GLN D 203 -14.70 -36.34 28.35
C GLN D 203 -15.36 -35.28 29.23
N GLN D 204 -15.46 -35.58 30.53
CA GLN D 204 -15.98 -34.62 31.48
C GLN D 204 -14.95 -33.53 31.74
N LEU D 205 -15.44 -32.32 31.93
CA LEU D 205 -14.47 -31.25 32.13
C LEU D 205 -14.19 -31.06 33.62
N PRO D 206 -12.95 -30.79 33.98
CA PRO D 206 -12.60 -30.66 35.40
C PRO D 206 -13.31 -29.49 36.06
N GLU D 207 -13.59 -29.64 37.35
CA GLU D 207 -14.15 -28.53 38.13
C GLU D 207 -13.13 -27.40 38.19
N THR D 208 -13.59 -26.19 37.89
CA THR D 208 -12.68 -25.09 37.62
C THR D 208 -13.23 -23.78 38.15
N TYR D 209 -12.32 -22.86 38.43
CA TYR D 209 -12.66 -21.47 38.70
C TYR D 209 -12.68 -20.69 37.40
N PHE D 210 -13.55 -19.69 37.32
CA PHE D 210 -13.75 -18.94 36.10
C PHE D 210 -13.37 -17.48 36.30
N THR D 211 -12.57 -16.95 35.38
CA THR D 211 -12.18 -15.56 35.43
C THR D 211 -13.37 -14.65 35.11
N GLN D 212 -13.48 -13.55 35.85
CA GLN D 212 -14.59 -12.64 35.66
C GLN D 212 -14.42 -11.77 34.41
N SER D 213 -13.19 -11.52 34.00
CA SER D 213 -12.88 -10.76 32.79
C SER D 213 -13.49 -9.35 32.85
N ARG D 214 -13.03 -8.58 33.82
CA ARG D 214 -13.43 -7.19 33.97
C ARG D 214 -12.41 -6.28 33.31
N ASN D 215 -12.56 -4.97 33.52
CA ASN D 215 -11.60 -4.00 33.00
C ASN D 215 -11.52 -2.84 33.97
N LEU D 216 -10.40 -2.11 33.91
CA LEU D 216 -10.13 -1.07 34.90
C LEU D 216 -11.15 0.06 34.81
N GLN D 217 -11.49 0.50 33.60
CA GLN D 217 -12.39 1.64 33.45
C GLN D 217 -13.79 1.31 33.96
N GLU D 218 -14.42 0.30 33.36
CA GLU D 218 -15.76 -0.12 33.76
C GLU D 218 -15.66 -1.27 34.76
N PHE D 219 -15.12 -0.94 35.94
CA PHE D 219 -14.90 -1.90 37.00
C PHE D 219 -16.00 -1.77 38.05
N LYS D 220 -16.71 -2.86 38.32
CA LYS D 220 -17.77 -2.89 39.32
C LYS D 220 -17.59 -4.16 40.15
N PRO D 221 -17.53 -4.03 41.48
CA PRO D 221 -17.39 -5.22 42.32
C PRO D 221 -18.61 -6.12 42.22
N ARG D 222 -18.38 -7.43 42.35
CA ARG D 222 -19.44 -8.43 42.24
C ARG D 222 -19.62 -9.24 43.52
N SER D 223 -19.04 -8.78 44.63
CA SER D 223 -19.18 -9.47 45.90
C SER D 223 -18.93 -8.47 47.03
N GLN D 224 -19.36 -8.86 48.23
CA GLN D 224 -19.17 -8.01 49.39
C GLN D 224 -17.69 -7.83 49.71
N MET D 225 -16.90 -8.88 49.56
CA MET D 225 -15.47 -8.79 49.86
C MET D 225 -14.78 -7.80 48.94
N GLU D 226 -15.15 -7.78 47.67
CA GLU D 226 -14.56 -6.82 46.73
C GLU D 226 -14.92 -5.39 47.12
N ILE D 227 -16.15 -5.16 47.58
CA ILE D 227 -16.56 -3.82 47.99
C ILE D 227 -15.72 -3.36 49.17
N ASP D 228 -15.49 -4.24 50.13
CA ASP D 228 -14.62 -3.90 51.26
C ASP D 228 -13.19 -3.61 50.79
N PHE D 229 -12.71 -4.40 49.82
CA PHE D 229 -11.36 -4.19 49.31
C PHE D 229 -11.21 -2.82 48.65
N LEU D 230 -12.21 -2.40 47.87
CA LEU D 230 -12.13 -1.13 47.17
C LEU D 230 -12.36 0.07 48.08
N GLU D 231 -12.96 -0.14 49.25
CA GLU D 231 -13.30 0.94 50.16
C GLU D 231 -12.40 1.00 51.39
N LEU D 232 -12.24 -0.12 52.09
CA LEU D 232 -11.46 -0.13 53.32
C LEU D 232 -9.98 -0.02 53.02
N ALA D 233 -9.21 0.30 54.06
CA ALA D 233 -7.76 0.39 53.93
C ALA D 233 -7.14 -1.00 53.82
N MET D 234 -5.85 -1.02 53.47
CA MET D 234 -5.14 -2.29 53.32
C MET D 234 -5.08 -3.05 54.64
N ASP D 235 -4.71 -2.35 55.72
CA ASP D 235 -4.62 -3.00 57.02
C ASP D 235 -5.98 -3.46 57.51
N GLU D 236 -7.02 -2.62 57.32
CA GLU D 236 -8.35 -2.98 57.80
C GLU D 236 -8.90 -4.19 57.06
N PHE D 237 -8.70 -4.25 55.74
CA PHE D 237 -9.22 -5.36 54.96
C PHE D 237 -8.58 -6.68 55.37
N ILE D 238 -7.26 -6.67 55.60
CA ILE D 238 -6.56 -7.88 56.00
C ILE D 238 -7.05 -8.37 57.36
N GLU D 239 -7.22 -7.44 58.30
CA GLU D 239 -7.65 -7.81 59.65
C GLU D 239 -9.06 -8.40 59.65
N ARG D 240 -9.97 -7.81 58.87
CA ARG D 240 -11.36 -8.26 58.88
C ARG D 240 -11.49 -9.69 58.36
N TYR D 241 -10.79 -10.01 57.27
CA TYR D 241 -10.89 -11.31 56.64
C TYR D 241 -9.75 -12.25 57.04
N LYS D 242 -8.90 -11.83 57.97
CA LYS D 242 -7.82 -12.66 58.50
C LYS D 242 -6.89 -13.15 57.38
N LEU D 243 -6.27 -12.19 56.70
CA LEU D 243 -5.34 -12.47 55.61
C LEU D 243 -3.89 -12.32 56.04
N GLU D 244 -3.62 -12.29 57.34
CA GLU D 244 -2.26 -12.15 57.84
C GLU D 244 -1.43 -13.37 57.44
N GLY D 245 -0.16 -13.13 57.13
CA GLY D 245 0.71 -14.20 56.68
C GLY D 245 0.35 -14.77 55.32
N TYR D 246 -0.06 -13.91 54.38
CA TYR D 246 -0.33 -14.35 53.02
C TYR D 246 0.19 -13.37 51.97
N ALA D 247 1.01 -12.39 52.36
CA ALA D 247 1.61 -11.43 51.44
C ALA D 247 0.56 -10.67 50.63
N PHE D 248 -0.63 -10.49 51.20
CA PHE D 248 -1.69 -9.78 50.50
C PHE D 248 -1.34 -8.32 50.26
N GLU D 249 -0.39 -7.77 51.02
CA GLU D 249 0.01 -6.38 50.81
C GLU D 249 0.73 -6.21 49.47
N ALA D 250 1.50 -7.20 49.05
CA ALA D 250 2.25 -7.11 47.81
C ALA D 250 1.60 -7.86 46.66
N ILE D 251 0.95 -8.99 46.91
CA ILE D 251 0.39 -9.81 45.85
C ILE D 251 -0.71 -9.05 45.11
N VAL D 252 -1.61 -8.41 45.86
CA VAL D 252 -2.80 -7.79 45.31
C VAL D 252 -2.70 -6.27 45.30
N TYR D 253 -2.35 -5.67 46.45
CA TYR D 253 -2.24 -4.22 46.50
C TYR D 253 -1.08 -3.71 45.67
N GLY D 254 0.05 -4.41 45.69
CA GLY D 254 1.22 -4.00 44.96
C GLY D 254 2.17 -3.15 45.80
N ASP D 255 3.41 -3.05 45.32
CA ASP D 255 4.47 -2.31 46.02
C ASP D 255 5.01 -1.25 45.06
N PHE D 256 4.50 -0.03 45.17
CA PHE D 256 4.94 1.08 44.34
C PHE D 256 6.00 1.91 45.07
N SER D 257 7.09 1.25 45.43
CA SER D 257 8.16 1.89 46.19
C SER D 257 9.56 1.68 45.61
N HIS D 258 9.76 0.72 44.72
CA HIS D 258 11.07 0.44 44.15
C HIS D 258 11.08 0.78 42.67
N SER D 259 12.25 0.59 42.04
CA SER D 259 12.37 0.86 40.61
C SER D 259 11.48 -0.05 39.78
N GLN D 260 11.21 -1.26 40.27
CA GLN D 260 10.33 -2.19 39.60
C GLN D 260 9.11 -2.48 40.49
N LEU D 261 7.97 -2.69 39.84
CA LEU D 261 6.74 -2.99 40.56
C LEU D 261 6.84 -4.33 41.27
N GLY D 262 6.28 -4.39 42.47
CA GLY D 262 6.27 -5.61 43.24
C GLY D 262 4.89 -6.22 43.39
N GLY D 263 4.68 -7.39 42.81
CA GLY D 263 3.41 -8.06 42.94
C GLY D 263 2.38 -7.48 42.00
N LEU D 264 1.18 -7.21 42.52
CA LEU D 264 0.07 -6.65 41.75
C LEU D 264 -0.30 -7.58 40.59
N HIS D 265 -0.77 -8.78 40.96
CA HIS D 265 -1.09 -9.81 39.98
C HIS D 265 -2.57 -10.14 39.93
N LEU D 266 -3.43 -9.29 40.49
CA LEU D 266 -4.87 -9.46 40.41
C LEU D 266 -5.50 -8.21 39.82
N LEU D 267 -6.43 -8.40 38.88
CA LEU D 267 -7.04 -7.26 38.21
C LEU D 267 -7.81 -6.37 39.18
N ILE D 268 -8.31 -6.95 40.28
CA ILE D 268 -8.99 -6.14 41.28
C ILE D 268 -8.00 -5.18 41.94
N GLY D 269 -6.76 -5.64 42.16
CA GLY D 269 -5.75 -4.75 42.71
C GLY D 269 -5.40 -3.62 41.77
N LEU D 270 -5.40 -3.88 40.47
CA LEU D 270 -5.16 -2.83 39.49
C LEU D 270 -6.25 -1.76 39.55
N ALA D 271 -7.50 -2.18 39.71
CA ALA D 271 -8.61 -1.23 39.72
C ALA D 271 -8.51 -0.28 40.91
N LYS D 272 -8.16 -0.79 42.09
CA LYS D 272 -8.04 0.07 43.26
C LYS D 272 -6.94 1.10 43.07
N ARG D 273 -5.80 0.69 42.52
CA ARG D 273 -4.71 1.63 42.26
C ARG D 273 -5.10 2.64 41.20
N PHE D 274 -5.86 2.21 40.19
CA PHE D 274 -6.24 3.12 39.10
C PHE D 274 -7.11 4.26 39.62
N LYS D 275 -8.05 3.96 40.52
CA LYS D 275 -8.89 5.02 41.07
C LYS D 275 -8.08 6.01 41.90
N GLU D 276 -7.04 5.53 42.58
CA GLU D 276 -6.18 6.43 43.34
C GLU D 276 -5.29 7.25 42.41
N SER D 277 -4.50 6.58 41.57
CA SER D 277 -3.61 7.24 40.63
C SER D 277 -3.72 6.55 39.27
N PRO D 278 -4.02 7.30 38.21
CA PRO D 278 -4.13 6.68 36.88
C PRO D 278 -2.78 6.21 36.38
N PHE D 279 -2.82 5.19 35.52
CA PHE D 279 -1.62 4.67 34.87
C PHE D 279 -2.05 3.99 33.58
N GLU D 280 -1.07 3.56 32.79
CA GLU D 280 -1.30 2.96 31.49
C GLU D 280 -0.86 1.50 31.51
N LEU D 281 -1.72 0.62 31.00
CA LEU D 281 -1.42 -0.79 30.85
C LEU D 281 -1.19 -1.06 29.37
N GLU D 282 0.07 -1.07 28.95
CA GLU D 282 0.42 -1.34 27.56
C GLU D 282 0.45 -2.84 27.35
N ASP D 283 -0.50 -3.37 26.60
CA ASP D 283 -0.57 -4.80 26.30
C ASP D 283 0.12 -5.05 24.98
N PHE D 284 1.25 -5.76 25.03
CA PHE D 284 2.02 -6.03 23.82
C PHE D 284 1.54 -7.26 23.05
N ILE D 285 0.59 -8.01 23.59
CA ILE D 285 -0.02 -9.13 22.88
C ILE D 285 -1.53 -8.94 22.92
N PRO D 286 -2.10 -8.12 22.04
CA PRO D 286 -3.54 -7.86 22.12
C PRO D 286 -4.38 -9.06 21.73
N MET D 287 -4.39 -10.09 22.58
CA MET D 287 -5.24 -11.25 22.41
C MET D 287 -5.93 -11.53 23.74
N ASP D 288 -6.85 -12.50 23.72
CA ASP D 288 -7.64 -12.85 24.89
C ASP D 288 -7.14 -14.17 25.45
N SER D 289 -6.70 -14.15 26.70
CA SER D 289 -6.16 -15.35 27.35
C SER D 289 -6.43 -15.27 28.84
N THR D 290 -6.36 -16.42 29.50
CA THR D 290 -6.64 -16.48 30.93
C THR D 290 -5.65 -15.63 31.72
N VAL D 291 -4.36 -15.71 31.38
CA VAL D 291 -3.32 -14.94 32.04
C VAL D 291 -2.84 -13.87 31.07
N LYS D 292 -2.93 -12.61 31.48
CA LYS D 292 -2.55 -11.48 30.65
C LYS D 292 -1.23 -10.90 31.14
N ASN D 293 -0.37 -10.53 30.20
CA ASN D 293 0.88 -9.86 30.50
C ASN D 293 0.75 -8.39 30.13
N TYR D 294 1.10 -7.50 31.06
CA TYR D 294 0.95 -6.07 30.87
C TYR D 294 2.29 -5.38 31.11
N PHE D 295 2.53 -4.32 30.34
CA PHE D 295 3.68 -3.45 30.52
C PHE D 295 3.22 -2.25 31.35
N ILE D 296 3.08 -2.48 32.66
CA ILE D 296 2.49 -1.50 33.55
C ILE D 296 3.51 -0.42 33.88
N THR D 297 3.09 0.84 33.78
CA THR D 297 3.92 1.99 34.11
C THR D 297 3.11 2.92 34.99
N ASP D 298 3.45 2.98 36.28
CA ASP D 298 2.74 3.85 37.22
C ASP D 298 3.13 5.30 36.96
N ALA D 299 2.13 6.17 36.85
CA ALA D 299 2.37 7.56 36.50
C ALA D 299 2.66 8.45 37.70
N GLN D 300 2.47 7.97 38.93
CA GLN D 300 2.73 8.76 40.12
C GLN D 300 4.12 8.48 40.69
N THR D 301 4.39 7.23 41.05
CA THR D 301 5.67 6.85 41.64
C THR D 301 6.74 6.53 40.60
N GLY D 302 6.37 6.45 39.32
CA GLY D 302 7.34 6.12 38.30
C GLY D 302 7.76 4.67 38.28
N SER D 303 7.03 3.80 38.98
CA SER D 303 7.37 2.38 39.03
C SER D 303 6.83 1.68 37.79
N SER D 304 7.70 0.95 37.11
CA SER D 304 7.32 0.20 35.92
C SER D 304 7.87 -1.22 36.00
N LYS D 305 7.11 -2.15 35.45
CA LYS D 305 7.48 -3.57 35.42
C LYS D 305 7.39 -4.06 33.99
N CYS D 306 8.42 -4.77 33.53
CA CYS D 306 8.45 -5.23 32.14
C CYS D 306 7.32 -6.20 31.87
N VAL D 307 7.18 -7.24 32.69
CA VAL D 307 6.14 -8.25 32.54
C VAL D 307 5.38 -8.33 33.85
N CYS D 308 4.06 -8.18 33.78
CA CYS D 308 3.19 -8.24 34.96
C CYS D 308 2.05 -9.20 34.65
N SER D 309 2.13 -10.41 35.19
CA SER D 309 1.10 -11.43 34.95
C SER D 309 -0.15 -11.05 35.72
N VAL D 310 -1.15 -10.52 35.01
CA VAL D 310 -2.39 -10.05 35.61
C VAL D 310 -3.48 -11.05 35.25
N ILE D 311 -4.05 -11.69 36.26
CA ILE D 311 -5.15 -12.64 36.09
C ILE D 311 -6.34 -12.12 36.90
N ASP D 312 -7.49 -12.00 36.24
CA ASP D 312 -8.70 -11.49 36.87
C ASP D 312 -9.46 -12.64 37.50
N LEU D 313 -9.40 -12.75 38.83
CA LEU D 313 -10.10 -13.78 39.56
C LEU D 313 -11.00 -13.14 40.61
N LEU D 314 -12.11 -13.81 40.91
CA LEU D 314 -12.99 -13.35 41.98
C LEU D 314 -12.21 -13.38 43.30
N LEU D 315 -12.35 -12.29 44.07
CA LEU D 315 -11.57 -12.17 45.30
C LEU D 315 -11.94 -13.27 46.29
N ASP D 316 -13.20 -13.71 46.28
CA ASP D 316 -13.61 -14.82 47.15
C ASP D 316 -12.88 -16.10 46.75
N ASP D 317 -12.76 -16.35 45.45
CA ASP D 317 -12.09 -17.57 44.99
C ASP D 317 -10.60 -17.51 45.24
N PHE D 318 -9.97 -16.36 45.00
CA PHE D 318 -8.53 -16.25 45.23
C PHE D 318 -8.19 -16.45 46.69
N VAL D 319 -9.01 -15.89 47.60
CA VAL D 319 -8.83 -16.15 49.02
C VAL D 319 -9.03 -17.63 49.31
N GLU D 320 -10.03 -18.25 48.67
CA GLU D 320 -10.24 -19.69 48.83
C GLU D 320 -9.04 -20.47 48.31
N ILE D 321 -8.51 -20.07 47.16
CA ILE D 321 -7.32 -20.74 46.61
C ILE D 321 -6.11 -20.49 47.49
N ILE D 322 -5.90 -19.25 47.92
CA ILE D 322 -4.73 -18.93 48.73
C ILE D 322 -4.82 -19.56 50.12
N LYS D 323 -6.03 -19.86 50.60
CA LYS D 323 -6.18 -20.58 51.86
C LYS D 323 -6.11 -22.09 51.70
N SER D 324 -6.31 -22.59 50.48
CA SER D 324 -6.06 -23.99 50.15
C SER D 324 -4.66 -24.19 49.60
N GLN D 325 -3.84 -23.14 49.58
CA GLN D 325 -2.52 -23.20 48.98
C GLN D 325 -1.57 -24.12 49.72
N ASP D 326 -1.78 -24.32 51.02
CA ASP D 326 -0.96 -25.21 51.86
C ASP D 326 0.51 -24.77 51.83
N LEU D 327 0.74 -23.57 52.37
CA LEU D 327 2.08 -22.98 52.38
C LEU D 327 2.98 -23.72 53.35
N SER D 328 3.73 -24.70 52.84
CA SER D 328 4.65 -25.48 53.66
C SER D 328 6.04 -25.65 53.04
N VAL D 329 6.22 -25.34 51.76
CA VAL D 329 7.51 -25.48 51.09
C VAL D 329 7.95 -24.11 50.59
N VAL D 330 9.25 -23.98 50.33
CA VAL D 330 9.81 -22.69 49.92
C VAL D 330 9.28 -22.30 48.55
N SER D 331 9.34 -23.21 47.59
CA SER D 331 8.87 -22.95 46.23
C SER D 331 8.08 -24.15 45.72
N LYS D 332 7.00 -23.87 44.99
CA LYS D 332 6.15 -24.92 44.46
C LYS D 332 5.35 -24.37 43.30
N VAL D 333 5.16 -25.20 42.28
CA VAL D 333 4.30 -24.86 41.14
C VAL D 333 2.95 -25.53 41.35
N VAL D 334 1.89 -24.73 41.31
CA VAL D 334 0.54 -25.19 41.63
C VAL D 334 -0.28 -25.19 40.35
N LYS D 335 -0.92 -26.33 40.06
CA LYS D 335 -1.78 -26.49 38.90
C LYS D 335 -3.22 -26.21 39.32
N VAL D 336 -3.81 -25.15 38.79
CA VAL D 336 -5.16 -24.73 39.11
C VAL D 336 -5.99 -24.78 37.85
N THR D 337 -7.15 -25.44 37.91
CA THR D 337 -8.05 -25.53 36.76
C THR D 337 -8.83 -24.23 36.67
N ILE D 338 -8.48 -23.39 35.69
CA ILE D 338 -9.16 -22.13 35.44
C ILE D 338 -9.58 -22.13 33.97
N ASP D 339 -10.86 -21.86 33.73
CA ASP D 339 -11.42 -21.81 32.37
C ASP D 339 -11.13 -23.11 31.61
N TYR D 340 -11.39 -24.23 32.28
CA TYR D 340 -11.25 -25.57 31.69
C TYR D 340 -9.82 -25.86 31.25
N THR D 341 -8.83 -25.26 31.90
CA THR D 341 -7.44 -25.54 31.57
C THR D 341 -6.59 -25.40 32.82
N GLU D 342 -5.40 -26.01 32.77
CA GLU D 342 -4.47 -25.95 33.88
C GLU D 342 -3.63 -24.68 33.79
N ILE D 343 -3.50 -23.97 34.90
CA ILE D 343 -2.69 -22.77 34.99
C ILE D 343 -1.62 -22.99 36.05
N SER D 344 -0.36 -22.78 35.68
CA SER D 344 0.76 -22.97 36.60
C SER D 344 1.04 -21.67 37.33
N PHE D 345 0.86 -21.68 38.65
CA PHE D 345 1.13 -20.52 39.48
C PHE D 345 2.48 -20.71 40.17
N MET D 346 3.38 -19.75 39.97
CA MET D 346 4.69 -19.78 40.62
C MET D 346 4.54 -19.26 42.04
N LEU D 347 4.76 -20.13 43.02
CA LEU D 347 4.59 -19.80 44.43
C LEU D 347 5.94 -19.80 45.13
N TRP D 348 6.24 -18.70 45.81
CA TRP D 348 7.44 -18.59 46.64
C TRP D 348 7.01 -18.27 48.07
N CYS D 349 7.48 -19.07 49.02
CA CYS D 349 7.11 -18.92 50.41
C CYS D 349 8.36 -18.82 51.27
N LYS D 350 8.46 -17.74 52.02
CA LYS D 350 9.51 -17.60 53.04
C LYS D 350 9.04 -18.26 54.32
N ASP D 351 10.00 -18.71 55.14
CA ASP D 351 9.67 -19.38 56.38
C ASP D 351 8.83 -18.47 57.27
N GLY D 352 7.56 -18.83 57.48
CA GLY D 352 6.68 -18.05 58.31
C GLY D 352 5.45 -17.51 57.62
N HIS D 353 5.56 -17.15 56.34
CA HIS D 353 4.47 -16.52 55.61
C HIS D 353 4.65 -16.79 54.13
N VAL D 354 3.93 -16.04 53.30
CA VAL D 354 4.01 -16.15 51.84
C VAL D 354 4.80 -14.97 51.31
N GLU D 355 5.70 -15.24 50.37
CA GLU D 355 6.53 -14.18 49.79
C GLU D 355 5.88 -13.60 48.53
N THR D 356 5.65 -14.43 47.52
CA THR D 356 5.06 -13.99 46.26
C THR D 356 4.35 -15.16 45.61
N PHE D 357 3.15 -14.89 45.08
CA PHE D 357 2.33 -15.91 44.42
C PHE D 357 1.80 -15.31 43.13
N TYR D 358 2.45 -15.63 42.01
CA TYR D 358 2.08 -15.08 40.72
C TYR D 358 2.03 -16.17 39.67
N PRO D 359 1.12 -16.05 38.71
CA PRO D 359 1.08 -17.02 37.61
C PRO D 359 2.24 -16.85 36.65
N LYS D 360 2.57 -17.92 35.94
CA LYS D 360 3.63 -17.90 34.96
C LYS D 360 3.08 -17.65 33.56
CA LEU E 14 0.02 33.23 -7.14
C LEU E 14 0.56 31.83 -7.40
N GLU E 15 0.94 31.13 -6.34
CA GLU E 15 1.49 29.79 -6.42
C GLU E 15 0.51 28.81 -5.80
N MET E 16 0.22 27.72 -6.51
CA MET E 16 -0.67 26.66 -6.05
C MET E 16 0.06 25.33 -6.20
N SER E 17 0.80 24.94 -5.18
CA SER E 17 1.60 23.73 -5.20
C SER E 17 1.53 23.05 -3.85
N LEU E 18 1.92 21.77 -3.82
CA LEU E 18 1.83 21.00 -2.59
C LEU E 18 2.74 21.55 -1.51
N GLU E 19 3.99 21.90 -1.86
CA GLU E 19 4.93 22.37 -0.86
C GLU E 19 4.56 23.74 -0.31
N ASN E 20 3.85 24.56 -1.09
CA ASN E 20 3.36 25.84 -0.56
C ASN E 20 2.19 25.62 0.39
N VAL E 21 1.31 24.66 0.07
CA VAL E 21 0.17 24.38 0.94
C VAL E 21 0.64 23.88 2.30
N ALA E 22 1.65 23.00 2.31
CA ALA E 22 2.17 22.50 3.58
C ALA E 22 2.88 23.57 4.40
N PHE E 23 3.34 24.65 3.76
CA PHE E 23 3.94 25.74 4.51
C PHE E 23 2.90 26.46 5.35
N ASN E 24 1.70 26.69 4.79
CA ASN E 24 0.67 27.40 5.51
C ASN E 24 0.13 26.57 6.68
N VAL E 25 0.06 25.25 6.53
CA VAL E 25 -0.39 24.40 7.62
C VAL E 25 0.57 24.50 8.80
N VAL E 26 1.87 24.47 8.52
CA VAL E 26 2.86 24.53 9.59
C VAL E 26 2.81 25.88 10.31
N ASN E 27 2.67 26.97 9.56
CA ASN E 27 2.73 28.29 10.16
C ASN E 27 1.37 28.87 10.55
N LYS E 28 0.27 28.41 9.93
CA LYS E 28 -1.03 29.00 10.21
C LYS E 28 -2.16 28.01 10.37
N GLY E 29 -1.90 26.70 10.30
CA GLY E 29 -2.93 25.70 10.50
C GLY E 29 -3.93 25.56 9.39
N HIS E 30 -4.05 26.55 8.50
CA HIS E 30 -4.95 26.48 7.38
C HIS E 30 -4.38 27.33 6.26
N PHE E 31 -4.82 27.05 5.03
CA PHE E 31 -4.32 27.77 3.86
C PHE E 31 -4.82 29.21 3.91
N ASP E 32 -3.92 30.14 4.22
CA ASP E 32 -4.25 31.55 4.24
C ASP E 32 -3.91 32.24 2.93
N GLY E 33 -2.81 31.84 2.30
CA GLY E 33 -2.41 32.43 1.04
C GLY E 33 -1.01 33.01 1.09
N GLN E 34 -0.21 32.58 2.06
CA GLN E 34 1.14 33.07 2.20
C GLN E 34 2.06 32.43 1.17
N GLN E 35 3.24 33.02 1.00
CA GLN E 35 4.25 32.53 0.08
C GLN E 35 5.37 31.86 0.87
N GLY E 36 5.68 30.62 0.49
CA GLY E 36 6.73 29.88 1.16
C GLY E 36 6.65 28.42 0.82
N GLU E 37 7.73 27.71 1.10
CA GLU E 37 7.83 26.29 0.78
C GLU E 37 8.54 25.55 1.91
N VAL E 38 8.07 24.35 2.18
CA VAL E 38 8.71 23.47 3.17
C VAL E 38 8.84 22.08 2.59
N PRO E 39 9.85 21.33 3.04
CA PRO E 39 9.99 19.95 2.57
C PRO E 39 8.76 19.11 2.90
N VAL E 40 8.38 18.26 1.95
CA VAL E 40 7.21 17.40 2.11
C VAL E 40 7.58 16.00 1.65
N SER E 41 7.22 14.99 2.44
CA SER E 41 7.44 13.60 2.10
C SER E 41 6.11 12.87 2.18
N ILE E 42 5.74 12.20 1.10
CA ILE E 42 4.46 11.49 1.02
C ILE E 42 4.75 10.00 1.15
N ILE E 43 4.35 9.42 2.27
CA ILE E 43 4.50 7.99 2.53
C ILE E 43 3.12 7.44 2.85
N ASN E 44 2.74 6.37 2.17
CA ASN E 44 1.41 5.76 2.32
C ASN E 44 0.38 6.84 1.97
N ASN E 45 -0.67 7.00 2.76
CA ASN E 45 -1.63 8.09 2.58
C ASN E 45 -1.28 9.31 3.42
N THR E 46 -0.19 9.28 4.15
CA THR E 46 0.18 10.35 5.06
C THR E 46 1.07 11.37 4.35
N VAL E 47 1.02 12.61 4.83
CA VAL E 47 1.82 13.70 4.28
C VAL E 47 2.70 14.22 5.40
N TYR E 48 3.98 13.85 5.36
CA TYR E 48 4.93 14.25 6.38
C TYR E 48 5.69 15.50 5.95
N THR E 49 6.25 16.20 6.93
CA THR E 49 7.10 17.35 6.68
C THR E 49 8.35 17.24 7.56
N LYS E 50 9.42 17.88 7.11
CA LYS E 50 10.70 17.84 7.82
C LYS E 50 10.84 19.11 8.65
N VAL E 51 10.74 18.97 9.96
CA VAL E 51 10.93 20.07 10.90
C VAL E 51 12.05 19.69 11.84
N ASP E 52 13.09 20.52 11.89
CA ASP E 52 14.27 20.29 12.74
C ASP E 52 14.91 18.94 12.44
N GLY E 53 14.93 18.56 11.17
CA GLY E 53 15.63 17.37 10.73
C GLY E 53 14.90 16.06 10.96
N VAL E 54 13.66 16.09 11.44
CA VAL E 54 12.89 14.88 11.70
C VAL E 54 11.50 15.04 11.08
N ASP E 55 11.01 13.95 10.48
CA ASP E 55 9.72 13.99 9.81
C ASP E 55 8.59 14.10 10.83
N VAL E 56 7.67 15.02 10.59
CA VAL E 56 6.51 15.24 11.44
C VAL E 56 5.27 15.08 10.59
N GLU E 57 4.36 14.22 11.05
CA GLU E 57 3.12 13.98 10.29
C GLU E 57 2.24 15.22 10.32
N LEU E 58 1.71 15.59 9.17
CA LEU E 58 0.80 16.73 9.07
C LEU E 58 -0.64 16.31 8.83
N PHE E 59 -0.87 15.23 8.10
CA PHE E 59 -2.23 14.83 7.74
C PHE E 59 -2.26 13.40 7.25
N GLU E 60 -3.24 12.62 7.71
CA GLU E 60 -3.44 11.26 7.26
C GLU E 60 -4.72 11.21 6.43
N ASN E 61 -4.62 10.68 5.22
CA ASN E 61 -5.74 10.71 4.29
C ASN E 61 -6.74 9.62 4.64
N LYS E 62 -7.94 10.02 5.08
CA LYS E 62 -9.05 9.11 5.31
C LYS E 62 -10.07 9.14 4.19
N THR E 63 -9.77 9.81 3.09
CA THR E 63 -10.64 9.97 1.94
C THR E 63 -10.19 9.05 0.81
N THR E 64 -10.93 9.09 -0.29
CA THR E 64 -10.60 8.34 -1.49
C THR E 64 -9.78 9.15 -2.49
N LEU E 65 -9.50 10.42 -2.21
CA LEU E 65 -8.74 11.25 -3.11
C LEU E 65 -7.26 10.92 -3.03
N PRO E 66 -6.47 11.34 -4.02
CA PRO E 66 -5.01 11.16 -3.93
C PRO E 66 -4.44 11.85 -2.70
N VAL E 67 -3.24 11.42 -2.32
CA VAL E 67 -2.66 11.86 -1.05
C VAL E 67 -2.44 13.36 -1.06
N ASN E 68 -1.85 13.89 -2.13
CA ASN E 68 -1.57 15.32 -2.18
C ASN E 68 -2.81 16.15 -2.49
N VAL E 69 -3.80 15.57 -3.17
CA VAL E 69 -5.03 16.32 -3.45
C VAL E 69 -5.83 16.53 -2.17
N ALA E 70 -5.96 15.49 -1.35
CA ALA E 70 -6.71 15.61 -0.11
C ALA E 70 -6.03 16.59 0.84
N PHE E 71 -4.69 16.55 0.91
CA PHE E 71 -3.98 17.46 1.79
C PHE E 71 -4.15 18.91 1.36
N GLU E 72 -4.22 19.17 0.06
CA GLU E 72 -4.43 20.55 -0.39
C GLU E 72 -5.84 21.02 -0.08
N LEU E 73 -6.82 20.13 -0.19
CA LEU E 73 -8.19 20.49 0.18
C LEU E 73 -8.33 20.68 1.68
N TRP E 74 -7.63 19.85 2.47
CA TRP E 74 -7.72 19.96 3.92
C TRP E 74 -7.17 21.29 4.41
N ALA E 75 -6.06 21.75 3.84
CA ALA E 75 -5.49 23.02 4.25
C ALA E 75 -6.36 24.19 3.84
N LYS E 76 -7.02 24.11 2.68
CA LYS E 76 -7.88 25.18 2.18
C LYS E 76 -9.30 25.08 2.69
N ARG E 77 -9.52 24.35 3.79
CA ARG E 77 -10.86 24.23 4.35
C ARG E 77 -11.34 25.58 4.89
N ASN E 78 -12.65 25.70 5.04
CA ASN E 78 -13.26 26.92 5.53
C ASN E 78 -13.29 26.87 7.06
N ILE E 79 -12.58 27.81 7.70
CA ILE E 79 -12.51 27.86 9.15
C ILE E 79 -13.55 28.78 9.76
N LYS E 80 -14.26 29.56 8.94
CA LYS E 80 -15.33 30.38 9.45
C LYS E 80 -16.53 29.50 9.84
N PRO E 81 -17.42 30.01 10.67
CA PRO E 81 -18.65 29.26 10.98
C PRO E 81 -19.44 28.98 9.71
N VAL E 82 -19.63 27.70 9.42
CA VAL E 82 -20.29 27.27 8.19
C VAL E 82 -21.46 26.38 8.56
N PRO E 83 -22.47 26.29 7.70
CA PRO E 83 -23.61 25.42 7.98
C PRO E 83 -23.18 23.97 8.12
N GLU E 84 -23.92 23.24 8.95
CA GLU E 84 -23.65 21.82 9.13
C GLU E 84 -23.88 21.08 7.81
N VAL E 85 -23.12 20.01 7.61
CA VAL E 85 -23.14 19.31 6.33
C VAL E 85 -24.53 18.78 6.01
N LYS E 86 -25.27 18.33 7.03
CA LYS E 86 -26.60 17.79 6.77
C LYS E 86 -27.55 18.85 6.21
N ILE E 87 -27.36 20.11 6.60
CA ILE E 87 -28.17 21.18 6.01
C ILE E 87 -27.88 21.30 4.52
N LEU E 88 -26.59 21.28 4.15
CA LEU E 88 -26.22 21.44 2.75
C LEU E 88 -26.71 20.28 1.90
N ASN E 89 -26.58 19.05 2.40
CA ASN E 89 -27.01 17.89 1.61
C ASN E 89 -28.51 17.92 1.35
N ASN E 90 -29.29 18.30 2.36
CA ASN E 90 -30.74 18.37 2.18
C ASN E 90 -31.14 19.50 1.25
N LEU E 91 -30.40 20.61 1.27
CA LEU E 91 -30.65 21.71 0.34
C LEU E 91 -30.27 21.38 -1.09
N GLY E 92 -29.60 20.26 -1.31
CA GLY E 92 -29.19 19.88 -2.66
C GLY E 92 -27.89 20.49 -3.12
N VAL E 93 -27.07 21.00 -2.21
CA VAL E 93 -25.81 21.62 -2.59
C VAL E 93 -24.87 20.55 -3.15
N ASP E 94 -24.32 20.82 -4.34
CA ASP E 94 -23.43 19.89 -5.01
C ASP E 94 -21.98 20.34 -5.04
N ILE E 95 -21.71 21.63 -4.91
CA ILE E 95 -20.34 22.13 -4.96
C ILE E 95 -20.29 23.47 -4.23
N ALA E 96 -19.12 23.81 -3.70
CA ALA E 96 -18.92 25.04 -2.95
C ALA E 96 -18.07 26.00 -3.78
N ALA E 97 -18.50 27.26 -3.85
CA ALA E 97 -17.84 28.24 -4.69
C ALA E 97 -16.63 28.83 -3.98
N ASN E 98 -15.46 28.66 -4.58
CA ASN E 98 -14.21 29.26 -4.13
C ASN E 98 -13.84 28.88 -2.70
N THR E 99 -14.33 27.74 -2.21
CA THR E 99 -14.01 27.29 -0.87
C THR E 99 -14.30 25.79 -0.79
N VAL E 100 -13.77 25.17 0.26
CA VAL E 100 -13.97 23.77 0.54
C VAL E 100 -14.61 23.64 1.91
N ILE E 101 -15.72 22.92 1.98
CA ILE E 101 -16.43 22.69 3.23
C ILE E 101 -16.06 21.29 3.71
N TRP E 102 -15.28 21.23 4.79
CA TRP E 102 -14.73 19.98 5.28
C TRP E 102 -15.73 19.29 6.19
N ASP E 103 -16.01 18.02 5.91
CA ASP E 103 -16.94 17.22 6.71
C ASP E 103 -16.14 16.44 7.74
N TYR E 104 -16.12 16.95 8.98
CA TYR E 104 -15.29 16.37 10.02
C TYR E 104 -15.79 15.02 10.50
N LYS E 105 -17.04 14.67 10.20
CA LYS E 105 -17.56 13.37 10.63
C LYS E 105 -16.82 12.22 9.95
N ARG E 106 -16.54 12.34 8.66
CA ARG E 106 -15.82 11.32 7.92
C ARG E 106 -14.45 11.78 7.44
N ASP E 107 -14.00 12.97 7.88
CA ASP E 107 -12.67 13.48 7.55
C ASP E 107 -12.45 13.53 6.04
N ALA E 108 -13.48 13.92 5.30
CA ALA E 108 -13.40 14.03 3.85
C ALA E 108 -14.16 15.27 3.41
N PRO E 109 -13.79 15.86 2.27
CA PRO E 109 -14.54 17.02 1.78
C PRO E 109 -16.00 16.68 1.56
N ALA E 110 -16.87 17.62 1.90
CA ALA E 110 -18.31 17.38 1.77
C ALA E 110 -18.76 17.35 0.32
N HIS E 111 -17.93 17.80 -0.61
CA HIS E 111 -18.28 17.83 -2.02
C HIS E 111 -17.13 17.26 -2.84
N ILE E 112 -17.48 16.42 -3.82
CA ILE E 112 -16.45 15.72 -4.59
C ILE E 112 -15.59 16.70 -5.39
N SER E 113 -16.21 17.69 -6.02
CA SER E 113 -15.52 18.66 -6.85
C SER E 113 -15.46 20.01 -6.15
N THR E 114 -14.60 20.88 -6.66
CA THR E 114 -14.41 22.22 -6.12
C THR E 114 -14.46 23.22 -7.28
N ILE E 115 -14.38 24.50 -6.93
CA ILE E 115 -14.34 25.58 -7.92
C ILE E 115 -13.20 26.52 -7.54
N GLY E 116 -12.15 26.51 -8.35
CA GLY E 116 -11.02 27.40 -8.11
C GLY E 116 -10.31 27.16 -6.79
N VAL E 117 -10.08 25.90 -6.44
CA VAL E 117 -9.40 25.57 -5.19
C VAL E 117 -8.14 24.77 -5.47
N CYS E 118 -8.30 23.58 -6.05
CA CYS E 118 -7.18 22.71 -6.38
C CYS E 118 -7.28 22.33 -7.85
N SER E 119 -6.23 22.62 -8.61
CA SER E 119 -6.25 22.38 -10.05
C SER E 119 -6.47 20.91 -10.41
N MET E 120 -6.18 20.00 -9.48
CA MET E 120 -6.40 18.59 -9.75
C MET E 120 -7.89 18.25 -9.82
N THR E 121 -8.71 18.90 -9.00
CA THR E 121 -10.13 18.60 -8.93
C THR E 121 -11.04 19.73 -9.41
N ASP E 122 -10.49 20.90 -9.74
CA ASP E 122 -11.31 22.00 -10.21
C ASP E 122 -12.03 21.63 -11.49
N ILE E 123 -13.33 21.92 -11.54
CA ILE E 123 -14.09 21.85 -12.77
C ILE E 123 -14.24 23.21 -13.44
N ALA E 124 -13.87 24.29 -12.75
CA ALA E 124 -13.89 25.64 -13.28
C ALA E 124 -13.09 26.51 -12.33
N LYS E 125 -12.80 27.74 -12.77
CA LYS E 125 -12.14 28.71 -11.92
C LYS E 125 -13.09 29.75 -11.34
N LYS E 126 -14.28 29.90 -11.91
CA LYS E 126 -15.31 30.78 -11.40
C LYS E 126 -16.64 30.03 -11.42
N PRO E 127 -17.55 30.35 -10.50
CA PRO E 127 -18.86 29.68 -10.49
C PRO E 127 -19.81 30.14 -11.59
N THR E 128 -19.38 31.06 -12.45
CA THR E 128 -20.23 31.59 -13.51
C THR E 128 -20.04 30.91 -14.85
N GLU E 129 -19.19 29.88 -14.92
CA GLU E 129 -18.96 29.21 -16.18
C GLU E 129 -20.14 28.31 -16.56
N THR E 130 -20.15 27.88 -17.82
CA THR E 130 -21.28 27.10 -18.32
C THR E 130 -21.33 25.71 -17.70
N ILE E 131 -20.18 25.15 -17.33
CA ILE E 131 -20.15 23.81 -16.76
C ILE E 131 -20.85 23.79 -15.40
N CYS E 132 -20.71 24.86 -14.62
CA CYS E 132 -21.29 24.92 -13.30
C CYS E 132 -22.76 25.32 -13.30
N ALA E 133 -23.33 25.63 -14.46
CA ALA E 133 -24.73 26.05 -14.51
C ALA E 133 -25.70 24.98 -14.01
N PRO E 134 -25.63 23.69 -14.46
CA PRO E 134 -26.55 22.67 -13.95
C PRO E 134 -26.12 22.05 -12.63
N LEU E 135 -25.70 22.90 -11.69
CA LEU E 135 -25.26 22.45 -10.37
C LEU E 135 -25.65 23.50 -9.34
N THR E 136 -26.12 23.03 -8.18
CA THR E 136 -26.43 23.92 -7.07
C THR E 136 -25.14 24.27 -6.35
N VAL E 137 -24.75 25.54 -6.39
CA VAL E 137 -23.49 26.00 -5.85
C VAL E 137 -23.75 26.75 -4.56
N PHE E 138 -22.99 26.41 -3.52
CA PHE E 138 -23.14 27.05 -2.21
C PHE E 138 -22.37 28.37 -2.21
N PHE E 139 -23.09 29.48 -2.09
CA PHE E 139 -22.49 30.80 -2.09
C PHE E 139 -22.47 31.36 -0.67
N ASP E 140 -21.29 31.80 -0.24
CA ASP E 140 -21.15 32.42 1.08
C ASP E 140 -21.70 33.85 1.03
N GLY E 141 -21.80 34.45 2.21
CA GLY E 141 -22.28 35.81 2.31
C GLY E 141 -21.29 36.74 2.97
N ARG E 142 -20.35 36.17 3.71
CA ARG E 142 -19.32 36.94 4.39
C ARG E 142 -18.17 37.33 3.48
N VAL E 143 -18.14 36.83 2.25
CA VAL E 143 -17.11 37.15 1.27
C VAL E 143 -17.71 38.12 0.26
N ASP E 144 -17.03 39.24 0.04
CA ASP E 144 -17.53 40.26 -0.86
C ASP E 144 -17.63 39.73 -2.28
N GLY E 145 -18.70 40.12 -2.98
CA GLY E 145 -18.91 39.71 -4.35
C GLY E 145 -19.66 38.40 -4.52
N GLN E 146 -19.81 37.62 -3.45
CA GLN E 146 -20.52 36.34 -3.57
C GLN E 146 -22.01 36.55 -3.75
N VAL E 147 -22.57 37.61 -3.17
CA VAL E 147 -24.00 37.87 -3.32
C VAL E 147 -24.34 38.17 -4.78
N ASP E 148 -23.50 38.95 -5.45
CA ASP E 148 -23.73 39.26 -6.86
C ASP E 148 -23.66 38.01 -7.70
N LEU E 149 -22.71 37.11 -7.40
CA LEU E 149 -22.61 35.87 -8.16
C LEU E 149 -23.85 35.00 -7.98
N PHE E 150 -24.46 35.04 -6.79
CA PHE E 150 -25.66 34.25 -6.55
C PHE E 150 -26.80 34.68 -7.45
N ARG E 151 -26.98 35.99 -7.64
CA ARG E 151 -28.07 36.48 -8.48
C ARG E 151 -27.89 36.02 -9.92
N ASN E 152 -26.67 36.08 -10.45
CA ASN E 152 -26.43 35.68 -11.82
C ASN E 152 -26.41 34.16 -12.01
N ALA E 153 -26.16 33.40 -10.95
CA ALA E 153 -26.11 31.96 -11.06
C ALA E 153 -27.50 31.37 -11.31
N ARG E 154 -27.55 30.27 -12.06
CA ARG E 154 -28.82 29.63 -12.37
C ARG E 154 -29.31 28.79 -11.21
N ASN E 155 -28.43 27.98 -10.63
CA ASN E 155 -28.74 27.18 -9.45
C ASN E 155 -27.73 27.49 -8.37
N GLY E 156 -28.22 27.83 -7.18
CA GLY E 156 -27.32 28.16 -6.09
C GLY E 156 -28.07 28.34 -4.79
N VAL E 157 -27.34 28.17 -3.69
CA VAL E 157 -27.84 28.38 -2.35
C VAL E 157 -26.95 29.41 -1.68
N LEU E 158 -27.56 30.43 -1.07
CA LEU E 158 -26.83 31.53 -0.48
C LEU E 158 -27.18 31.65 1.00
N ILE E 159 -26.16 31.88 1.82
CA ILE E 159 -26.32 32.14 3.25
C ILE E 159 -25.79 33.54 3.53
N THR E 160 -26.51 34.28 4.38
CA THR E 160 -26.12 35.63 4.73
C THR E 160 -26.42 35.89 6.19
N GLU E 161 -25.44 36.45 6.91
CA GLU E 161 -25.68 36.82 8.30
C GLU E 161 -26.71 37.92 8.40
N GLY E 162 -26.68 38.88 7.49
CA GLY E 162 -27.63 39.99 7.46
C GLY E 162 -28.80 39.71 6.55
N SER E 163 -29.20 40.72 5.79
CA SER E 163 -30.31 40.61 4.86
C SER E 163 -29.87 41.07 3.47
N VAL E 164 -30.52 40.51 2.46
CA VAL E 164 -30.23 40.82 1.06
C VAL E 164 -31.48 41.45 0.45
N LYS E 165 -31.30 42.60 -0.19
CA LYS E 165 -32.42 43.32 -0.77
C LYS E 165 -33.04 42.54 -1.92
N GLY E 166 -34.36 42.54 -1.98
CA GLY E 166 -35.09 41.88 -3.05
C GLY E 166 -35.30 40.39 -2.87
N LEU E 167 -34.88 39.83 -1.75
CA LEU E 167 -35.02 38.40 -1.49
C LEU E 167 -35.65 38.19 -0.12
N GLN E 168 -36.47 37.14 -0.01
CA GLN E 168 -37.12 36.83 1.25
C GLN E 168 -36.25 35.86 2.03
N PRO E 169 -35.68 36.26 3.17
CA PRO E 169 -34.79 35.35 3.90
C PRO E 169 -35.55 34.25 4.60
N SER E 170 -34.85 33.15 4.84
CA SER E 170 -35.34 32.05 5.67
C SER E 170 -34.37 31.85 6.82
N VAL E 171 -34.89 31.95 8.04
CA VAL E 171 -34.02 31.84 9.22
C VAL E 171 -33.55 30.41 9.37
N GLY E 172 -32.23 30.22 9.43
CA GLY E 172 -31.65 28.91 9.54
C GLY E 172 -31.50 28.45 10.96
N PRO E 173 -30.80 27.34 11.17
CA PRO E 173 -30.60 26.82 12.52
C PRO E 173 -29.75 27.75 13.36
N LYS E 174 -30.01 27.74 14.67
CA LYS E 174 -29.25 28.58 15.58
C LYS E 174 -27.79 28.15 15.64
N GLN E 175 -27.54 26.84 15.66
CA GLN E 175 -26.18 26.33 15.75
C GLN E 175 -25.56 26.16 14.38
N ALA E 176 -24.23 26.20 14.32
CA ALA E 176 -23.51 26.03 13.08
C ALA E 176 -22.16 25.39 13.37
N SER E 177 -21.63 24.69 12.39
CA SER E 177 -20.35 24.02 12.55
C SER E 177 -19.22 25.03 12.58
N LEU E 178 -18.19 24.72 13.36
CA LEU E 178 -16.99 25.56 13.45
C LEU E 178 -15.82 24.65 13.80
N ASN E 179 -15.00 24.33 12.79
CA ASN E 179 -13.86 23.43 12.94
C ASN E 179 -14.30 22.09 13.52
N GLY E 180 -15.46 21.61 13.08
CA GLY E 180 -15.98 20.34 13.52
C GLY E 180 -16.75 20.37 14.82
N VAL E 181 -16.86 21.53 15.45
CA VAL E 181 -17.55 21.66 16.73
C VAL E 181 -18.85 22.42 16.49
N THR E 182 -19.97 21.78 16.82
CA THR E 182 -21.27 22.45 16.72
C THR E 182 -21.49 23.32 17.94
N LEU E 183 -21.94 24.55 17.71
CA LEU E 183 -22.10 25.51 18.79
C LEU E 183 -23.10 26.58 18.39
N ILE E 184 -23.71 27.18 19.39
CA ILE E 184 -24.56 28.35 19.22
C ILE E 184 -23.68 29.56 19.50
N GLY E 185 -23.23 30.22 18.43
CA GLY E 185 -22.23 31.27 18.60
C GLY E 185 -22.78 32.47 19.34
N GLU E 186 -21.93 33.04 20.19
CA GLU E 186 -22.23 34.28 20.91
C GLU E 186 -21.39 35.44 20.44
N ALA E 187 -20.06 35.29 20.45
CA ALA E 187 -19.19 36.33 19.91
C ALA E 187 -19.36 36.48 18.41
N VAL E 188 -19.49 35.36 17.70
CA VAL E 188 -19.68 35.35 16.26
C VAL E 188 -21.08 34.82 15.96
N LYS E 189 -21.82 35.54 15.12
CA LYS E 189 -23.19 35.18 14.81
C LYS E 189 -23.20 33.93 13.93
N THR E 190 -23.78 32.84 14.46
CA THR E 190 -23.85 31.57 13.74
C THR E 190 -25.25 31.27 13.23
N GLN E 191 -26.10 32.28 13.15
CA GLN E 191 -27.46 32.13 12.62
C GLN E 191 -27.51 32.82 11.26
N PHE E 192 -27.67 32.04 10.20
CA PHE E 192 -27.63 32.55 8.84
C PHE E 192 -29.04 32.59 8.25
N ASN E 193 -29.16 33.31 7.14
CA ASN E 193 -30.39 33.36 6.36
C ASN E 193 -30.15 32.64 5.05
N TYR E 194 -30.95 31.62 4.76
CA TYR E 194 -30.74 30.74 3.61
C TYR E 194 -31.62 31.19 2.45
N TYR E 195 -31.02 31.28 1.27
CA TYR E 195 -31.73 31.60 0.04
C TYR E 195 -31.45 30.50 -0.98
N LYS E 196 -32.51 29.98 -1.59
CA LYS E 196 -32.39 28.92 -2.59
C LYS E 196 -32.92 29.41 -3.92
N LYS E 197 -32.14 29.20 -4.97
CA LYS E 197 -32.51 29.62 -6.33
C LYS E 197 -32.38 28.40 -7.25
N VAL E 198 -33.48 28.03 -7.90
CA VAL E 198 -33.52 26.87 -8.78
C VAL E 198 -34.01 27.31 -10.15
N ASP E 199 -33.25 26.96 -11.18
CA ASP E 199 -33.59 27.26 -12.58
C ASP E 199 -33.80 28.75 -12.81
N GLY E 200 -33.04 29.58 -12.10
CA GLY E 200 -33.14 31.01 -12.24
C GLY E 200 -34.33 31.63 -11.54
N VAL E 201 -35.08 30.87 -10.75
CA VAL E 201 -36.25 31.36 -10.05
C VAL E 201 -36.02 31.16 -8.55
N VAL E 202 -36.17 32.24 -7.78
CA VAL E 202 -35.96 32.16 -6.33
C VAL E 202 -37.13 31.41 -5.69
N GLN E 203 -36.81 30.38 -4.92
CA GLN E 203 -37.81 29.59 -4.22
C GLN E 203 -37.68 29.84 -2.72
N GLN E 204 -38.82 30.10 -2.07
CA GLN E 204 -38.82 30.29 -0.63
C GLN E 204 -38.72 28.94 0.08
N LEU E 205 -37.90 28.89 1.12
CA LEU E 205 -37.67 27.65 1.87
C LEU E 205 -38.77 27.45 2.90
N PRO E 206 -39.41 26.30 2.94
CA PRO E 206 -40.50 26.07 3.89
C PRO E 206 -39.99 26.02 5.33
N GLU E 207 -40.90 26.30 6.26
CA GLU E 207 -40.57 26.25 7.67
C GLU E 207 -40.19 24.84 8.09
N THR E 208 -39.23 24.72 9.00
CA THR E 208 -38.72 23.42 9.40
C THR E 208 -38.15 23.50 10.81
N TYR E 209 -38.02 22.33 11.43
CA TYR E 209 -37.36 22.17 12.71
C TYR E 209 -35.92 21.74 12.49
N PHE E 210 -35.04 22.15 13.40
CA PHE E 210 -33.60 21.95 13.25
C PHE E 210 -33.09 21.04 14.35
N THR E 211 -32.32 20.03 13.96
CA THR E 211 -31.70 19.13 14.92
C THR E 211 -30.61 19.85 15.71
N GLN E 212 -30.55 19.58 17.01
CA GLN E 212 -29.56 20.22 17.86
C GLN E 212 -28.17 19.64 17.68
N SER E 213 -28.07 18.37 17.28
CA SER E 213 -26.79 17.70 17.02
C SER E 213 -25.89 17.71 18.25
N ARG E 214 -26.37 17.07 19.31
CA ARG E 214 -25.61 16.91 20.53
C ARG E 214 -24.89 15.56 20.53
N ASN E 215 -24.29 15.20 21.66
CA ASN E 215 -23.64 13.91 21.80
C ASN E 215 -23.78 13.45 23.25
N LEU E 216 -23.66 12.14 23.45
CA LEU E 216 -23.94 11.55 24.76
C LEU E 216 -22.96 12.04 25.81
N GLN E 217 -21.67 12.08 25.47
CA GLN E 217 -20.66 12.46 26.47
C GLN E 217 -20.82 13.90 26.90
N GLU E 218 -20.72 14.84 25.95
CA GLU E 218 -20.87 16.26 26.26
C GLU E 218 -22.31 16.69 26.00
N PHE E 219 -23.21 16.15 26.83
CA PHE E 219 -24.64 16.42 26.71
C PHE E 219 -25.04 17.45 27.74
N LYS E 220 -25.66 18.54 27.29
CA LYS E 220 -26.13 19.59 28.17
C LYS E 220 -27.54 19.99 27.71
N PRO E 221 -28.52 19.99 28.61
CA PRO E 221 -29.88 20.38 28.21
C PRO E 221 -29.92 21.86 27.80
N ARG E 222 -30.81 22.15 26.86
CA ARG E 222 -30.96 23.51 26.33
C ARG E 222 -32.35 24.09 26.58
N SER E 223 -33.14 23.45 27.44
CA SER E 223 -34.47 23.96 27.76
C SER E 223 -34.88 23.43 29.13
N GLN E 224 -35.91 24.06 29.70
CA GLN E 224 -36.40 23.63 31.00
C GLN E 224 -36.99 22.23 30.94
N MET E 225 -37.69 21.90 29.85
CA MET E 225 -38.29 20.58 29.72
C MET E 225 -37.23 19.48 29.71
N GLU E 226 -36.11 19.73 29.03
CA GLU E 226 -35.03 18.74 29.01
C GLU E 226 -34.45 18.53 30.40
N ILE E 227 -34.31 19.61 31.17
CA ILE E 227 -33.78 19.48 32.53
C ILE E 227 -34.70 18.63 33.39
N ASP E 228 -36.01 18.84 33.27
CA ASP E 228 -36.96 17.99 33.98
C ASP E 228 -36.86 16.54 33.53
N PHE E 229 -36.67 16.32 32.22
CA PHE E 229 -36.56 14.96 31.69
C PHE E 229 -35.34 14.25 32.27
N LEU E 230 -34.21 14.94 32.35
CA LEU E 230 -32.98 14.33 32.84
C LEU E 230 -32.97 14.13 34.36
N GLU E 231 -33.81 14.85 35.08
CA GLU E 231 -33.83 14.80 36.54
C GLU E 231 -35.03 14.05 37.10
N LEU E 232 -36.24 14.39 36.67
CA LEU E 232 -37.43 13.78 37.21
C LEU E 232 -37.58 12.33 36.72
N ALA E 233 -38.45 11.59 37.39
CA ALA E 233 -38.72 10.21 37.00
C ALA E 233 -39.58 10.18 35.73
N MET E 234 -39.70 8.98 35.16
CA MET E 234 -40.49 8.82 33.94
C MET E 234 -41.96 9.15 34.18
N ASP E 235 -42.53 8.63 35.27
CA ASP E 235 -43.94 8.89 35.57
C ASP E 235 -44.17 10.36 35.90
N GLU E 236 -43.26 10.96 36.67
CA GLU E 236 -43.42 12.36 37.07
C GLU E 236 -43.35 13.28 35.86
N PHE E 237 -42.41 13.02 34.94
CA PHE E 237 -42.26 13.88 33.77
C PHE E 237 -43.49 13.83 32.88
N ILE E 238 -44.06 12.64 32.68
CA ILE E 238 -45.24 12.51 31.84
C ILE E 238 -46.42 13.24 32.47
N GLU E 239 -46.60 13.11 33.78
CA GLU E 239 -47.73 13.74 34.45
C GLU E 239 -47.63 15.26 34.38
N ARG E 240 -46.43 15.81 34.58
CA ARG E 240 -46.27 17.26 34.62
C ARG E 240 -46.60 17.90 33.28
N TYR E 241 -46.14 17.31 32.18
CA TYR E 241 -46.34 17.85 30.85
C TYR E 241 -47.50 17.22 30.10
N LYS E 242 -48.25 16.33 30.76
CA LYS E 242 -49.44 15.70 30.18
C LYS E 242 -49.10 14.97 28.89
N LEU E 243 -48.23 13.97 29.02
CA LEU E 243 -47.82 13.15 27.89
C LEU E 243 -48.50 11.78 27.88
N GLU E 244 -49.58 11.63 28.65
CA GLU E 244 -50.29 10.35 28.69
C GLU E 244 -50.90 10.05 27.33
N GLY E 245 -50.90 8.77 26.97
CA GLY E 245 -51.40 8.34 25.67
C GLY E 245 -50.53 8.80 24.51
N TYR E 246 -49.21 8.76 24.67
CA TYR E 246 -48.30 9.09 23.57
C TYR E 246 -47.11 8.15 23.50
N ALA E 247 -47.11 7.05 24.25
CA ALA E 247 -46.04 6.05 24.24
C ALA E 247 -44.68 6.66 24.57
N PHE E 248 -44.68 7.72 25.38
CA PHE E 248 -43.42 8.37 25.74
C PHE E 248 -42.54 7.46 26.59
N GLU E 249 -43.11 6.43 27.21
CA GLU E 249 -42.31 5.50 28.00
C GLU E 249 -41.38 4.68 27.12
N ALA E 250 -41.82 4.33 25.91
CA ALA E 250 -41.03 3.51 25.01
C ALA E 250 -40.33 4.31 23.92
N ILE E 251 -40.98 5.37 23.41
CA ILE E 251 -40.42 6.12 22.29
C ILE E 251 -39.11 6.79 22.69
N VAL E 252 -39.08 7.42 23.86
CA VAL E 252 -37.94 8.23 24.29
C VAL E 252 -37.14 7.53 25.39
N TYR E 253 -37.81 7.07 26.44
CA TYR E 253 -37.09 6.40 27.52
C TYR E 253 -36.50 5.07 27.07
N GLY E 254 -37.23 4.31 26.28
CA GLY E 254 -36.78 3.02 25.82
C GLY E 254 -37.25 1.89 26.71
N ASP E 255 -37.20 0.67 26.17
CA ASP E 255 -37.65 -0.53 26.86
C ASP E 255 -36.49 -1.51 26.91
N PHE E 256 -35.76 -1.51 28.01
CA PHE E 256 -34.61 -2.42 28.20
C PHE E 256 -35.05 -3.66 28.99
N SER E 257 -36.01 -4.38 28.43
CA SER E 257 -36.57 -5.56 29.09
C SER E 257 -36.65 -6.79 28.22
N HIS E 258 -36.54 -6.67 26.89
CA HIS E 258 -36.64 -7.80 25.98
C HIS E 258 -35.29 -8.06 25.32
N SER E 259 -35.26 -9.09 24.48
CA SER E 259 -34.03 -9.42 23.76
C SER E 259 -33.62 -8.31 22.82
N GLN E 260 -34.58 -7.55 22.30
CA GLN E 260 -34.31 -6.43 21.43
C GLN E 260 -34.80 -5.14 22.08
N LEU E 261 -34.07 -4.06 21.83
CA LEU E 261 -34.43 -2.76 22.38
C LEU E 261 -35.75 -2.27 21.81
N GLY E 262 -36.55 -1.64 22.65
CA GLY E 262 -37.83 -1.11 22.22
C GLY E 262 -37.87 0.41 22.24
N GLY E 263 -38.00 1.02 21.07
CA GLY E 263 -38.09 2.46 20.98
C GLY E 263 -36.73 3.11 21.10
N LEU E 264 -36.63 4.14 21.95
CA LEU E 264 -35.39 4.88 22.17
C LEU E 264 -34.88 5.50 20.87
N HIS E 265 -35.68 6.42 20.33
CA HIS E 265 -35.40 7.04 19.05
C HIS E 265 -35.10 8.54 19.16
N LEU E 266 -34.81 9.03 20.37
CA LEU E 266 -34.42 10.41 20.58
C LEU E 266 -33.09 10.45 21.30
N LEU E 267 -32.18 11.31 20.83
CA LEU E 267 -30.85 11.38 21.42
C LEU E 267 -30.89 11.81 22.87
N ILE E 268 -31.91 12.58 23.26
CA ILE E 268 -32.05 12.96 24.66
C ILE E 268 -32.34 11.72 25.51
N GLY E 269 -33.12 10.78 24.99
CA GLY E 269 -33.37 9.55 25.71
C GLY E 269 -32.12 8.71 25.88
N LEU E 270 -31.25 8.72 24.88
CA LEU E 270 -29.98 8.02 24.99
C LEU E 270 -29.11 8.61 26.10
N ALA E 271 -29.09 9.93 26.22
CA ALA E 271 -28.26 10.57 27.22
C ALA E 271 -28.68 10.20 28.63
N LYS E 272 -30.00 10.17 28.88
CA LYS E 272 -30.47 9.81 30.22
C LYS E 272 -30.09 8.38 30.58
N ARG E 273 -30.23 7.45 29.63
CA ARG E 273 -29.84 6.08 29.87
C ARG E 273 -28.33 5.96 30.08
N PHE E 274 -27.55 6.75 29.33
CA PHE E 274 -26.09 6.66 29.42
C PHE E 274 -25.61 7.04 30.82
N LYS E 275 -26.20 8.09 31.40
CA LYS E 275 -25.80 8.49 32.75
C LYS E 275 -26.15 7.42 33.78
N GLU E 276 -27.25 6.70 33.58
CA GLU E 276 -27.60 5.62 34.48
C GLU E 276 -26.69 4.42 34.27
N SER E 277 -26.64 3.89 33.05
CA SER E 277 -25.80 2.75 32.73
C SER E 277 -25.08 3.01 31.40
N PRO E 278 -23.75 2.93 31.38
CA PRO E 278 -23.04 3.17 30.13
C PRO E 278 -23.28 2.07 29.10
N PHE E 279 -23.17 2.44 27.83
CA PHE E 279 -23.30 1.51 26.72
C PHE E 279 -22.54 2.07 25.54
N GLU E 280 -22.45 1.27 24.48
CA GLU E 280 -21.69 1.63 23.28
C GLU E 280 -22.63 1.79 22.10
N LEU E 281 -22.47 2.89 21.37
CA LEU E 281 -23.22 3.16 20.14
C LEU E 281 -22.27 2.94 18.97
N GLU E 282 -22.33 1.76 18.37
CA GLU E 282 -21.49 1.44 17.22
C GLU E 282 -22.16 1.97 15.97
N ASP E 283 -21.58 3.00 15.36
CA ASP E 283 -22.11 3.61 14.15
C ASP E 283 -21.41 2.97 12.95
N PHE E 284 -22.18 2.21 12.15
CA PHE E 284 -21.62 1.51 11.01
C PHE E 284 -21.55 2.39 9.75
N ILE E 285 -22.10 3.59 9.78
CA ILE E 285 -21.97 4.54 8.68
C ILE E 285 -21.46 5.85 9.24
N PRO E 286 -20.15 5.99 9.46
CA PRO E 286 -19.63 7.22 10.08
C PRO E 286 -19.74 8.43 9.17
N MET E 287 -20.97 8.89 8.95
CA MET E 287 -21.22 10.12 8.21
C MET E 287 -22.21 10.96 9.00
N ASP E 288 -22.46 12.17 8.52
CA ASP E 288 -23.32 13.12 9.20
C ASP E 288 -24.63 13.23 8.43
N SER E 289 -25.74 12.91 9.10
CA SER E 289 -27.05 12.94 8.47
C SER E 289 -28.09 13.26 9.53
N THR E 290 -29.27 13.68 9.06
CA THR E 290 -30.34 14.07 9.98
C THR E 290 -30.78 12.89 10.83
N VAL E 291 -30.94 11.72 10.23
CA VAL E 291 -31.35 10.51 10.93
C VAL E 291 -30.13 9.58 10.99
N LYS E 292 -29.75 9.20 12.21
CA LYS E 292 -28.59 8.35 12.42
C LYS E 292 -29.04 6.95 12.81
N ASN E 293 -28.36 5.94 12.27
CA ASN E 293 -28.59 4.55 12.62
C ASN E 293 -27.46 4.07 13.52
N TYR E 294 -27.81 3.48 14.65
CA TYR E 294 -26.84 3.03 15.63
C TYR E 294 -27.03 1.56 15.94
N PHE E 295 -25.92 0.87 16.18
CA PHE E 295 -25.93 -0.52 16.64
C PHE E 295 -25.78 -0.49 18.15
N ILE E 296 -26.89 -0.18 18.83
CA ILE E 296 -26.87 0.05 20.26
C ILE E 296 -26.84 -1.30 21.00
N THR E 297 -25.95 -1.41 21.98
CA THR E 297 -25.82 -2.60 22.81
C THR E 297 -25.75 -2.15 24.27
N ASP E 298 -26.83 -2.38 25.01
CA ASP E 298 -26.88 -2.00 26.42
C ASP E 298 -26.01 -2.96 27.23
N ALA E 299 -25.15 -2.39 28.07
CA ALA E 299 -24.17 -3.17 28.82
C ALA E 299 -24.71 -3.69 30.14
N GLN E 300 -25.88 -3.23 30.60
CA GLN E 300 -26.45 -3.70 31.85
C GLN E 300 -27.46 -4.82 31.63
N THR E 301 -28.51 -4.56 30.85
CA THR E 301 -29.56 -5.55 30.60
C THR E 301 -29.24 -6.47 29.43
N GLY E 302 -28.18 -6.20 28.68
CA GLY E 302 -27.85 -7.03 27.55
C GLY E 302 -28.76 -6.85 26.36
N SER E 303 -29.56 -5.80 26.34
CA SER E 303 -30.47 -5.55 25.24
C SER E 303 -29.73 -4.87 24.10
N SER E 304 -29.85 -5.43 22.89
CA SER E 304 -29.22 -4.89 21.70
C SER E 304 -30.23 -4.82 20.57
N LYS E 305 -30.09 -3.80 19.73
CA LYS E 305 -30.95 -3.60 18.58
C LYS E 305 -30.07 -3.41 17.34
N CYS E 306 -30.41 -4.13 16.26
CA CYS E 306 -29.60 -4.07 15.06
C CYS E 306 -29.56 -2.67 14.46
N VAL E 307 -30.75 -2.09 14.24
CA VAL E 307 -30.88 -0.75 13.68
C VAL E 307 -31.72 0.08 14.64
N CYS E 308 -31.18 1.23 15.05
CA CYS E 308 -31.88 2.13 15.96
C CYS E 308 -31.82 3.53 15.37
N SER E 309 -32.94 3.97 14.79
CA SER E 309 -33.00 5.29 14.16
C SER E 309 -33.03 6.35 15.25
N VAL E 310 -31.88 7.00 15.47
CA VAL E 310 -31.73 8.01 16.51
C VAL E 310 -31.67 9.37 15.84
N ILE E 311 -32.65 10.23 16.14
CA ILE E 311 -32.70 11.60 15.64
C ILE E 311 -32.70 12.54 16.82
N ASP E 312 -31.78 13.50 16.81
CA ASP E 312 -31.63 14.46 17.90
C ASP E 312 -32.53 15.66 17.63
N LEU E 313 -33.64 15.73 18.36
CA LEU E 313 -34.57 16.84 18.24
C LEU E 313 -34.78 17.49 19.60
N LEU E 314 -35.04 18.79 19.59
CA LEU E 314 -35.37 19.50 20.81
C LEU E 314 -36.64 18.89 21.42
N LEU E 315 -36.61 18.64 22.72
CA LEU E 315 -37.74 17.98 23.36
C LEU E 315 -39.01 18.83 23.27
N ASP E 316 -38.86 20.15 23.28
CA ASP E 316 -40.03 21.02 23.09
C ASP E 316 -40.64 20.83 21.71
N ASP E 317 -39.80 20.72 20.68
CA ASP E 317 -40.31 20.56 19.33
C ASP E 317 -40.92 19.17 19.13
N PHE E 318 -40.32 18.13 19.73
CA PHE E 318 -40.83 16.78 19.53
C PHE E 318 -42.23 16.63 20.10
N VAL E 319 -42.52 17.30 21.22
CA VAL E 319 -43.86 17.25 21.79
C VAL E 319 -44.88 17.85 20.82
N GLU E 320 -44.54 18.96 20.19
CA GLU E 320 -45.43 19.55 19.19
C GLU E 320 -45.59 18.62 17.99
N ILE E 321 -44.52 17.95 17.58
CA ILE E 321 -44.58 17.08 16.41
C ILE E 321 -45.48 15.87 16.68
N ILE E 322 -45.32 15.25 17.85
CA ILE E 322 -46.05 14.01 18.13
C ILE E 322 -47.55 14.29 18.25
N LYS E 323 -47.94 15.45 18.77
CA LYS E 323 -49.36 15.76 18.93
C LYS E 323 -50.04 16.10 17.61
N SER E 324 -49.28 16.47 16.58
CA SER E 324 -49.85 16.77 15.27
C SER E 324 -49.70 15.55 14.36
N GLN E 325 -50.56 14.57 14.58
CA GLN E 325 -50.51 13.31 13.84
C GLN E 325 -51.84 12.85 13.27
N ASP E 326 -52.97 13.25 13.86
CA ASP E 326 -54.30 12.84 13.40
C ASP E 326 -54.42 11.31 13.34
N LEU E 327 -54.32 10.71 14.53
CA LEU E 327 -54.36 9.25 14.64
C LEU E 327 -55.76 8.72 14.35
N SER E 328 -55.99 8.33 13.09
CA SER E 328 -57.27 7.78 12.68
C SER E 328 -57.17 6.52 11.84
N VAL E 329 -55.99 6.16 11.34
CA VAL E 329 -55.79 4.97 10.53
C VAL E 329 -54.80 4.06 11.23
N VAL E 330 -54.84 2.78 10.84
CA VAL E 330 -53.99 1.78 11.49
C VAL E 330 -52.52 2.05 11.20
N SER E 331 -52.18 2.27 9.93
CA SER E 331 -50.82 2.54 9.53
C SER E 331 -50.80 3.66 8.50
N LYS E 332 -49.79 4.53 8.62
CA LYS E 332 -49.66 5.66 7.70
C LYS E 332 -48.23 6.15 7.73
N VAL E 333 -47.74 6.57 6.57
CA VAL E 333 -46.42 7.17 6.43
C VAL E 333 -46.60 8.68 6.37
N VAL E 334 -45.93 9.39 7.27
CA VAL E 334 -46.10 10.84 7.42
C VAL E 334 -44.84 11.54 6.94
N LYS E 335 -45.01 12.51 6.05
CA LYS E 335 -43.91 13.30 5.52
C LYS E 335 -43.78 14.58 6.35
N VAL E 336 -42.67 14.73 7.05
CA VAL E 336 -42.42 15.87 7.92
C VAL E 336 -41.18 16.59 7.42
N THR E 337 -41.29 17.90 7.23
CA THR E 337 -40.17 18.70 6.77
C THR E 337 -39.26 18.98 7.96
N ILE E 338 -38.11 18.30 8.00
CA ILE E 338 -37.11 18.49 9.03
C ILE E 338 -35.79 18.78 8.36
N ASP E 339 -35.14 19.88 8.77
CA ASP E 339 -33.86 20.29 8.22
C ASP E 339 -33.93 20.45 6.70
N TYR E 340 -34.99 21.13 6.24
CA TYR E 340 -35.19 21.42 4.82
C TYR E 340 -35.30 20.17 3.96
N THR E 341 -35.78 19.06 4.53
CA THR E 341 -35.97 17.85 3.76
C THR E 341 -37.15 17.07 4.34
N GLU E 342 -37.69 16.18 3.51
CA GLU E 342 -38.81 15.34 3.93
C GLU E 342 -38.31 14.11 4.65
N ILE E 343 -38.91 13.80 5.79
CA ILE E 343 -38.59 12.62 6.58
C ILE E 343 -39.83 11.77 6.71
N SER E 344 -39.72 10.49 6.35
CA SER E 344 -40.84 9.57 6.39
C SER E 344 -40.88 8.89 7.75
N PHE E 345 -41.94 9.14 8.51
CA PHE E 345 -42.14 8.53 9.82
C PHE E 345 -43.12 7.37 9.69
N MET E 346 -42.69 6.19 10.11
CA MET E 346 -43.55 5.01 10.09
C MET E 346 -44.45 5.05 11.32
N LEU E 347 -45.76 5.21 11.10
CA LEU E 347 -46.73 5.33 12.18
C LEU E 347 -47.64 4.11 12.20
N TRP E 348 -47.73 3.48 13.36
CA TRP E 348 -48.65 2.36 13.60
C TRP E 348 -49.59 2.74 14.74
N CYS E 349 -50.89 2.64 14.49
CA CYS E 349 -51.90 3.02 15.47
C CYS E 349 -52.85 1.86 15.69
N LYS E 350 -52.98 1.43 16.94
CA LYS E 350 -54.00 0.46 17.33
C LYS E 350 -55.30 1.20 17.63
N ASP E 351 -56.42 0.50 17.45
CA ASP E 351 -57.72 1.12 17.70
C ASP E 351 -57.81 1.65 19.13
N GLY E 352 -57.86 2.96 19.29
CA GLY E 352 -57.97 3.56 20.61
C GLY E 352 -56.82 4.49 20.98
N HIS E 353 -55.61 4.18 20.53
CA HIS E 353 -54.43 4.94 20.92
C HIS E 353 -53.36 4.78 19.84
N VAL E 354 -52.13 5.15 20.18
CA VAL E 354 -50.99 5.03 19.29
C VAL E 354 -50.14 3.84 19.72
N GLU E 355 -49.70 3.04 18.75
CA GLU E 355 -48.88 1.87 19.06
C GLU E 355 -47.40 2.19 19.01
N THR E 356 -46.92 2.64 17.85
CA THR E 356 -45.50 2.96 17.69
C THR E 356 -45.36 4.00 16.58
N PHE E 357 -44.51 5.00 16.82
CA PHE E 357 -44.27 6.08 15.86
C PHE E 357 -42.76 6.29 15.77
N TYR E 358 -42.14 5.72 14.74
CA TYR E 358 -40.70 5.80 14.57
C TYR E 358 -40.35 6.18 13.14
N PRO E 359 -39.26 6.93 12.95
CA PRO E 359 -38.83 7.25 11.59
C PRO E 359 -38.21 6.04 10.91
N LYS E 360 -38.23 6.08 9.58
CA LYS E 360 -37.64 5.01 8.77
C LYS E 360 -36.22 5.35 8.36
CA LEU F 14 24.71 -12.91 19.14
C LEU F 14 23.93 -12.87 17.84
N GLU F 15 22.62 -13.11 17.93
CA GLU F 15 21.74 -13.12 16.77
C GLU F 15 20.94 -11.83 16.72
N MET F 16 20.92 -11.20 15.54
CA MET F 16 20.19 -9.95 15.31
C MET F 16 19.33 -10.16 14.07
N SER F 17 18.11 -10.66 14.27
CA SER F 17 17.21 -10.96 13.18
C SER F 17 15.79 -10.58 13.58
N LEU F 18 14.91 -10.48 12.58
CA LEU F 18 13.54 -10.05 12.84
C LEU F 18 12.79 -11.05 13.72
N GLU F 19 12.94 -12.34 13.42
CA GLU F 19 12.20 -13.35 14.18
C GLU F 19 12.70 -13.48 15.62
N ASN F 20 13.96 -13.16 15.88
CA ASN F 20 14.44 -13.15 17.25
C ASN F 20 13.92 -11.94 18.01
N VAL F 21 13.82 -10.79 17.33
CA VAL F 21 13.30 -9.59 17.98
C VAL F 21 11.85 -9.78 18.38
N ALA F 22 11.05 -10.39 17.51
CA ALA F 22 9.64 -10.63 17.83
C ALA F 22 9.46 -11.64 18.95
N PHE F 23 10.46 -12.49 19.21
CA PHE F 23 10.37 -13.42 20.32
C PHE F 23 10.44 -12.68 21.66
N ASN F 24 11.32 -11.68 21.74
CA ASN F 24 11.48 -10.94 23.00
C ASN F 24 10.25 -10.09 23.30
N VAL F 25 9.61 -9.54 22.26
CA VAL F 25 8.39 -8.76 22.47
C VAL F 25 7.30 -9.63 23.06
N VAL F 26 7.14 -10.85 22.53
CA VAL F 26 6.09 -11.75 23.02
C VAL F 26 6.35 -12.14 24.47
N ASN F 27 7.60 -12.45 24.80
CA ASN F 27 7.92 -12.97 26.12
C ASN F 27 8.33 -11.89 27.13
N LYS F 28 8.83 -10.74 26.68
CA LYS F 28 9.31 -9.73 27.61
C LYS F 28 8.90 -8.31 27.28
N GLY F 29 8.12 -8.08 26.24
CA GLY F 29 7.65 -6.75 25.91
C GLY F 29 8.69 -5.81 25.33
N HIS F 30 9.98 -6.11 25.51
CA HIS F 30 11.05 -5.29 24.96
C HIS F 30 12.25 -6.19 24.69
N PHE F 31 13.12 -5.73 23.81
CA PHE F 31 14.31 -6.51 23.44
C PHE F 31 15.25 -6.58 24.63
N ASP F 32 15.31 -7.74 25.28
CA ASP F 32 16.22 -7.95 26.39
C ASP F 32 17.54 -8.57 25.95
N GLY F 33 17.49 -9.48 24.97
CA GLY F 33 18.69 -10.13 24.49
C GLY F 33 18.61 -11.64 24.58
N GLN F 34 17.39 -12.17 24.70
CA GLN F 34 17.21 -13.62 24.81
C GLN F 34 17.37 -14.27 23.44
N GLN F 35 17.53 -15.60 23.46
CA GLN F 35 17.67 -16.39 22.26
C GLN F 35 16.38 -17.16 22.00
N GLY F 36 15.84 -17.01 20.80
CA GLY F 36 14.61 -17.68 20.44
C GLY F 36 14.03 -17.08 19.18
N GLU F 37 13.10 -17.83 18.58
CA GLU F 37 12.48 -17.41 17.33
C GLU F 37 11.00 -17.74 17.36
N VAL F 38 10.20 -16.85 16.78
CA VAL F 38 8.76 -17.08 16.62
C VAL F 38 8.34 -16.72 15.22
N PRO F 39 7.29 -17.36 14.72
CA PRO F 39 6.79 -17.02 13.38
C PRO F 39 6.38 -15.55 13.31
N VAL F 40 6.69 -14.92 12.18
CA VAL F 40 6.40 -13.51 11.95
C VAL F 40 5.82 -13.36 10.55
N SER F 41 4.72 -12.63 10.44
CA SER F 41 4.08 -12.33 9.15
C SER F 41 3.96 -10.83 9.02
N ILE F 42 4.49 -10.28 7.93
CA ILE F 42 4.47 -8.85 7.68
C ILE F 42 3.42 -8.57 6.63
N ILE F 43 2.33 -7.93 7.03
CA ILE F 43 1.25 -7.52 6.14
C ILE F 43 1.05 -6.03 6.30
N ASN F 44 1.04 -5.31 5.17
CA ASN F 44 0.93 -3.84 5.17
C ASN F 44 2.11 -3.31 5.98
N ASN F 45 1.89 -2.35 6.88
CA ASN F 45 2.93 -1.87 7.78
C ASN F 45 2.92 -2.59 9.12
N THR F 46 2.04 -3.58 9.30
CA THR F 46 1.88 -4.26 10.56
C THR F 46 2.79 -5.49 10.61
N VAL F 47 3.18 -5.88 11.82
CA VAL F 47 4.02 -7.04 12.06
C VAL F 47 3.23 -8.01 12.92
N TYR F 48 2.69 -9.06 12.32
CA TYR F 48 1.90 -10.05 13.03
C TYR F 48 2.77 -11.23 13.45
N THR F 49 2.27 -11.96 14.45
CA THR F 49 2.91 -13.19 14.91
C THR F 49 1.84 -14.26 15.08
N LYS F 50 2.27 -15.51 14.98
CA LYS F 50 1.37 -16.65 15.08
C LYS F 50 1.46 -17.21 16.51
N VAL F 51 0.39 -17.01 17.28
CA VAL F 51 0.27 -17.54 18.63
C VAL F 51 -0.97 -18.40 18.69
N ASP F 52 -0.80 -19.67 19.06
CA ASP F 52 -1.89 -20.64 19.14
C ASP F 52 -2.64 -20.75 17.81
N GLY F 53 -1.90 -20.70 16.71
CA GLY F 53 -2.46 -20.92 15.40
C GLY F 53 -3.21 -19.76 14.79
N VAL F 54 -3.22 -18.60 15.43
CA VAL F 54 -3.92 -17.42 14.92
C VAL F 54 -2.99 -16.23 14.98
N ASP F 55 -3.04 -15.40 13.94
CA ASP F 55 -2.16 -14.24 13.86
C ASP F 55 -2.57 -13.19 14.88
N VAL F 56 -1.59 -12.68 15.63
CA VAL F 56 -1.80 -11.64 16.63
C VAL F 56 -0.91 -10.46 16.26
N GLU F 57 -1.51 -9.28 16.17
CA GLU F 57 -0.75 -8.08 15.82
C GLU F 57 0.20 -7.71 16.96
N LEU F 58 1.44 -7.42 16.61
CA LEU F 58 2.43 -6.99 17.59
C LEU F 58 2.75 -5.50 17.50
N PHE F 59 2.75 -4.93 16.30
CA PHE F 59 3.15 -3.54 16.12
C PHE F 59 2.68 -3.01 14.78
N GLU F 60 2.14 -1.80 14.77
CA GLU F 60 1.74 -1.13 13.54
C GLU F 60 2.67 0.04 13.30
N ASN F 61 3.26 0.09 12.11
CA ASN F 61 4.29 1.07 11.80
C ASN F 61 3.64 2.43 11.50
N LYS F 62 3.88 3.40 12.37
CA LYS F 62 3.46 4.78 12.15
C LYS F 62 4.60 5.66 11.70
N THR F 63 5.77 5.10 11.40
CA THR F 63 6.94 5.87 11.03
C THR F 63 7.05 5.98 9.51
N THR F 64 8.12 6.62 9.05
CA THR F 64 8.42 6.70 7.62
C THR F 64 9.38 5.61 7.16
N LEU F 65 9.87 4.79 8.06
CA LEU F 65 10.86 3.75 7.91
C LEU F 65 10.22 2.47 7.38
N PRO F 66 11.02 1.54 6.85
CA PRO F 66 10.48 0.25 6.43
C PRO F 66 9.79 -0.47 7.59
N VAL F 67 8.94 -1.43 7.23
CA VAL F 67 8.08 -2.08 8.23
C VAL F 67 8.92 -2.81 9.27
N ASN F 68 9.90 -3.58 8.82
CA ASN F 68 10.72 -4.34 9.76
C ASN F 68 11.75 -3.48 10.47
N VAL F 69 12.19 -2.38 9.85
CA VAL F 69 13.16 -1.50 10.50
C VAL F 69 12.51 -0.77 11.67
N ALA F 70 11.31 -0.24 11.46
CA ALA F 70 10.61 0.46 12.54
C ALA F 70 10.29 -0.47 13.70
N PHE F 71 9.87 -1.69 13.39
CA PHE F 71 9.55 -2.65 14.45
C PHE F 71 10.77 -3.00 15.28
N GLU F 72 11.95 -3.09 14.65
CA GLU F 72 13.16 -3.39 15.41
C GLU F 72 13.56 -2.22 16.29
N LEU F 73 13.37 -0.98 15.81
CA LEU F 73 13.65 0.18 16.63
C LEU F 73 12.65 0.32 17.76
N TRP F 74 11.38 -0.02 17.50
CA TRP F 74 10.35 0.10 18.54
C TRP F 74 10.63 -0.86 19.68
N ALA F 75 11.05 -2.09 19.38
CA ALA F 75 11.34 -3.04 20.44
C ALA F 75 12.57 -2.64 21.24
N LYS F 76 13.56 -2.05 20.59
CA LYS F 76 14.80 -1.65 21.25
C LYS F 76 14.72 -0.25 21.84
N ARG F 77 13.52 0.25 22.08
CA ARG F 77 13.36 1.57 22.68
C ARG F 77 13.86 1.58 24.11
N ASN F 78 14.15 2.78 24.60
CA ASN F 78 14.65 2.95 25.96
C ASN F 78 13.46 3.06 26.90
N ILE F 79 13.34 2.11 27.84
CA ILE F 79 12.24 2.09 28.78
C ILE F 79 12.59 2.77 30.10
N LYS F 80 13.85 3.13 30.30
CA LYS F 80 14.22 3.88 31.49
C LYS F 80 13.72 5.31 31.38
N PRO F 81 13.61 6.02 32.51
CA PRO F 81 13.24 7.44 32.44
C PRO F 81 14.25 8.23 31.61
N VAL F 82 13.76 8.82 30.52
CA VAL F 82 14.62 9.53 29.59
C VAL F 82 14.11 10.96 29.45
N PRO F 83 14.98 11.89 29.07
CA PRO F 83 14.54 13.28 28.90
C PRO F 83 13.47 13.39 27.83
N GLU F 84 12.59 14.37 28.00
CA GLU F 84 11.55 14.63 27.02
C GLU F 84 12.18 15.03 25.69
N VAL F 85 11.50 14.68 24.59
CA VAL F 85 12.08 14.88 23.27
C VAL F 85 12.36 16.35 23.01
N LYS F 86 11.51 17.24 23.51
CA LYS F 86 11.73 18.67 23.27
C LYS F 86 13.02 19.16 23.91
N ILE F 87 13.43 18.57 25.03
CA ILE F 87 14.71 18.93 25.61
C ILE F 87 15.85 18.55 24.69
N LEU F 88 15.79 17.34 24.12
CA LEU F 88 16.86 16.86 23.25
C LEU F 88 16.95 17.69 21.98
N ASN F 89 15.82 18.01 21.37
CA ASN F 89 15.85 18.78 20.12
C ASN F 89 16.44 20.16 20.34
N ASN F 90 16.10 20.81 21.45
CA ASN F 90 16.65 22.13 21.73
C ASN F 90 18.13 22.07 22.05
N LEU F 91 18.58 20.99 22.70
CA LEU F 91 20.00 20.82 22.96
C LEU F 91 20.80 20.50 21.71
N GLY F 92 20.14 20.24 20.59
CA GLY F 92 20.84 19.93 19.36
C GLY F 92 21.22 18.48 19.18
N VAL F 93 20.61 17.58 19.96
CA VAL F 93 20.95 16.16 19.86
C VAL F 93 20.51 15.63 18.50
N ASP F 94 21.44 14.97 17.80
CA ASP F 94 21.18 14.42 16.48
C ASP F 94 21.08 12.91 16.45
N ILE F 95 21.68 12.21 17.41
CA ILE F 95 21.67 10.76 17.41
C ILE F 95 21.90 10.28 18.83
N ALA F 96 21.39 9.09 19.15
CA ALA F 96 21.49 8.51 20.48
C ALA F 96 22.47 7.35 20.45
N ALA F 97 23.36 7.30 21.43
CA ALA F 97 24.43 6.31 21.45
C ALA F 97 23.93 5.00 22.05
N ASN F 98 23.98 3.94 21.25
CA ASN F 98 23.67 2.58 21.69
C ASN F 98 22.25 2.42 22.24
N THR F 99 21.35 3.32 21.84
CA THR F 99 19.96 3.23 22.29
C THR F 99 19.09 4.02 21.33
N VAL F 100 17.78 3.78 21.43
CA VAL F 100 16.79 4.48 20.62
C VAL F 100 15.83 5.18 21.56
N ILE F 101 15.64 6.47 21.35
CA ILE F 101 14.72 7.28 22.15
C ILE F 101 13.44 7.43 21.36
N TRP F 102 12.37 6.78 21.82
CA TRP F 102 11.12 6.72 21.09
C TRP F 102 10.27 7.94 21.40
N ASP F 103 9.81 8.62 20.36
CA ASP F 103 8.97 9.82 20.51
C ASP F 103 7.51 9.38 20.42
N TYR F 104 6.86 9.24 21.58
CA TYR F 104 5.51 8.71 21.62
C TYR F 104 4.47 9.68 21.06
N LYS F 105 4.81 10.96 20.92
CA LYS F 105 3.85 11.91 20.37
C LYS F 105 3.50 11.59 18.92
N ARG F 106 4.50 11.22 18.12
CA ARG F 106 4.27 10.87 16.72
C ARG F 106 4.55 9.40 16.44
N ASP F 107 4.81 8.59 17.46
CA ASP F 107 5.02 7.15 17.32
C ASP F 107 6.15 6.85 16.33
N ALA F 108 7.20 7.64 16.38
CA ALA F 108 8.36 7.47 15.52
C ALA F 108 9.63 7.73 16.32
N PRO F 109 10.75 7.13 15.94
CA PRO F 109 12.01 7.40 16.64
C PRO F 109 12.35 8.88 16.59
N ALA F 110 12.87 9.39 17.71
CA ALA F 110 13.19 10.81 17.79
C ALA F 110 14.40 11.18 16.94
N HIS F 111 15.17 10.20 16.47
CA HIS F 111 16.35 10.45 15.68
C HIS F 111 16.34 9.54 14.45
N ILE F 112 16.70 10.10 13.30
CA ILE F 112 16.61 9.35 12.05
C ILE F 112 17.57 8.17 12.05
N SER F 113 18.80 8.38 12.51
CA SER F 113 19.83 7.36 12.53
C SER F 113 20.07 6.87 13.94
N THR F 114 20.75 5.74 14.05
CA THR F 114 21.10 5.12 15.33
C THR F 114 22.57 4.76 15.32
N ILE F 115 23.05 4.25 16.46
CA ILE F 115 24.43 3.81 16.61
C ILE F 115 24.40 2.43 17.25
N GLY F 116 24.75 1.40 16.48
CA GLY F 116 24.80 0.05 17.02
C GLY F 116 23.47 -0.48 17.51
N VAL F 117 22.40 -0.23 16.77
CA VAL F 117 21.07 -0.69 17.17
C VAL F 117 20.50 -1.62 16.10
N CYS F 118 20.28 -1.08 14.91
CA CYS F 118 19.73 -1.84 13.80
C CYS F 118 20.66 -1.69 12.60
N SER F 119 21.14 -2.81 12.06
CA SER F 119 22.11 -2.77 10.97
C SER F 119 21.57 -2.07 9.73
N MET F 120 20.25 -1.98 9.59
CA MET F 120 19.68 -1.30 8.44
C MET F 120 19.90 0.20 8.51
N THR F 121 19.87 0.79 9.70
CA THR F 121 20.01 2.23 9.86
C THR F 121 21.27 2.66 10.59
N ASP F 122 22.07 1.73 11.10
CA ASP F 122 23.29 2.09 11.81
C ASP F 122 24.25 2.84 10.88
N ILE F 123 24.78 3.96 11.38
CA ILE F 123 25.88 4.64 10.70
C ILE F 123 27.23 4.28 11.30
N ALA F 124 27.25 3.59 12.45
CA ALA F 124 28.45 3.11 13.10
C ALA F 124 28.04 2.10 14.15
N LYS F 125 29.03 1.39 14.69
CA LYS F 125 28.78 0.47 15.80
C LYS F 125 29.20 1.02 17.15
N LYS F 126 30.02 2.06 17.18
CA LYS F 126 30.41 2.75 18.39
C LYS F 126 30.33 4.25 18.15
N PRO F 127 30.06 5.04 19.18
CA PRO F 127 29.98 6.50 19.01
C PRO F 127 31.34 7.17 18.87
N THR F 128 32.43 6.42 18.89
CA THR F 128 33.77 6.99 18.80
C THR F 128 34.34 6.98 17.39
N GLU F 129 33.57 6.54 16.40
CA GLU F 129 34.08 6.49 15.03
C GLU F 129 34.14 7.89 14.43
N THR F 130 34.85 8.00 13.32
CA THR F 130 35.07 9.30 12.68
C THR F 130 33.78 9.85 12.08
N ILE F 131 32.87 8.98 11.63
CA ILE F 131 31.64 9.46 11.01
C ILE F 131 30.77 10.17 12.04
N CYS F 132 30.78 9.71 13.29
CA CYS F 132 29.94 10.30 14.33
C CYS F 132 30.55 11.54 14.97
N ALA F 133 31.78 11.91 14.58
CA ALA F 133 32.42 13.07 15.18
C ALA F 133 31.65 14.37 14.96
N PRO F 134 31.21 14.73 13.71
CA PRO F 134 30.46 15.98 13.52
C PRO F 134 28.97 15.84 13.81
N LEU F 135 28.64 15.19 14.93
CA LEU F 135 27.26 15.01 15.34
C LEU F 135 27.18 15.07 16.86
N THR F 136 26.15 15.71 17.38
CA THR F 136 25.90 15.75 18.81
C THR F 136 25.22 14.45 19.22
N VAL F 137 25.90 13.65 20.03
CA VAL F 137 25.43 12.33 20.41
C VAL F 137 24.95 12.38 21.85
N PHE F 138 23.76 11.83 22.09
CA PHE F 138 23.18 11.81 23.43
C PHE F 138 23.77 10.62 24.21
N PHE F 139 24.51 10.92 25.27
CA PHE F 139 25.14 9.90 26.09
C PHE F 139 24.37 9.75 27.39
N ASP F 140 24.01 8.51 27.72
CA ASP F 140 23.34 8.23 28.98
C ASP F 140 24.34 8.24 30.13
N GLY F 141 23.82 8.19 31.35
CA GLY F 141 24.68 8.17 32.51
C GLY F 141 24.47 6.95 33.38
N ARG F 142 23.32 6.30 33.21
CA ARG F 142 23.00 5.11 33.97
C ARG F 142 23.62 3.84 33.39
N VAL F 143 24.26 3.95 32.23
CA VAL F 143 24.94 2.82 31.60
C VAL F 143 26.43 2.99 31.80
N ASP F 144 27.09 1.96 32.31
CA ASP F 144 28.52 2.04 32.60
C ASP F 144 29.32 2.24 31.32
N GLY F 145 30.35 3.08 31.41
CA GLY F 145 31.21 3.36 30.29
C GLY F 145 30.76 4.50 29.40
N GLN F 146 29.52 4.97 29.55
CA GLN F 146 29.04 6.06 28.71
C GLN F 146 29.68 7.39 29.09
N VAL F 147 30.01 7.57 30.38
CA VAL F 147 30.64 8.80 30.81
C VAL F 147 32.01 8.95 30.18
N ASP F 148 32.78 7.86 30.12
CA ASP F 148 34.10 7.91 29.50
C ASP F 148 33.99 8.24 28.01
N LEU F 149 32.99 7.68 27.33
CA LEU F 149 32.81 7.98 25.92
C LEU F 149 32.48 9.44 25.69
N PHE F 150 31.75 10.05 26.62
CA PHE F 150 31.40 11.47 26.49
C PHE F 150 32.64 12.35 26.51
N ARG F 151 33.60 12.05 27.38
CA ARG F 151 34.81 12.86 27.45
C ARG F 151 35.60 12.79 26.16
N ASN F 152 35.72 11.61 25.57
CA ASN F 152 36.47 11.44 24.33
C ASN F 152 35.72 11.95 23.10
N ALA F 153 34.39 12.03 23.17
CA ALA F 153 33.62 12.48 22.02
C ALA F 153 33.81 13.96 21.78
N ARG F 154 33.76 14.35 20.50
CA ARG F 154 33.94 15.75 20.14
C ARG F 154 32.68 16.57 20.39
N ASN F 155 31.53 16.05 19.96
CA ASN F 155 30.25 16.68 20.21
C ASN F 155 29.33 15.67 20.89
N GLY F 156 28.75 16.06 22.01
CA GLY F 156 27.88 15.16 22.74
C GLY F 156 27.18 15.86 23.88
N VAL F 157 26.05 15.27 24.28
CA VAL F 157 25.28 15.74 25.43
C VAL F 157 25.14 14.57 26.40
N LEU F 158 25.44 14.83 27.67
CA LEU F 158 25.46 13.79 28.69
C LEU F 158 24.48 14.14 29.81
N ILE F 159 23.72 13.14 30.26
CA ILE F 159 22.82 13.27 31.40
C ILE F 159 23.30 12.31 32.48
N THR F 160 23.26 12.76 33.73
CA THR F 160 23.71 11.94 34.85
C THR F 160 22.81 12.21 36.04
N GLU F 161 22.34 11.13 36.68
CA GLU F 161 21.56 11.28 37.90
C GLU F 161 22.39 11.88 39.03
N GLY F 162 23.65 11.47 39.13
CA GLY F 162 24.56 11.98 40.14
C GLY F 162 25.39 13.13 39.63
N SER F 163 26.68 13.11 39.97
CA SER F 163 27.62 14.15 39.56
C SER F 163 28.83 13.52 38.90
N VAL F 164 29.45 14.27 37.99
CA VAL F 164 30.62 13.83 37.26
C VAL F 164 31.79 14.74 37.62
N LYS F 165 32.91 14.15 38.00
CA LYS F 165 34.06 14.93 38.43
C LYS F 165 34.64 15.72 37.26
N GLY F 166 35.03 16.97 37.54
CA GLY F 166 35.64 17.82 36.55
C GLY F 166 34.69 18.54 35.63
N LEU F 167 33.38 18.40 35.83
CA LEU F 167 32.38 19.04 34.99
C LEU F 167 31.36 19.76 35.87
N GLN F 168 30.88 20.89 35.38
CA GLN F 168 29.89 21.68 36.11
C GLN F 168 28.50 21.23 35.70
N PRO F 169 27.72 20.61 36.58
CA PRO F 169 26.40 20.12 36.17
C PRO F 169 25.40 21.25 36.01
N SER F 170 24.39 20.99 35.19
CA SER F 170 23.24 21.87 35.03
C SER F 170 21.99 21.09 35.40
N VAL F 171 21.23 21.59 36.37
CA VAL F 171 20.05 20.87 36.84
C VAL F 171 18.97 20.92 35.78
N GLY F 172 18.48 19.76 35.38
CA GLY F 172 17.47 19.67 34.34
C GLY F 172 16.07 19.76 34.90
N PRO F 173 15.08 19.49 34.05
CA PRO F 173 13.68 19.56 34.49
C PRO F 173 13.37 18.47 35.50
N LYS F 174 12.43 18.78 36.40
CA LYS F 174 12.04 17.82 37.41
C LYS F 174 11.35 16.61 36.79
N GLN F 175 10.50 16.82 35.79
CA GLN F 175 9.79 15.73 35.16
C GLN F 175 10.59 15.15 34.00
N ALA F 176 10.31 13.89 33.69
CA ALA F 176 10.98 13.21 32.59
C ALA F 176 10.03 12.18 31.99
N SER F 177 10.23 11.89 30.71
CA SER F 177 9.38 10.92 30.03
C SER F 177 9.66 9.51 30.51
N LEU F 178 8.62 8.69 30.55
CA LEU F 178 8.74 7.29 30.94
C LEU F 178 7.65 6.51 30.22
N ASN F 179 8.02 5.81 29.14
CA ASN F 179 7.07 5.07 28.31
C ASN F 179 5.95 5.97 27.81
N GLY F 180 6.30 7.20 27.45
CA GLY F 180 5.35 8.15 26.93
C GLY F 180 4.58 8.92 27.97
N VAL F 181 4.79 8.65 29.25
CA VAL F 181 4.08 9.31 30.34
C VAL F 181 5.04 10.26 31.03
N THR F 182 4.70 11.54 31.05
CA THR F 182 5.49 12.52 31.77
C THR F 182 5.14 12.48 33.25
N LEU F 183 6.16 12.47 34.10
CA LEU F 183 5.93 12.33 35.54
C LEU F 183 7.13 12.88 36.29
N ILE F 184 6.87 13.30 37.53
CA ILE F 184 7.92 13.67 38.47
C ILE F 184 8.19 12.44 39.32
N GLY F 185 9.28 11.74 39.02
CA GLY F 185 9.52 10.46 39.64
C GLY F 185 9.79 10.59 41.13
N GLU F 186 9.27 9.64 41.89
CA GLU F 186 9.52 9.53 43.32
C GLU F 186 10.35 8.30 43.67
N ALA F 187 9.92 7.11 43.24
CA ALA F 187 10.71 5.91 43.45
C ALA F 187 11.99 5.94 42.64
N VAL F 188 11.92 6.43 41.40
CA VAL F 188 13.07 6.55 40.52
C VAL F 188 13.33 8.02 40.28
N LYS F 189 14.60 8.43 40.42
CA LYS F 189 14.97 9.83 40.29
C LYS F 189 14.91 10.23 38.82
N THR F 190 14.01 11.16 38.50
CA THR F 190 13.82 11.64 37.14
C THR F 190 14.40 13.03 36.92
N GLN F 191 15.28 13.48 37.80
CA GLN F 191 15.94 14.77 37.68
C GLN F 191 17.40 14.53 37.33
N PHE F 192 17.79 14.89 36.12
CA PHE F 192 19.12 14.62 35.60
C PHE F 192 19.95 15.90 35.58
N ASN F 193 21.26 15.72 35.43
CA ASN F 193 22.20 16.81 35.26
C ASN F 193 22.73 16.77 33.83
N TYR F 194 22.54 17.86 33.10
CA TYR F 194 22.85 17.92 31.67
C TYR F 194 24.23 18.53 31.45
N TYR F 195 25.04 17.88 30.63
CA TYR F 195 26.35 18.37 30.24
C TYR F 195 26.40 18.46 28.71
N LYS F 196 26.84 19.59 28.19
CA LYS F 196 26.94 19.80 26.76
C LYS F 196 28.39 20.07 26.38
N LYS F 197 28.88 19.36 25.37
CA LYS F 197 30.25 19.50 24.88
C LYS F 197 30.20 19.76 23.39
N VAL F 198 30.77 20.88 22.95
CA VAL F 198 30.76 21.29 21.56
C VAL F 198 32.20 21.52 21.11
N ASP F 199 32.58 20.89 20.00
CA ASP F 199 33.91 21.05 19.42
C ASP F 199 35.02 20.70 20.41
N GLY F 200 34.78 19.73 21.29
CA GLY F 200 35.76 19.34 22.26
C GLY F 200 35.90 20.27 23.45
N VAL F 201 35.03 21.27 23.57
CA VAL F 201 35.09 22.22 24.67
C VAL F 201 33.77 22.15 25.43
N VAL F 202 33.85 21.96 26.73
CA VAL F 202 32.64 21.86 27.56
C VAL F 202 32.01 23.23 27.70
N GLN F 203 30.72 23.33 27.38
CA GLN F 203 29.97 24.56 27.48
C GLN F 203 28.95 24.44 28.60
N GLN F 204 28.91 25.44 29.47
CA GLN F 204 27.86 25.49 30.48
C GLN F 204 26.55 25.93 29.83
N LEU F 205 25.46 25.68 30.54
CA LEU F 205 24.18 26.09 29.98
C LEU F 205 23.57 27.21 30.80
N PRO F 206 22.91 28.17 30.16
CA PRO F 206 22.32 29.30 30.91
C PRO F 206 21.16 28.85 31.78
N GLU F 207 20.95 29.60 32.86
CA GLU F 207 19.80 29.34 33.72
C GLU F 207 18.51 29.51 32.94
N THR F 208 17.61 28.54 33.07
CA THR F 208 16.39 28.51 32.28
C THR F 208 15.22 28.09 33.15
N TYR F 209 14.02 28.55 32.76
CA TYR F 209 12.79 28.12 33.37
C TYR F 209 12.27 26.89 32.62
N PHE F 210 11.96 25.83 33.35
CA PHE F 210 11.59 24.56 32.74
C PHE F 210 10.08 24.45 32.65
N THR F 211 9.60 24.08 31.48
CA THR F 211 8.17 23.88 31.27
C THR F 211 7.69 22.64 32.02
N GLN F 212 6.51 22.74 32.63
CA GLN F 212 5.97 21.63 33.40
C GLN F 212 5.40 20.54 32.51
N SER F 213 4.95 20.89 31.30
CA SER F 213 4.43 19.93 30.32
C SER F 213 3.25 19.14 30.89
N ARG F 214 2.19 19.86 31.20
CA ARG F 214 0.95 19.27 31.68
C ARG F 214 -0.01 19.09 30.51
N ASN F 215 -1.26 18.72 30.81
CA ASN F 215 -2.29 18.59 29.79
C ASN F 215 -3.63 18.95 30.40
N LEU F 216 -4.58 19.33 29.54
CA LEU F 216 -5.85 19.85 30.02
C LEU F 216 -6.65 18.81 30.79
N GLN F 217 -6.70 17.58 30.29
CA GLN F 217 -7.51 16.55 30.93
C GLN F 217 -6.96 16.19 32.31
N GLU F 218 -5.72 15.72 32.36
CA GLU F 218 -5.09 15.36 33.63
C GLU F 218 -4.26 16.53 34.14
N PHE F 219 -4.98 17.59 34.51
CA PHE F 219 -4.36 18.83 34.98
C PHE F 219 -4.46 18.88 36.50
N LYS F 220 -3.31 19.03 37.17
CA LYS F 220 -3.25 19.14 38.61
C LYS F 220 -2.30 20.28 38.97
N PRO F 221 -2.73 21.24 39.78
CA PRO F 221 -1.83 22.33 40.17
C PRO F 221 -0.66 21.83 40.99
N ARG F 222 0.48 22.50 40.84
CA ARG F 222 1.71 22.13 41.52
C ARG F 222 2.22 23.23 42.45
N SER F 223 1.40 24.22 42.74
CA SER F 223 1.80 25.29 43.64
C SER F 223 0.54 25.94 44.22
N GLN F 224 0.73 26.69 45.31
CA GLN F 224 -0.39 27.37 45.95
C GLN F 224 -1.00 28.42 45.04
N MET F 225 -0.17 29.14 44.28
CA MET F 225 -0.68 30.17 43.40
C MET F 225 -1.58 29.58 42.32
N GLU F 226 -1.21 28.42 41.78
CA GLU F 226 -2.04 27.77 40.78
C GLU F 226 -3.39 27.36 41.35
N ILE F 227 -3.40 26.88 42.60
CA ILE F 227 -4.66 26.49 43.24
C ILE F 227 -5.58 27.69 43.38
N ASP F 228 -5.02 28.84 43.79
CA ASP F 228 -5.82 30.06 43.87
C ASP F 228 -6.33 30.48 42.50
N PHE F 229 -5.50 30.32 41.46
CA PHE F 229 -5.90 30.68 40.10
C PHE F 229 -7.09 29.83 39.64
N LEU F 230 -7.05 28.53 39.91
CA LEU F 230 -8.10 27.63 39.46
C LEU F 230 -9.38 27.76 40.28
N GLU F 231 -9.31 28.33 41.48
CA GLU F 231 -10.46 28.42 42.37
C GLU F 231 -11.01 29.84 42.48
N LEU F 232 -10.15 30.82 42.76
CA LEU F 232 -10.63 32.19 42.96
C LEU F 232 -11.03 32.82 41.63
N ALA F 233 -11.75 33.92 41.73
CA ALA F 233 -12.17 34.66 40.55
C ALA F 233 -10.99 35.42 39.94
N MET F 234 -11.21 35.94 38.73
CA MET F 234 -10.16 36.68 38.04
C MET F 234 -9.77 37.93 38.81
N ASP F 235 -10.76 38.70 39.25
CA ASP F 235 -10.46 39.93 39.99
C ASP F 235 -9.81 39.62 41.33
N GLU F 236 -10.30 38.60 42.04
CA GLU F 236 -9.74 38.27 43.34
C GLU F 236 -8.30 37.80 43.23
N PHE F 237 -7.99 36.98 42.23
CA PHE F 237 -6.63 36.47 42.07
C PHE F 237 -5.64 37.60 41.78
N ILE F 238 -6.03 38.55 40.92
CA ILE F 238 -5.16 39.67 40.60
C ILE F 238 -4.90 40.52 41.83
N GLU F 239 -5.95 40.79 42.61
CA GLU F 239 -5.79 41.65 43.78
C GLU F 239 -4.88 41.01 44.83
N ARG F 240 -5.03 39.70 45.05
CA ARG F 240 -4.27 39.03 46.10
C ARG F 240 -2.78 39.04 45.79
N TYR F 241 -2.40 38.77 44.54
CA TYR F 241 -1.00 38.69 44.16
C TYR F 241 -0.49 39.98 43.51
N LYS F 242 -1.31 41.03 43.47
CA LYS F 242 -0.92 42.34 42.95
C LYS F 242 -0.43 42.23 41.50
N LEU F 243 -1.33 41.78 40.63
CA LEU F 243 -1.06 41.64 39.21
C LEU F 243 -1.67 42.78 38.39
N GLU F 244 -2.05 43.87 39.03
CA GLU F 244 -2.63 44.99 38.30
C GLU F 244 -1.60 45.62 37.37
N GLY F 245 -2.07 46.06 36.21
CA GLY F 245 -1.17 46.61 35.20
C GLY F 245 -0.25 45.60 34.57
N TYR F 246 -0.75 44.39 34.31
CA TYR F 246 0.06 43.37 33.63
C TYR F 246 -0.75 42.59 32.60
N ALA F 247 -1.96 43.03 32.27
CA ALA F 247 -2.81 42.39 31.26
C ALA F 247 -3.07 40.93 31.57
N PHE F 248 -3.08 40.57 32.86
CA PHE F 248 -3.32 39.19 33.24
C PHE F 248 -4.73 38.73 32.90
N GLU F 249 -5.66 39.67 32.69
CA GLU F 249 -7.01 39.30 32.30
C GLU F 249 -7.06 38.68 30.91
N ALA F 250 -6.21 39.17 30.00
CA ALA F 250 -6.19 38.69 28.62
C ALA F 250 -5.08 37.69 28.34
N ILE F 251 -3.90 37.89 28.96
CA ILE F 251 -2.75 37.04 28.66
C ILE F 251 -3.02 35.60 29.06
N VAL F 252 -3.57 35.40 30.26
CA VAL F 252 -3.73 34.07 30.84
C VAL F 252 -5.19 33.62 30.82
N TYR F 253 -6.10 34.46 31.32
CA TYR F 253 -7.51 34.09 31.34
C TYR F 253 -8.08 33.99 29.93
N GLY F 254 -7.71 34.92 29.06
CA GLY F 254 -8.23 34.95 27.71
C GLY F 254 -9.45 35.84 27.57
N ASP F 255 -9.74 36.20 26.32
CA ASP F 255 -10.86 37.09 26.00
C ASP F 255 -11.77 36.37 25.01
N PHE F 256 -12.82 35.73 25.53
CA PHE F 256 -13.79 35.01 24.71
C PHE F 256 -15.00 35.90 24.41
N SER F 257 -14.73 37.04 23.77
CA SER F 257 -15.77 38.01 23.47
C SER F 257 -15.79 38.49 22.03
N HIS F 258 -14.73 38.28 21.25
CA HIS F 258 -14.66 38.74 19.88
C HIS F 258 -14.66 37.56 18.92
N SER F 259 -14.61 37.86 17.62
CA SER F 259 -14.58 36.80 16.62
C SER F 259 -13.31 35.97 16.73
N GLN F 260 -12.22 36.56 17.20
CA GLN F 260 -10.97 35.87 17.40
C GLN F 260 -10.59 35.88 18.88
N LEU F 261 -9.97 34.80 19.32
CA LEU F 261 -9.54 34.69 20.71
C LEU F 261 -8.46 35.72 21.03
N GLY F 262 -8.55 36.28 22.24
CA GLY F 262 -7.56 37.25 22.67
C GLY F 262 -6.69 36.73 23.80
N GLY F 263 -5.40 36.59 23.53
CA GLY F 263 -4.48 36.14 24.57
C GLY F 263 -4.56 34.65 24.77
N LEU F 264 -4.63 34.23 26.03
CA LEU F 264 -4.71 32.81 26.41
C LEU F 264 -3.48 32.05 25.90
N HIS F 265 -2.31 32.43 26.43
CA HIS F 265 -1.03 31.89 26.00
C HIS F 265 -0.34 31.07 27.09
N LEU F 266 -1.06 30.69 28.14
CA LEU F 266 -0.52 29.83 29.19
C LEU F 266 -1.42 28.61 29.34
N LEU F 267 -0.79 27.43 29.43
CA LEU F 267 -1.55 26.19 29.51
C LEU F 267 -2.41 26.15 30.77
N ILE F 268 -2.00 26.84 31.84
CA ILE F 268 -2.83 26.89 33.04
C ILE F 268 -4.12 27.64 32.75
N GLY F 269 -4.06 28.70 31.93
CA GLY F 269 -5.26 29.41 31.55
C GLY F 269 -6.20 28.55 30.73
N LEU F 270 -5.66 27.68 29.87
CA LEU F 270 -6.49 26.77 29.11
C LEU F 270 -7.23 25.80 30.03
N ALA F 271 -6.56 25.31 31.07
CA ALA F 271 -7.18 24.34 31.96
C ALA F 271 -8.38 24.94 32.69
N LYS F 272 -8.24 26.18 33.16
CA LYS F 272 -9.35 26.83 33.87
C LYS F 272 -10.55 27.00 32.95
N ARG F 273 -10.32 27.41 31.71
CA ARG F 273 -11.42 27.56 30.75
C ARG F 273 -12.04 26.21 30.42
N PHE F 274 -11.21 25.17 30.32
CA PHE F 274 -11.72 23.85 29.95
C PHE F 274 -12.70 23.32 30.99
N LYS F 275 -12.39 23.52 32.28
CA LYS F 275 -13.30 23.06 33.33
C LYS F 275 -14.62 23.81 33.28
N GLU F 276 -14.59 25.10 32.91
CA GLU F 276 -15.83 25.86 32.78
C GLU F 276 -16.61 25.44 31.54
N SER F 277 -15.97 25.52 30.37
CA SER F 277 -16.61 25.14 29.11
C SER F 277 -15.62 24.31 28.29
N PRO F 278 -16.01 23.11 27.88
CA PRO F 278 -15.09 22.29 27.08
C PRO F 278 -14.87 22.88 25.69
N PHE F 279 -13.70 22.58 25.12
CA PHE F 279 -13.36 22.99 23.77
C PHE F 279 -12.32 22.02 23.23
N GLU F 280 -11.99 22.17 21.96
CA GLU F 280 -11.05 21.29 21.27
C GLU F 280 -9.80 22.05 20.88
N LEU F 281 -8.64 21.46 21.18
CA LEU F 281 -7.34 22.01 20.78
C LEU F 281 -6.82 21.15 19.64
N GLU F 282 -7.03 21.61 18.40
CA GLU F 282 -6.54 20.89 17.23
C GLU F 282 -5.09 21.27 17.00
N ASP F 283 -4.19 20.32 17.22
CA ASP F 283 -2.76 20.53 17.02
C ASP F 283 -2.39 20.07 15.62
N PHE F 284 -2.00 21.01 14.76
CA PHE F 284 -1.66 20.70 13.38
C PHE F 284 -0.22 20.25 13.20
N ILE F 285 0.60 20.33 14.24
CA ILE F 285 1.97 19.82 14.19
C ILE F 285 2.16 18.89 15.38
N PRO F 286 1.72 17.64 15.30
CA PRO F 286 1.82 16.74 16.46
C PRO F 286 3.25 16.36 16.79
N MET F 287 4.02 17.32 17.29
CA MET F 287 5.37 17.08 17.78
C MET F 287 5.51 17.73 19.15
N ASP F 288 6.65 17.50 19.80
CA ASP F 288 6.90 18.00 21.15
C ASP F 288 7.90 19.14 21.06
N SER F 289 7.49 20.31 21.53
CA SER F 289 8.33 21.50 21.48
C SER F 289 7.98 22.40 22.65
N THR F 290 8.90 23.32 22.97
CA THR F 290 8.69 24.22 24.10
C THR F 290 7.47 25.09 23.89
N VAL F 291 7.29 25.63 22.69
CA VAL F 291 6.16 26.49 22.36
C VAL F 291 5.26 25.71 21.42
N LYS F 292 4.00 25.53 21.81
CA LYS F 292 3.04 24.77 21.03
C LYS F 292 2.05 25.71 20.36
N ASN F 293 1.69 25.42 19.12
CA ASN F 293 0.69 26.16 18.39
C ASN F 293 -0.58 25.32 18.31
N TYR F 294 -1.71 25.92 18.69
CA TYR F 294 -2.98 25.21 18.74
C TYR F 294 -4.02 25.95 17.91
N PHE F 295 -4.90 25.16 17.28
CA PHE F 295 -6.05 25.71 16.55
C PHE F 295 -7.25 25.63 17.50
N ILE F 296 -7.30 26.58 18.43
CA ILE F 296 -8.28 26.54 19.51
C ILE F 296 -9.62 27.04 18.98
N THR F 297 -10.68 26.30 19.30
CA THR F 297 -12.05 26.64 18.93
C THR F 297 -12.93 26.49 20.16
N ASP F 298 -13.36 27.61 20.73
CA ASP F 298 -14.21 27.58 21.91
C ASP F 298 -15.62 27.15 21.52
N ALA F 299 -16.17 26.17 22.24
CA ALA F 299 -17.45 25.59 21.91
C ALA F 299 -18.64 26.34 22.50
N GLN F 300 -18.41 27.28 23.42
CA GLN F 300 -19.50 28.05 24.01
C GLN F 300 -19.70 29.38 23.31
N THR F 301 -18.68 30.23 23.28
CA THR F 301 -18.78 31.54 22.66
C THR F 301 -18.51 31.53 21.17
N GLY F 302 -18.05 30.40 20.63
CA GLY F 302 -17.74 30.35 19.20
C GLY F 302 -16.48 31.07 18.81
N SER F 303 -15.64 31.44 19.77
CA SER F 303 -14.40 32.15 19.49
C SER F 303 -13.32 31.16 19.06
N SER F 304 -12.69 31.43 17.94
CA SER F 304 -11.63 30.59 17.42
C SER F 304 -10.45 31.45 16.99
N LYS F 305 -9.24 30.91 17.17
CA LYS F 305 -8.01 31.58 16.81
C LYS F 305 -7.19 30.64 15.93
N CYS F 306 -6.68 31.17 14.82
CA CYS F 306 -5.93 30.33 13.88
C CYS F 306 -4.67 29.77 14.53
N VAL F 307 -3.85 30.65 15.11
CA VAL F 307 -2.60 30.26 15.76
C VAL F 307 -2.64 30.78 17.19
N CYS F 308 -2.43 29.89 18.15
CA CYS F 308 -2.44 30.25 19.57
C CYS F 308 -1.18 29.67 20.20
N SER F 309 -0.18 30.51 20.44
CA SER F 309 1.09 30.07 21.01
C SER F 309 0.86 29.75 22.49
N VAL F 310 0.78 28.47 22.82
CA VAL F 310 0.51 28.01 24.17
C VAL F 310 1.81 27.43 24.72
N ILE F 311 2.32 28.04 25.78
CA ILE F 311 3.52 27.57 26.48
C ILE F 311 3.15 27.28 27.92
N ASP F 312 3.48 26.08 28.38
CA ASP F 312 3.15 25.64 29.73
C ASP F 312 4.28 26.04 30.67
N LEU F 313 4.06 27.07 31.47
CA LEU F 313 5.04 27.54 32.44
C LEU F 313 4.41 27.55 33.83
N LEU F 314 5.25 27.32 34.83
CA LEU F 314 4.80 27.44 36.21
C LEU F 314 4.33 28.87 36.47
N LEU F 315 3.16 28.98 37.12
CA LEU F 315 2.59 30.30 37.32
C LEU F 315 3.47 31.17 38.20
N ASP F 316 4.20 30.57 39.14
CA ASP F 316 5.15 31.32 39.95
C ASP F 316 6.27 31.90 39.08
N ASP F 317 6.78 31.11 38.14
CA ASP F 317 7.86 31.58 37.29
C ASP F 317 7.38 32.64 36.30
N PHE F 318 6.16 32.47 35.77
CA PHE F 318 5.62 33.45 34.84
C PHE F 318 5.42 34.81 35.51
N VAL F 319 4.96 34.80 36.76
CA VAL F 319 4.83 36.04 37.51
C VAL F 319 6.20 36.70 37.68
N GLU F 320 7.23 35.90 37.99
CA GLU F 320 8.58 36.44 38.08
C GLU F 320 9.04 37.02 36.74
N ILE F 321 8.76 36.32 35.64
CA ILE F 321 9.17 36.80 34.33
C ILE F 321 8.39 38.06 33.97
N ILE F 322 7.09 38.08 34.20
CA ILE F 322 6.27 39.22 33.80
C ILE F 322 6.59 40.47 34.63
N LYS F 323 7.16 40.30 35.82
CA LYS F 323 7.55 41.44 36.66
C LYS F 323 9.00 41.85 36.44
N SER F 324 9.74 41.13 35.60
CA SER F 324 11.12 41.47 35.27
C SER F 324 11.23 41.85 33.79
N GLN F 325 10.22 42.55 33.28
CA GLN F 325 10.16 42.88 31.87
C GLN F 325 10.61 44.30 31.56
N ASP F 326 10.61 45.20 32.55
CA ASP F 326 11.08 46.58 32.40
C ASP F 326 10.29 47.30 31.30
N LEU F 327 9.00 47.45 31.56
CA LEU F 327 8.09 48.08 30.59
C LEU F 327 8.38 49.57 30.47
N SER F 328 9.21 49.94 29.49
CA SER F 328 9.55 51.33 29.25
C SER F 328 9.48 51.75 27.79
N VAL F 329 9.38 50.82 26.85
CA VAL F 329 9.30 51.13 25.43
C VAL F 329 7.99 50.58 24.88
N VAL F 330 7.58 51.14 23.73
CA VAL F 330 6.30 50.76 23.14
C VAL F 330 6.31 49.31 22.69
N SER F 331 7.36 48.92 21.96
CA SER F 331 7.48 47.55 21.46
C SER F 331 8.91 47.07 21.65
N LYS F 332 9.06 45.80 22.03
CA LYS F 332 10.39 45.23 22.25
C LYS F 332 10.28 43.72 22.15
N VAL F 333 11.31 43.10 21.58
CA VAL F 333 11.42 41.64 21.52
C VAL F 333 12.36 41.20 22.63
N VAL F 334 11.89 40.29 23.48
CA VAL F 334 12.61 39.87 24.68
C VAL F 334 13.07 38.43 24.48
N LYS F 335 14.36 38.20 24.69
CA LYS F 335 14.94 36.87 24.59
C LYS F 335 14.98 36.24 25.97
N VAL F 336 14.23 35.16 26.16
CA VAL F 336 14.12 34.48 27.44
C VAL F 336 14.61 33.05 27.26
N THR F 337 15.53 32.62 28.11
CA THR F 337 16.06 31.26 28.07
C THR F 337 15.04 30.32 28.70
N ILE F 338 14.34 29.55 27.87
CA ILE F 338 13.37 28.56 28.32
C ILE F 338 13.74 27.22 27.70
N ASP F 339 13.87 26.19 28.54
CA ASP F 339 14.22 24.85 28.09
C ASP F 339 15.53 24.86 27.29
N TYR F 340 16.54 25.54 27.83
CA TYR F 340 17.88 25.60 27.24
C TYR F 340 17.87 26.21 25.84
N THR F 341 16.93 27.10 25.55
CA THR F 341 16.89 27.76 24.26
C THR F 341 16.30 29.16 24.42
N GLU F 342 16.58 30.02 23.45
CA GLU F 342 16.07 31.38 23.46
C GLU F 342 14.68 31.41 22.85
N ILE F 343 13.76 32.10 23.53
CA ILE F 343 12.40 32.28 23.05
C ILE F 343 12.13 33.76 22.91
N SER F 344 11.68 34.17 21.73
CA SER F 344 11.41 35.58 21.45
C SER F 344 9.96 35.89 21.80
N PHE F 345 9.76 36.76 22.79
CA PHE F 345 8.44 37.19 23.22
C PHE F 345 8.14 38.56 22.62
N MET F 346 7.04 38.65 21.88
CA MET F 346 6.61 39.91 21.29
C MET F 346 5.88 40.72 22.35
N LEU F 347 6.47 41.85 22.75
CA LEU F 347 5.93 42.69 23.82
C LEU F 347 5.45 44.01 23.23
N TRP F 348 4.20 44.37 23.52
CA TRP F 348 3.64 45.65 23.16
C TRP F 348 3.18 46.36 24.43
N CYS F 349 3.64 47.60 24.61
CA CYS F 349 3.33 48.36 25.82
C CYS F 349 2.75 49.71 25.42
N LYS F 350 1.56 50.00 25.91
CA LYS F 350 0.96 51.32 25.78
C LYS F 350 1.47 52.21 26.91
N ASP F 351 1.48 53.52 26.66
CA ASP F 351 1.97 54.46 27.67
C ASP F 351 1.15 54.33 28.95
N GLY F 352 1.78 53.84 30.02
CA GLY F 352 1.11 53.70 31.29
C GLY F 352 1.04 52.28 31.83
N HIS F 353 0.92 51.30 30.94
CA HIS F 353 0.74 49.91 31.36
C HIS F 353 1.24 48.99 30.24
N VAL F 354 0.87 47.72 30.31
CA VAL F 354 1.22 46.73 29.32
C VAL F 354 0.00 46.43 28.46
N GLU F 355 0.20 46.35 27.15
CA GLU F 355 -0.90 46.08 26.22
C GLU F 355 -1.05 44.58 25.96
N THR F 356 0.00 43.96 25.41
CA THR F 356 -0.05 42.53 25.10
C THR F 356 1.37 41.99 25.11
N PHE F 357 1.53 40.81 25.71
CA PHE F 357 2.83 40.15 25.84
C PHE F 357 2.63 38.68 25.45
N TYR F 358 2.98 38.34 24.21
CA TYR F 358 2.80 36.99 23.71
C TYR F 358 4.04 36.51 22.99
N PRO F 359 4.35 35.22 23.07
CA PRO F 359 5.49 34.68 22.32
C PRO F 359 5.21 34.61 20.83
N LYS F 360 6.27 34.61 20.05
CA LYS F 360 6.17 34.51 18.60
C LYS F 360 6.32 33.06 18.14
#